data_5HMC
# 
_entry.id   5HMC 
# 
_audit_conform.dict_name       mmcif_pdbx.dic 
_audit_conform.dict_version    5.389 
_audit_conform.dict_location   http://mmcif.pdb.org/dictionaries/ascii/mmcif_pdbx.dic 
# 
loop_
_database_2.database_id 
_database_2.database_code 
_database_2.pdbx_database_accession 
_database_2.pdbx_DOI 
PDB   5HMC         pdb_00005hmc 10.2210/pdb5hmc/pdb 
WWPDB D_1000217234 ?            ?                   
# 
loop_
_pdbx_audit_revision_history.ordinal 
_pdbx_audit_revision_history.data_content_type 
_pdbx_audit_revision_history.major_revision 
_pdbx_audit_revision_history.minor_revision 
_pdbx_audit_revision_history.revision_date 
1 'Structure model' 1 0 2016-02-03 
2 'Structure model' 1 1 2016-02-17 
3 'Structure model' 1 2 2024-03-06 
4 'Structure model' 1 3 2024-04-03 
# 
_pdbx_audit_revision_details.ordinal             1 
_pdbx_audit_revision_details.revision_ordinal    1 
_pdbx_audit_revision_details.data_content_type   'Structure model' 
_pdbx_audit_revision_details.provider            repository 
_pdbx_audit_revision_details.type                'Initial release' 
_pdbx_audit_revision_details.description         ? 
_pdbx_audit_revision_details.details             ? 
# 
loop_
_pdbx_audit_revision_group.ordinal 
_pdbx_audit_revision_group.revision_ordinal 
_pdbx_audit_revision_group.data_content_type 
_pdbx_audit_revision_group.group 
1 2 'Structure model' 'Database references'    
2 3 'Structure model' 'Data collection'        
3 3 'Structure model' 'Database references'    
4 3 'Structure model' 'Derived calculations'   
5 4 'Structure model' 'Refinement description' 
# 
loop_
_pdbx_audit_revision_category.ordinal 
_pdbx_audit_revision_category.revision_ordinal 
_pdbx_audit_revision_category.data_content_type 
_pdbx_audit_revision_category.category 
1 3 'Structure model' chem_comp_atom                
2 3 'Structure model' chem_comp_bond                
3 3 'Structure model' citation                      
4 3 'Structure model' database_2                    
5 3 'Structure model' pdbx_struct_oper_list         
6 4 'Structure model' pdbx_initial_refinement_model 
# 
loop_
_pdbx_audit_revision_item.ordinal 
_pdbx_audit_revision_item.revision_ordinal 
_pdbx_audit_revision_item.data_content_type 
_pdbx_audit_revision_item.item 
1 3 'Structure model' '_citation.journal_id_CSD'                  
2 3 'Structure model' '_database_2.pdbx_DOI'                      
3 3 'Structure model' '_database_2.pdbx_database_accession'       
4 3 'Structure model' '_pdbx_struct_oper_list.symmetry_operation' 
# 
_pdbx_database_status.status_code                     REL 
_pdbx_database_status.status_code_sf                  REL 
_pdbx_database_status.status_code_mr                  ? 
_pdbx_database_status.entry_id                        5HMC 
_pdbx_database_status.recvd_initial_deposition_date   2016-01-15 
_pdbx_database_status.SG_entry                        N 
_pdbx_database_status.deposit_site                    RCSB 
_pdbx_database_status.process_site                    RCSB 
_pdbx_database_status.status_code_cs                  ? 
_pdbx_database_status.methods_development_category    ? 
_pdbx_database_status.pdb_format_compatible           Y 
_pdbx_database_status.status_code_nmr_data            ? 
# 
_pdbx_database_related.content_type   unspecified 
_pdbx_database_related.db_id          5HMB 
_pdbx_database_related.db_name        PDB 
_pdbx_database_related.details        . 
# 
loop_
_audit_author.name 
_audit_author.pdbx_ordinal 
'Zhang, Y.'    1 
'Erb, M.S.'    2 
'Ealick, S.E.' 3 
# 
_citation.abstract                  ? 
_citation.abstract_id_CAS           ? 
_citation.book_id_ISBN              ? 
_citation.book_publisher            ? 
_citation.book_publisher_city       ? 
_citation.book_title                ? 
_citation.coordinate_linkage        ? 
_citation.country                   US 
_citation.database_id_Medline       ? 
_citation.details                   ? 
_citation.id                        primary 
_citation.journal_abbrev            Biochemistry 
_citation.journal_id_ASTM           BICHAW 
_citation.journal_id_CSD            0033 
_citation.journal_id_ISSN           0006-2960 
_citation.journal_full              ? 
_citation.journal_issue             ? 
_citation.journal_volume            55 
_citation.language                  ? 
_citation.page_first                704 
_citation.page_last                 714 
_citation.title                     
;Polyketide Ring Expansion Mediated by a Thioesterase, Chain Elongation and Cyclization Domain, in Azinomycin Biosynthesis: Characterization of AziB and AziG.
;
_citation.year                      2016 
_citation.database_id_CSD           ? 
_citation.pdbx_database_id_DOI      10.1021/acs.biochem.5b01050 
_citation.pdbx_database_id_PubMed   26731610 
_citation.unpublished_flag          ? 
# 
loop_
_citation_author.citation_id 
_citation_author.name 
_citation_author.ordinal 
_citation_author.identifier_ORCID 
primary 'Mori, S.'        1  ? 
primary 'Simkhada, D.'    2  ? 
primary 'Zhang, H.'       3  ? 
primary 'Erb, M.S.'       4  ? 
primary 'Zhang, Y.'       5  ? 
primary 'Williams, H.'    6  ? 
primary 'Fedoseyenko, D.' 7  ? 
primary 'Russell, W.K.'   8  ? 
primary 'Kim, D.'         9  ? 
primary 'Fleer, N.'       10 ? 
primary 'Ealick, S.E.'    11 ? 
primary 'Watanabe, C.M.'  12 ? 
# 
loop_
_entity.id 
_entity.type 
_entity.src_method 
_entity.pdbx_description 
_entity.formula_weight 
_entity.pdbx_number_of_molecules 
_entity.pdbx_ec 
_entity.pdbx_mutation 
_entity.pdbx_fragment 
_entity.details 
1 polymer     man Azi13                                   15416.212 1  ? ? ? ? 
2 non-polymer syn '5-methylnaphthalene-1-carboxylic acid' 186.207   1  ? ? ? ? 
3 non-polymer nat 'SULFATE ION'                           96.063    2  ? ? ? ? 
4 water       nat water                                   18.015    30 ? ? ? ? 
# 
_entity_poly.entity_id                      1 
_entity_poly.type                           'polypeptide(L)' 
_entity_poly.nstd_linkage                   no 
_entity_poly.nstd_monomer                   no 
_entity_poly.pdbx_seq_one_letter_code       
;MTTTDKTDSRLGPYVEHLGLQFERIDPDRAVAYWSVRADLLQPHGILHGGVHCAVVESVASAAADRWLGDRGTVVGVSNS
TDFFAPATVADGRLTSTALPVHRGATQQVWSVETVDAAGRLVARGQVRLHNLRLEHHHHHH
;
_entity_poly.pdbx_seq_one_letter_code_can   
;MTTTDKTDSRLGPYVEHLGLQFERIDPDRAVAYWSVRADLLQPHGILHGGVHCAVVESVASAAADRWLGDRGTVVGVSNS
TDFFAPATVADGRLTSTALPVHRGATQQVWSVETVDAAGRLVARGQVRLHNLRLEHHHHHH
;
_entity_poly.pdbx_strand_id                 A 
_entity_poly.pdbx_target_identifier         ? 
# 
loop_
_pdbx_entity_nonpoly.entity_id 
_pdbx_entity_nonpoly.name 
_pdbx_entity_nonpoly.comp_id 
2 '5-methylnaphthalene-1-carboxylic acid' 5NE 
3 'SULFATE ION'                           SO4 
4 water                                   HOH 
# 
loop_
_entity_poly_seq.entity_id 
_entity_poly_seq.num 
_entity_poly_seq.mon_id 
_entity_poly_seq.hetero 
1 1   MET n 
1 2   THR n 
1 3   THR n 
1 4   THR n 
1 5   ASP n 
1 6   LYS n 
1 7   THR n 
1 8   ASP n 
1 9   SER n 
1 10  ARG n 
1 11  LEU n 
1 12  GLY n 
1 13  PRO n 
1 14  TYR n 
1 15  VAL n 
1 16  GLU n 
1 17  HIS n 
1 18  LEU n 
1 19  GLY n 
1 20  LEU n 
1 21  GLN n 
1 22  PHE n 
1 23  GLU n 
1 24  ARG n 
1 25  ILE n 
1 26  ASP n 
1 27  PRO n 
1 28  ASP n 
1 29  ARG n 
1 30  ALA n 
1 31  VAL n 
1 32  ALA n 
1 33  TYR n 
1 34  TRP n 
1 35  SER n 
1 36  VAL n 
1 37  ARG n 
1 38  ALA n 
1 39  ASP n 
1 40  LEU n 
1 41  LEU n 
1 42  GLN n 
1 43  PRO n 
1 44  HIS n 
1 45  GLY n 
1 46  ILE n 
1 47  LEU n 
1 48  HIS n 
1 49  GLY n 
1 50  GLY n 
1 51  VAL n 
1 52  HIS n 
1 53  CYS n 
1 54  ALA n 
1 55  VAL n 
1 56  VAL n 
1 57  GLU n 
1 58  SER n 
1 59  VAL n 
1 60  ALA n 
1 61  SER n 
1 62  ALA n 
1 63  ALA n 
1 64  ALA n 
1 65  ASP n 
1 66  ARG n 
1 67  TRP n 
1 68  LEU n 
1 69  GLY n 
1 70  ASP n 
1 71  ARG n 
1 72  GLY n 
1 73  THR n 
1 74  VAL n 
1 75  VAL n 
1 76  GLY n 
1 77  VAL n 
1 78  SER n 
1 79  ASN n 
1 80  SER n 
1 81  THR n 
1 82  ASP n 
1 83  PHE n 
1 84  PHE n 
1 85  ALA n 
1 86  PRO n 
1 87  ALA n 
1 88  THR n 
1 89  VAL n 
1 90  ALA n 
1 91  ASP n 
1 92  GLY n 
1 93  ARG n 
1 94  LEU n 
1 95  THR n 
1 96  SER n 
1 97  THR n 
1 98  ALA n 
1 99  LEU n 
1 100 PRO n 
1 101 VAL n 
1 102 HIS n 
1 103 ARG n 
1 104 GLY n 
1 105 ALA n 
1 106 THR n 
1 107 GLN n 
1 108 GLN n 
1 109 VAL n 
1 110 TRP n 
1 111 SER n 
1 112 VAL n 
1 113 GLU n 
1 114 THR n 
1 115 VAL n 
1 116 ASP n 
1 117 ALA n 
1 118 ALA n 
1 119 GLY n 
1 120 ARG n 
1 121 LEU n 
1 122 VAL n 
1 123 ALA n 
1 124 ARG n 
1 125 GLY n 
1 126 GLN n 
1 127 VAL n 
1 128 ARG n 
1 129 LEU n 
1 130 HIS n 
1 131 ASN n 
1 132 LEU n 
1 133 ARG n 
1 134 LEU n 
1 135 GLU n 
1 136 HIS n 
1 137 HIS n 
1 138 HIS n 
1 139 HIS n 
1 140 HIS n 
1 141 HIS n 
# 
_entity_src_gen.entity_id                          1 
_entity_src_gen.pdbx_src_id                        1 
_entity_src_gen.pdbx_alt_source_flag               sample 
_entity_src_gen.pdbx_seq_type                      'Biological sequence' 
_entity_src_gen.pdbx_beg_seq_num                   1 
_entity_src_gen.pdbx_end_seq_num                   141 
_entity_src_gen.gene_src_common_name               ? 
_entity_src_gen.gene_src_genus                     ? 
_entity_src_gen.pdbx_gene_src_gene                 azi13 
_entity_src_gen.gene_src_species                   ? 
_entity_src_gen.gene_src_strain                    ? 
_entity_src_gen.gene_src_tissue                    ? 
_entity_src_gen.gene_src_tissue_fraction           ? 
_entity_src_gen.gene_src_details                   ? 
_entity_src_gen.pdbx_gene_src_fragment             ? 
_entity_src_gen.pdbx_gene_src_scientific_name      'Streptomyces sahachiroi' 
_entity_src_gen.pdbx_gene_src_ncbi_taxonomy_id     285525 
_entity_src_gen.pdbx_gene_src_variant              ? 
_entity_src_gen.pdbx_gene_src_cell_line            ? 
_entity_src_gen.pdbx_gene_src_atcc                 ? 
_entity_src_gen.pdbx_gene_src_organ                ? 
_entity_src_gen.pdbx_gene_src_organelle            ? 
_entity_src_gen.pdbx_gene_src_cell                 ? 
_entity_src_gen.pdbx_gene_src_cellular_location    ? 
_entity_src_gen.host_org_common_name               ? 
_entity_src_gen.pdbx_host_org_scientific_name      'Escherichia coli' 
_entity_src_gen.pdbx_host_org_ncbi_taxonomy_id     469008 
_entity_src_gen.host_org_genus                     ? 
_entity_src_gen.pdbx_host_org_gene                 ? 
_entity_src_gen.pdbx_host_org_organ                ? 
_entity_src_gen.host_org_species                   ? 
_entity_src_gen.pdbx_host_org_tissue               ? 
_entity_src_gen.pdbx_host_org_tissue_fraction      ? 
_entity_src_gen.pdbx_host_org_strain               'BL21(DE3)' 
_entity_src_gen.pdbx_host_org_variant              ? 
_entity_src_gen.pdbx_host_org_cell_line            ? 
_entity_src_gen.pdbx_host_org_atcc                 ? 
_entity_src_gen.pdbx_host_org_culture_collection   ? 
_entity_src_gen.pdbx_host_org_cell                 ? 
_entity_src_gen.pdbx_host_org_organelle            ? 
_entity_src_gen.pdbx_host_org_cellular_location    ? 
_entity_src_gen.pdbx_host_org_vector_type          plasmid 
_entity_src_gen.pdbx_host_org_vector               ? 
_entity_src_gen.host_org_details                   ? 
_entity_src_gen.expression_system_id               ? 
_entity_src_gen.plasmid_name                       pET24 
_entity_src_gen.plasmid_details                    ? 
_entity_src_gen.pdbx_description                   ? 
# 
loop_
_chem_comp.id 
_chem_comp.type 
_chem_comp.mon_nstd_flag 
_chem_comp.name 
_chem_comp.pdbx_synonyms 
_chem_comp.formula 
_chem_comp.formula_weight 
5NE non-polymer         . '5-methylnaphthalene-1-carboxylic acid' ? 'C12 H10 O2'     186.207 
ALA 'L-peptide linking' y ALANINE                                 ? 'C3 H7 N O2'     89.093  
ARG 'L-peptide linking' y ARGININE                                ? 'C6 H15 N4 O2 1' 175.209 
ASN 'L-peptide linking' y ASPARAGINE                              ? 'C4 H8 N2 O3'    132.118 
ASP 'L-peptide linking' y 'ASPARTIC ACID'                         ? 'C4 H7 N O4'     133.103 
CYS 'L-peptide linking' y CYSTEINE                                ? 'C3 H7 N O2 S'   121.158 
GLN 'L-peptide linking' y GLUTAMINE                               ? 'C5 H10 N2 O3'   146.144 
GLU 'L-peptide linking' y 'GLUTAMIC ACID'                         ? 'C5 H9 N O4'     147.129 
GLY 'peptide linking'   y GLYCINE                                 ? 'C2 H5 N O2'     75.067  
HIS 'L-peptide linking' y HISTIDINE                               ? 'C6 H10 N3 O2 1' 156.162 
HOH non-polymer         . WATER                                   ? 'H2 O'           18.015  
ILE 'L-peptide linking' y ISOLEUCINE                              ? 'C6 H13 N O2'    131.173 
LEU 'L-peptide linking' y LEUCINE                                 ? 'C6 H13 N O2'    131.173 
LYS 'L-peptide linking' y LYSINE                                  ? 'C6 H15 N2 O2 1' 147.195 
MET 'L-peptide linking' y METHIONINE                              ? 'C5 H11 N O2 S'  149.211 
PHE 'L-peptide linking' y PHENYLALANINE                           ? 'C9 H11 N O2'    165.189 
PRO 'L-peptide linking' y PROLINE                                 ? 'C5 H9 N O2'     115.130 
SER 'L-peptide linking' y SERINE                                  ? 'C3 H7 N O3'     105.093 
SO4 non-polymer         . 'SULFATE ION'                           ? 'O4 S -2'        96.063  
THR 'L-peptide linking' y THREONINE                               ? 'C4 H9 N O3'     119.119 
TRP 'L-peptide linking' y TRYPTOPHAN                              ? 'C11 H12 N2 O2'  204.225 
TYR 'L-peptide linking' y TYROSINE                                ? 'C9 H11 N O3'    181.189 
VAL 'L-peptide linking' y VALINE                                  ? 'C5 H11 N O2'    117.146 
# 
loop_
_pdbx_poly_seq_scheme.asym_id 
_pdbx_poly_seq_scheme.entity_id 
_pdbx_poly_seq_scheme.seq_id 
_pdbx_poly_seq_scheme.mon_id 
_pdbx_poly_seq_scheme.ndb_seq_num 
_pdbx_poly_seq_scheme.pdb_seq_num 
_pdbx_poly_seq_scheme.auth_seq_num 
_pdbx_poly_seq_scheme.pdb_mon_id 
_pdbx_poly_seq_scheme.auth_mon_id 
_pdbx_poly_seq_scheme.pdb_strand_id 
_pdbx_poly_seq_scheme.pdb_ins_code 
_pdbx_poly_seq_scheme.hetero 
A 1 1   MET 1   1   ?   ?   ?   A . n 
A 1 2   THR 2   2   ?   ?   ?   A . n 
A 1 3   THR 3   3   ?   ?   ?   A . n 
A 1 4   THR 4   4   ?   ?   ?   A . n 
A 1 5   ASP 5   5   ?   ?   ?   A . n 
A 1 6   LYS 6   6   ?   ?   ?   A . n 
A 1 7   THR 7   7   ?   ?   ?   A . n 
A 1 8   ASP 8   8   ?   ?   ?   A . n 
A 1 9   SER 9   9   ?   ?   ?   A . n 
A 1 10  ARG 10  10  10  ARG ARG A . n 
A 1 11  LEU 11  11  11  LEU LEU A . n 
A 1 12  GLY 12  12  12  GLY GLY A . n 
A 1 13  PRO 13  13  13  PRO PRO A . n 
A 1 14  TYR 14  14  14  TYR TYR A . n 
A 1 15  VAL 15  15  15  VAL VAL A . n 
A 1 16  GLU 16  16  16  GLU GLU A . n 
A 1 17  HIS 17  17  17  HIS HIS A . n 
A 1 18  LEU 18  18  18  LEU LEU A . n 
A 1 19  GLY 19  19  19  GLY GLY A . n 
A 1 20  LEU 20  20  20  LEU LEU A . n 
A 1 21  GLN 21  21  21  GLN GLN A . n 
A 1 22  PHE 22  22  22  PHE PHE A . n 
A 1 23  GLU 23  23  23  GLU GLU A . n 
A 1 24  ARG 24  24  24  ARG ARG A . n 
A 1 25  ILE 25  25  25  ILE ILE A . n 
A 1 26  ASP 26  26  26  ASP ASP A . n 
A 1 27  PRO 27  27  27  PRO PRO A . n 
A 1 28  ASP 28  28  28  ASP ASP A . n 
A 1 29  ARG 29  29  29  ARG ARG A . n 
A 1 30  ALA 30  30  30  ALA ALA A . n 
A 1 31  VAL 31  31  31  VAL VAL A . n 
A 1 32  ALA 32  32  32  ALA ALA A . n 
A 1 33  TYR 33  33  33  TYR TYR A . n 
A 1 34  TRP 34  34  34  TRP TRP A . n 
A 1 35  SER 35  35  35  SER SER A . n 
A 1 36  VAL 36  36  36  VAL VAL A . n 
A 1 37  ARG 37  37  37  ARG ARG A . n 
A 1 38  ALA 38  38  38  ALA ALA A . n 
A 1 39  ASP 39  39  39  ASP ASP A . n 
A 1 40  LEU 40  40  40  LEU LEU A . n 
A 1 41  LEU 41  41  41  LEU LEU A . n 
A 1 42  GLN 42  42  42  GLN GLN A . n 
A 1 43  PRO 43  43  43  PRO PRO A . n 
A 1 44  HIS 44  44  44  HIS HIS A . n 
A 1 45  GLY 45  45  45  GLY GLY A . n 
A 1 46  ILE 46  46  46  ILE ILE A . n 
A 1 47  LEU 47  47  47  LEU LEU A . n 
A 1 48  HIS 48  48  48  HIS HIS A . n 
A 1 49  GLY 49  49  49  GLY GLY A . n 
A 1 50  GLY 50  50  50  GLY GLY A . n 
A 1 51  VAL 51  51  51  VAL VAL A . n 
A 1 52  HIS 52  52  52  HIS HIS A . n 
A 1 53  CYS 53  53  53  CYS CYS A . n 
A 1 54  ALA 54  54  54  ALA ALA A . n 
A 1 55  VAL 55  55  55  VAL VAL A . n 
A 1 56  VAL 56  56  56  VAL VAL A . n 
A 1 57  GLU 57  57  57  GLU GLU A . n 
A 1 58  SER 58  58  58  SER SER A . n 
A 1 59  VAL 59  59  59  VAL VAL A . n 
A 1 60  ALA 60  60  60  ALA ALA A . n 
A 1 61  SER 61  61  61  SER SER A . n 
A 1 62  ALA 62  62  62  ALA ALA A . n 
A 1 63  ALA 63  63  63  ALA ALA A . n 
A 1 64  ALA 64  64  64  ALA ALA A . n 
A 1 65  ASP 65  65  65  ASP ASP A . n 
A 1 66  ARG 66  66  66  ARG ARG A . n 
A 1 67  TRP 67  67  67  TRP TRP A . n 
A 1 68  LEU 68  68  68  LEU LEU A . n 
A 1 69  GLY 69  69  69  GLY GLY A . n 
A 1 70  ASP 70  70  70  ASP ASP A . n 
A 1 71  ARG 71  71  71  ARG ARG A . n 
A 1 72  GLY 72  72  72  GLY GLY A . n 
A 1 73  THR 73  73  73  THR THR A . n 
A 1 74  VAL 74  74  74  VAL VAL A . n 
A 1 75  VAL 75  75  75  VAL VAL A . n 
A 1 76  GLY 76  76  76  GLY GLY A . n 
A 1 77  VAL 77  77  77  VAL VAL A . n 
A 1 78  SER 78  78  78  SER SER A . n 
A 1 79  ASN 79  79  79  ASN ASN A . n 
A 1 80  SER 80  80  80  SER SER A . n 
A 1 81  THR 81  81  81  THR THR A . n 
A 1 82  ASP 82  82  82  ASP ASP A . n 
A 1 83  PHE 83  83  83  PHE PHE A . n 
A 1 84  PHE 84  84  84  PHE PHE A . n 
A 1 85  ALA 85  85  85  ALA ALA A . n 
A 1 86  PRO 86  86  86  PRO PRO A . n 
A 1 87  ALA 87  87  87  ALA ALA A . n 
A 1 88  THR 88  88  88  THR THR A . n 
A 1 89  VAL 89  89  89  VAL VAL A . n 
A 1 90  ALA 90  90  90  ALA ALA A . n 
A 1 91  ASP 91  91  91  ASP ASP A . n 
A 1 92  GLY 92  92  92  GLY GLY A . n 
A 1 93  ARG 93  93  93  ARG ARG A . n 
A 1 94  LEU 94  94  94  LEU LEU A . n 
A 1 95  THR 95  95  95  THR THR A . n 
A 1 96  SER 96  96  96  SER SER A . n 
A 1 97  THR 97  97  97  THR THR A . n 
A 1 98  ALA 98  98  98  ALA ALA A . n 
A 1 99  LEU 99  99  99  LEU LEU A . n 
A 1 100 PRO 100 100 100 PRO PRO A . n 
A 1 101 VAL 101 101 101 VAL VAL A . n 
A 1 102 HIS 102 102 102 HIS HIS A . n 
A 1 103 ARG 103 103 103 ARG ARG A . n 
A 1 104 GLY 104 104 104 GLY GLY A . n 
A 1 105 ALA 105 105 105 ALA ALA A . n 
A 1 106 THR 106 106 106 THR THR A . n 
A 1 107 GLN 107 107 107 GLN GLN A . n 
A 1 108 GLN 108 108 108 GLN GLN A . n 
A 1 109 VAL 109 109 109 VAL VAL A . n 
A 1 110 TRP 110 110 110 TRP TRP A . n 
A 1 111 SER 111 111 111 SER SER A . n 
A 1 112 VAL 112 112 112 VAL VAL A . n 
A 1 113 GLU 113 113 113 GLU GLU A . n 
A 1 114 THR 114 114 114 THR THR A . n 
A 1 115 VAL 115 115 115 VAL VAL A . n 
A 1 116 ASP 116 116 116 ASP ASP A . n 
A 1 117 ALA 117 117 117 ALA ALA A . n 
A 1 118 ALA 118 118 118 ALA ALA A . n 
A 1 119 GLY 119 119 119 GLY GLY A . n 
A 1 120 ARG 120 120 120 ARG ARG A . n 
A 1 121 LEU 121 121 121 LEU LEU A . n 
A 1 122 VAL 122 122 122 VAL VAL A . n 
A 1 123 ALA 123 123 123 ALA ALA A . n 
A 1 124 ARG 124 124 124 ARG ARG A . n 
A 1 125 GLY 125 125 125 GLY GLY A . n 
A 1 126 GLN 126 126 126 GLN GLN A . n 
A 1 127 VAL 127 127 127 VAL VAL A . n 
A 1 128 ARG 128 128 128 ARG ARG A . n 
A 1 129 LEU 129 129 129 LEU LEU A . n 
A 1 130 HIS 130 130 130 HIS HIS A . n 
A 1 131 ASN 131 131 131 ASN ASN A . n 
A 1 132 LEU 132 132 132 LEU LEU A . n 
A 1 133 ARG 133 133 133 ARG ARG A . n 
A 1 134 LEU 134 134 134 LEU LEU A . n 
A 1 135 GLU 135 135 ?   ?   ?   A . n 
A 1 136 HIS 136 136 ?   ?   ?   A . n 
A 1 137 HIS 137 137 ?   ?   ?   A . n 
A 1 138 HIS 138 138 ?   ?   ?   A . n 
A 1 139 HIS 139 139 ?   ?   ?   A . n 
A 1 140 HIS 140 140 ?   ?   ?   A . n 
A 1 141 HIS 141 141 ?   ?   ?   A . n 
# 
loop_
_pdbx_nonpoly_scheme.asym_id 
_pdbx_nonpoly_scheme.entity_id 
_pdbx_nonpoly_scheme.mon_id 
_pdbx_nonpoly_scheme.ndb_seq_num 
_pdbx_nonpoly_scheme.pdb_seq_num 
_pdbx_nonpoly_scheme.auth_seq_num 
_pdbx_nonpoly_scheme.pdb_mon_id 
_pdbx_nonpoly_scheme.auth_mon_id 
_pdbx_nonpoly_scheme.pdb_strand_id 
_pdbx_nonpoly_scheme.pdb_ins_code 
B 2 5NE 1  300 300 5NE 5NE A . 
C 3 SO4 1  301 301 SO4 SO4 A . 
D 3 SO4 1  302 302 SO4 SO4 A . 
E 4 HOH 1  401 16  HOH HOH A . 
E 4 HOH 2  402 10  HOH HOH A . 
E 4 HOH 3  403 19  HOH HOH A . 
E 4 HOH 4  404 2   HOH HOH A . 
E 4 HOH 5  405 1   HOH HOH A . 
E 4 HOH 6  406 20  HOH HOH A . 
E 4 HOH 7  407 18  HOH HOH A . 
E 4 HOH 8  408 29  HOH HOH A . 
E 4 HOH 9  409 12  HOH HOH A . 
E 4 HOH 10 410 30  HOH HOH A . 
E 4 HOH 11 411 7   HOH HOH A . 
E 4 HOH 12 412 6   HOH HOH A . 
E 4 HOH 13 413 9   HOH HOH A . 
E 4 HOH 14 414 8   HOH HOH A . 
E 4 HOH 15 415 5   HOH HOH A . 
E 4 HOH 16 416 4   HOH HOH A . 
E 4 HOH 17 417 15  HOH HOH A . 
E 4 HOH 18 418 22  HOH HOH A . 
E 4 HOH 19 419 3   HOH HOH A . 
E 4 HOH 20 420 13  HOH HOH A . 
E 4 HOH 21 421 17  HOH HOH A . 
E 4 HOH 22 422 11  HOH HOH A . 
E 4 HOH 23 423 28  HOH HOH A . 
E 4 HOH 24 424 27  HOH HOH A . 
E 4 HOH 25 425 24  HOH HOH A . 
E 4 HOH 26 426 26  HOH HOH A . 
E 4 HOH 27 427 21  HOH HOH A . 
E 4 HOH 28 428 25  HOH HOH A . 
E 4 HOH 29 429 23  HOH HOH A . 
E 4 HOH 30 430 14  HOH HOH A . 
# 
loop_
_pdbx_unobs_or_zero_occ_atoms.id 
_pdbx_unobs_or_zero_occ_atoms.PDB_model_num 
_pdbx_unobs_or_zero_occ_atoms.polymer_flag 
_pdbx_unobs_or_zero_occ_atoms.occupancy_flag 
_pdbx_unobs_or_zero_occ_atoms.auth_asym_id 
_pdbx_unobs_or_zero_occ_atoms.auth_comp_id 
_pdbx_unobs_or_zero_occ_atoms.auth_seq_id 
_pdbx_unobs_or_zero_occ_atoms.PDB_ins_code 
_pdbx_unobs_or_zero_occ_atoms.auth_atom_id 
_pdbx_unobs_or_zero_occ_atoms.label_alt_id 
_pdbx_unobs_or_zero_occ_atoms.label_asym_id 
_pdbx_unobs_or_zero_occ_atoms.label_comp_id 
_pdbx_unobs_or_zero_occ_atoms.label_seq_id 
_pdbx_unobs_or_zero_occ_atoms.label_atom_id 
1  1 Y 1 A ARG 10  ? CG  ? A ARG 10  CG  
2  1 Y 1 A ARG 10  ? CD  ? A ARG 10  CD  
3  1 Y 1 A ARG 10  ? NE  ? A ARG 10  NE  
4  1 Y 1 A ARG 10  ? CZ  ? A ARG 10  CZ  
5  1 Y 1 A ARG 10  ? NH1 ? A ARG 10  NH1 
6  1 Y 1 A ARG 10  ? NH2 ? A ARG 10  NH2 
7  1 Y 1 A TYR 14  ? OH  ? A TYR 14  OH  
8  1 Y 1 A GLU 16  ? CG  ? A GLU 16  CG  
9  1 Y 1 A GLU 16  ? CD  ? A GLU 16  CD  
10 1 Y 1 A GLU 16  ? OE1 ? A GLU 16  OE1 
11 1 Y 1 A GLU 16  ? OE2 ? A GLU 16  OE2 
12 1 Y 1 A ASP 70  ? CG  ? A ASP 70  CG  
13 1 Y 1 A ASP 70  ? OD1 ? A ASP 70  OD1 
14 1 Y 1 A ASP 70  ? OD2 ? A ASP 70  OD2 
15 1 Y 1 A ARG 71  ? CG  ? A ARG 71  CG  
16 1 Y 1 A ARG 71  ? CD  ? A ARG 71  CD  
17 1 Y 1 A ARG 71  ? NE  ? A ARG 71  NE  
18 1 Y 1 A ARG 71  ? CZ  ? A ARG 71  CZ  
19 1 Y 1 A ARG 71  ? NH1 ? A ARG 71  NH1 
20 1 Y 1 A ARG 71  ? NH2 ? A ARG 71  NH2 
21 1 Y 1 A LEU 134 ? CG  ? A LEU 134 CG  
22 1 Y 1 A LEU 134 ? CD1 ? A LEU 134 CD1 
23 1 Y 1 A LEU 134 ? CD2 ? A LEU 134 CD2 
# 
loop_
_software.citation_id 
_software.classification 
_software.compiler_name 
_software.compiler_version 
_software.contact_author 
_software.contact_author_email 
_software.date 
_software.description 
_software.dependencies 
_software.hardware 
_software.language 
_software.location 
_software.mods 
_software.name 
_software.os 
_software.os_version 
_software.type 
_software.version 
_software.pdbx_ordinal 
? 'data scaling'    ? ? ? ? ? ? ? ? ? ? ? Aimless     ? ? ? 0.1.27 1 
? refinement        ? ? ? ? ? ? ? ? ? ? ? PHENIX      ? ? ? .      2 
? 'data extraction' ? ? ? ? ? ? ? ? ? ? ? PDB_EXTRACT ? ? ? 3.15   3 
? phasing           ? ? ? ? ? ? ? ? ? ? ? MOLREP      ? ? ? .      4 
# 
_cell.angle_alpha                  90.000 
_cell.angle_alpha_esd              ? 
_cell.angle_beta                   90.000 
_cell.angle_beta_esd               ? 
_cell.angle_gamma                  90.000 
_cell.angle_gamma_esd              ? 
_cell.entry_id                     5HMC 
_cell.details                      ? 
_cell.formula_units_Z              ? 
_cell.length_a                     67.771 
_cell.length_a_esd                 ? 
_cell.length_b                     67.771 
_cell.length_b_esd                 ? 
_cell.length_c                     140.278 
_cell.length_c_esd                 ? 
_cell.volume                       ? 
_cell.volume_esd                   ? 
_cell.Z_PDB                        16 
_cell.reciprocal_angle_alpha       ? 
_cell.reciprocal_angle_beta        ? 
_cell.reciprocal_angle_gamma       ? 
_cell.reciprocal_angle_alpha_esd   ? 
_cell.reciprocal_angle_beta_esd    ? 
_cell.reciprocal_angle_gamma_esd   ? 
_cell.reciprocal_length_a          ? 
_cell.reciprocal_length_b          ? 
_cell.reciprocal_length_c          ? 
_cell.reciprocal_length_a_esd      ? 
_cell.reciprocal_length_b_esd      ? 
_cell.reciprocal_length_c_esd      ? 
_cell.pdbx_unique_axis             ? 
# 
_symmetry.entry_id                         5HMC 
_symmetry.cell_setting                     ? 
_symmetry.Int_Tables_number                98 
_symmetry.space_group_name_Hall            ? 
_symmetry.space_group_name_H-M             'I 41 2 2' 
_symmetry.pdbx_full_space_group_name_H-M   ? 
# 
_exptl.absorpt_coefficient_mu     ? 
_exptl.absorpt_correction_T_max   ? 
_exptl.absorpt_correction_T_min   ? 
_exptl.absorpt_correction_type    ? 
_exptl.absorpt_process_details    ? 
_exptl.entry_id                   5HMC 
_exptl.crystals_number            1 
_exptl.details                    ? 
_exptl.method                     'X-RAY DIFFRACTION' 
_exptl.method_details             ? 
# 
_exptl_crystal.colour                      ? 
_exptl_crystal.density_diffrn              ? 
_exptl_crystal.density_Matthews            2.61 
_exptl_crystal.density_method              ? 
_exptl_crystal.density_percent_sol         52.91 
_exptl_crystal.description                 ? 
_exptl_crystal.F_000                       ? 
_exptl_crystal.id                          1 
_exptl_crystal.preparation                 ? 
_exptl_crystal.size_max                    ? 
_exptl_crystal.size_mid                    ? 
_exptl_crystal.size_min                    ? 
_exptl_crystal.size_rad                    ? 
_exptl_crystal.colour_lustre               ? 
_exptl_crystal.colour_modifier             ? 
_exptl_crystal.colour_primary              ? 
_exptl_crystal.density_meas                ? 
_exptl_crystal.density_meas_esd            ? 
_exptl_crystal.density_meas_gt             ? 
_exptl_crystal.density_meas_lt             ? 
_exptl_crystal.density_meas_temp           ? 
_exptl_crystal.density_meas_temp_esd       ? 
_exptl_crystal.density_meas_temp_gt        ? 
_exptl_crystal.density_meas_temp_lt        ? 
_exptl_crystal.pdbx_crystal_image_url      ? 
_exptl_crystal.pdbx_crystal_image_format   ? 
_exptl_crystal.pdbx_mosaicity              ? 
_exptl_crystal.pdbx_mosaicity_esd          ? 
# 
_exptl_crystal_grow.apparatus       ? 
_exptl_crystal_grow.atmosphere      ? 
_exptl_crystal_grow.crystal_id      1 
_exptl_crystal_grow.details         ? 
_exptl_crystal_grow.method          'VAPOR DIFFUSION, HANGING DROP' 
_exptl_crystal_grow.method_ref      ? 
_exptl_crystal_grow.pH              6.0 
_exptl_crystal_grow.pressure        ? 
_exptl_crystal_grow.pressure_esd    ? 
_exptl_crystal_grow.seeding         ? 
_exptl_crystal_grow.seeding_ref     ? 
_exptl_crystal_grow.temp            298 
_exptl_crystal_grow.temp_details    ? 
_exptl_crystal_grow.temp_esd        ? 
_exptl_crystal_grow.time            ? 
_exptl_crystal_grow.pdbx_details    '1.25 M ammonium sulfate and 0.1 M cacodylate pH 6.0' 
_exptl_crystal_grow.pdbx_pH_range   ? 
# 
_diffrn.ambient_environment    ? 
_diffrn.ambient_temp           100 
_diffrn.ambient_temp_details   ? 
_diffrn.ambient_temp_esd       ? 
_diffrn.crystal_id             1 
_diffrn.crystal_support        ? 
_diffrn.crystal_treatment      ? 
_diffrn.details                ? 
_diffrn.id                     1 
_diffrn.ambient_pressure       ? 
_diffrn.ambient_pressure_esd   ? 
_diffrn.ambient_pressure_gt    ? 
_diffrn.ambient_pressure_lt    ? 
_diffrn.ambient_temp_gt        ? 
_diffrn.ambient_temp_lt        ? 
# 
_diffrn_detector.details                      ? 
_diffrn_detector.detector                     PIXEL 
_diffrn_detector.diffrn_id                    1 
_diffrn_detector.type                         'DECTRIS PILATUS 6M-F' 
_diffrn_detector.area_resol_mean              ? 
_diffrn_detector.dtime                        ? 
_diffrn_detector.pdbx_frames_total            ? 
_diffrn_detector.pdbx_collection_time_total   ? 
_diffrn_detector.pdbx_collection_date         2015-02-12 
# 
_diffrn_radiation.collimation                      ? 
_diffrn_radiation.diffrn_id                        1 
_diffrn_radiation.filter_edge                      ? 
_diffrn_radiation.inhomogeneity                    ? 
_diffrn_radiation.monochromator                    ? 
_diffrn_radiation.polarisn_norm                    ? 
_diffrn_radiation.polarisn_ratio                   ? 
_diffrn_radiation.probe                            ? 
_diffrn_radiation.type                             ? 
_diffrn_radiation.xray_symbol                      ? 
_diffrn_radiation.wavelength_id                    1 
_diffrn_radiation.pdbx_monochromatic_or_laue_m_l   M 
_diffrn_radiation.pdbx_wavelength_list             ? 
_diffrn_radiation.pdbx_wavelength                  ? 
_diffrn_radiation.pdbx_diffrn_protocol             'SINGLE WAVELENGTH' 
_diffrn_radiation.pdbx_analyzer                    ? 
_diffrn_radiation.pdbx_scattering_type             x-ray 
# 
_diffrn_radiation_wavelength.id           1 
_diffrn_radiation_wavelength.wavelength   0.9792 
_diffrn_radiation_wavelength.wt           1.0 
# 
_diffrn_source.current                     ? 
_diffrn_source.details                     ? 
_diffrn_source.diffrn_id                   1 
_diffrn_source.power                       ? 
_diffrn_source.size                        ? 
_diffrn_source.source                      SYNCHROTRON 
_diffrn_source.target                      ? 
_diffrn_source.type                        'APS BEAMLINE 24-ID-C' 
_diffrn_source.voltage                     ? 
_diffrn_source.take-off_angle              ? 
_diffrn_source.pdbx_wavelength_list        0.9792 
_diffrn_source.pdbx_wavelength             ? 
_diffrn_source.pdbx_synchrotron_beamline   24-ID-C 
_diffrn_source.pdbx_synchrotron_site       APS 
# 
_reflns.B_iso_Wilson_estimate            44.150 
_reflns.entry_id                         5HMC 
_reflns.data_reduction_details           ? 
_reflns.data_reduction_method            ? 
_reflns.d_resolution_high                1.950 
_reflns.d_resolution_low                 70.140 
_reflns.details                          ? 
_reflns.limit_h_max                      ? 
_reflns.limit_h_min                      ? 
_reflns.limit_k_max                      ? 
_reflns.limit_k_min                      ? 
_reflns.limit_l_max                      ? 
_reflns.limit_l_min                      ? 
_reflns.number_all                       ? 
_reflns.number_obs                       12265 
_reflns.observed_criterion               ? 
_reflns.observed_criterion_F_max         ? 
_reflns.observed_criterion_F_min         ? 
_reflns.observed_criterion_I_max         ? 
_reflns.observed_criterion_I_min         ? 
_reflns.observed_criterion_sigma_F       ? 
_reflns.observed_criterion_sigma_I       ? 
_reflns.percent_possible_obs             99.400 
_reflns.R_free_details                   ? 
_reflns.Rmerge_F_all                     ? 
_reflns.Rmerge_F_obs                     ? 
_reflns.Friedel_coverage                 ? 
_reflns.number_gt                        ? 
_reflns.threshold_expression             ? 
_reflns.pdbx_redundancy                  7.000 
_reflns.pdbx_Rmerge_I_obs                0.056 
_reflns.pdbx_Rmerge_I_all                ? 
_reflns.pdbx_Rsym_value                  ? 
_reflns.pdbx_netI_over_av_sigmaI         ? 
_reflns.pdbx_netI_over_sigmaI            20.900 
_reflns.pdbx_res_netI_over_av_sigmaI_2   ? 
_reflns.pdbx_res_netI_over_sigmaI_2      ? 
_reflns.pdbx_chi_squared                 ? 
_reflns.pdbx_scaling_rejects             ? 
_reflns.pdbx_d_res_high_opt              ? 
_reflns.pdbx_d_res_low_opt               ? 
_reflns.pdbx_d_res_opt_method            ? 
_reflns.phase_calculation_details        ? 
_reflns.pdbx_Rrim_I_all                  ? 
_reflns.pdbx_Rpim_I_all                  0.023 
_reflns.pdbx_d_opt                       ? 
_reflns.pdbx_number_measured_all         85401 
_reflns.pdbx_diffrn_id                   1 
_reflns.pdbx_ordinal                     1 
_reflns.pdbx_CC_half                     1.000 
_reflns.pdbx_R_split                     ? 
# 
loop_
_reflns_shell.d_res_high 
_reflns_shell.d_res_low 
_reflns_shell.meanI_over_sigI_all 
_reflns_shell.meanI_over_sigI_obs 
_reflns_shell.number_measured_all 
_reflns_shell.number_measured_obs 
_reflns_shell.number_possible 
_reflns_shell.number_unique_all 
_reflns_shell.number_unique_obs 
_reflns_shell.percent_possible_all 
_reflns_shell.percent_possible_obs 
_reflns_shell.Rmerge_F_all 
_reflns_shell.Rmerge_F_obs 
_reflns_shell.Rmerge_I_all 
_reflns_shell.Rmerge_I_obs 
_reflns_shell.meanI_over_sigI_gt 
_reflns_shell.meanI_over_uI_all 
_reflns_shell.meanI_over_uI_gt 
_reflns_shell.number_measured_gt 
_reflns_shell.number_unique_gt 
_reflns_shell.percent_possible_gt 
_reflns_shell.Rmerge_F_gt 
_reflns_shell.Rmerge_I_gt 
_reflns_shell.pdbx_redundancy 
_reflns_shell.pdbx_Rsym_value 
_reflns_shell.pdbx_chi_squared 
_reflns_shell.pdbx_netI_over_sigmaI_all 
_reflns_shell.pdbx_netI_over_sigmaI_obs 
_reflns_shell.pdbx_Rrim_I_all 
_reflns_shell.pdbx_Rpim_I_all 
_reflns_shell.pdbx_rejects 
_reflns_shell.pdbx_ordinal 
_reflns_shell.pdbx_diffrn_id 
_reflns_shell.pdbx_CC_half 
_reflns_shell.pdbx_R_split 
1.950 2.060  ? 1.300  ? ? ? ? ? 96.600 ? ? ? ? 1.116 ? ? ? ? ? ? ? ? 6.200 ? ? ? ? ? ? ? 1 1 ? ? 
6.170 70.140 ? 80.200 ? ? ? ? ? 99.300 ? ? ? ? 0.017 ? ? ? ? ? ? ? ? 6.200 ? ? ? ? ? ? ? 2 1 ? ? 
# 
_refine.aniso_B[1][1]                            ? 
_refine.aniso_B[1][2]                            ? 
_refine.aniso_B[1][3]                            ? 
_refine.aniso_B[2][2]                            ? 
_refine.aniso_B[2][3]                            ? 
_refine.aniso_B[3][3]                            ? 
_refine.B_iso_max                                94.360 
_refine.B_iso_mean                               48.3142 
_refine.B_iso_min                                32.810 
_refine.correlation_coeff_Fo_to_Fc               ? 
_refine.correlation_coeff_Fo_to_Fc_free          ? 
_refine.details                                  ? 
_refine.diff_density_max                         ? 
_refine.diff_density_max_esd                     ? 
_refine.diff_density_min                         ? 
_refine.diff_density_min_esd                     ? 
_refine.diff_density_rms                         ? 
_refine.diff_density_rms_esd                     ? 
_refine.entry_id                                 5HMC 
_refine.pdbx_refine_id                           'X-RAY DIFFRACTION' 
_refine.ls_abs_structure_details                 ? 
_refine.ls_abs_structure_Flack                   ? 
_refine.ls_abs_structure_Flack_esd               ? 
_refine.ls_abs_structure_Rogers                  ? 
_refine.ls_abs_structure_Rogers_esd              ? 
_refine.ls_d_res_high                            2.2000 
_refine.ls_d_res_low                             61.0230 
_refine.ls_extinction_coef                       ? 
_refine.ls_extinction_coef_esd                   ? 
_refine.ls_extinction_expression                 ? 
_refine.ls_extinction_method                     ? 
_refine.ls_goodness_of_fit_all                   ? 
_refine.ls_goodness_of_fit_all_esd               ? 
_refine.ls_goodness_of_fit_obs                   ? 
_refine.ls_goodness_of_fit_obs_esd               ? 
_refine.ls_hydrogen_treatment                    ? 
_refine.ls_matrix_type                           ? 
_refine.ls_number_constraints                    ? 
_refine.ls_number_parameters                     ? 
_refine.ls_number_reflns_all                     ? 
_refine.ls_number_reflns_obs                     8634 
_refine.ls_number_reflns_R_free                  418 
_refine.ls_number_reflns_R_work                  ? 
_refine.ls_number_restraints                     ? 
_refine.ls_percent_reflns_obs                    99.5600 
_refine.ls_percent_reflns_R_free                 4.8400 
_refine.ls_R_factor_all                          ? 
_refine.ls_R_factor_obs                          0.1861 
_refine.ls_R_factor_R_free                       0.2192 
_refine.ls_R_factor_R_free_error                 ? 
_refine.ls_R_factor_R_free_error_details         ? 
_refine.ls_R_factor_R_work                       0.1844 
_refine.ls_R_Fsqd_factor_obs                     ? 
_refine.ls_R_I_factor_obs                        ? 
_refine.ls_redundancy_reflns_all                 ? 
_refine.ls_redundancy_reflns_obs                 ? 
_refine.ls_restrained_S_all                      ? 
_refine.ls_restrained_S_obs                      ? 
_refine.ls_shift_over_esd_max                    ? 
_refine.ls_shift_over_esd_mean                   ? 
_refine.ls_structure_factor_coef                 ? 
_refine.ls_weighting_details                     ? 
_refine.ls_weighting_scheme                      ? 
_refine.ls_wR_factor_all                         ? 
_refine.ls_wR_factor_obs                         ? 
_refine.ls_wR_factor_R_free                      ? 
_refine.ls_wR_factor_R_work                      ? 
_refine.occupancy_max                            ? 
_refine.occupancy_min                            ? 
_refine.solvent_model_details                    ? 
_refine.solvent_model_param_bsol                 ? 
_refine.solvent_model_param_ksol                 ? 
_refine.ls_R_factor_gt                           ? 
_refine.ls_goodness_of_fit_gt                    ? 
_refine.ls_goodness_of_fit_ref                   ? 
_refine.ls_shift_over_su_max                     ? 
_refine.ls_shift_over_su_max_lt                  ? 
_refine.ls_shift_over_su_mean                    ? 
_refine.ls_shift_over_su_mean_lt                 ? 
_refine.pdbx_ls_sigma_I                          ? 
_refine.pdbx_ls_sigma_F                          1.380 
_refine.pdbx_ls_sigma_Fsqd                       ? 
_refine.pdbx_data_cutoff_high_absF               ? 
_refine.pdbx_data_cutoff_high_rms_absF           ? 
_refine.pdbx_data_cutoff_low_absF                ? 
_refine.pdbx_isotropic_thermal_model             ? 
_refine.pdbx_ls_cross_valid_method               'FREE R-VALUE' 
_refine.pdbx_method_to_determine_struct          'FOURIER SYNTHESIS' 
_refine.pdbx_starting_model                      D_1000217232 
_refine.pdbx_stereochemistry_target_values       ? 
_refine.pdbx_R_Free_selection_details            ? 
_refine.pdbx_stereochem_target_val_spec_case     ? 
_refine.pdbx_overall_ESU_R                       ? 
_refine.pdbx_overall_ESU_R_Free                  ? 
_refine.pdbx_solvent_vdw_probe_radii             1.1100 
_refine.pdbx_solvent_ion_probe_radii             ? 
_refine.pdbx_solvent_shrinkage_radii             0.9000 
_refine.pdbx_real_space_R                        ? 
_refine.pdbx_density_correlation                 ? 
_refine.pdbx_pd_number_of_powder_patterns        ? 
_refine.pdbx_pd_number_of_points                 ? 
_refine.pdbx_pd_meas_number_of_points            ? 
_refine.pdbx_pd_proc_ls_prof_R_factor            ? 
_refine.pdbx_pd_proc_ls_prof_wR_factor           ? 
_refine.pdbx_pd_Marquardt_correlation_coeff      ? 
_refine.pdbx_pd_Fsqrd_R_factor                   ? 
_refine.pdbx_pd_ls_matrix_band_width             ? 
_refine.pdbx_overall_phase_error                 26.9600 
_refine.pdbx_overall_SU_R_free_Cruickshank_DPI   ? 
_refine.pdbx_overall_SU_R_free_Blow_DPI          ? 
_refine.pdbx_overall_SU_R_Blow_DPI               ? 
_refine.pdbx_TLS_residual_ADP_flag               ? 
_refine.pdbx_diffrn_id                           1 
_refine.overall_SU_B                             ? 
_refine.overall_SU_ML                            0.2400 
_refine.overall_SU_R_Cruickshank_DPI             ? 
_refine.overall_SU_R_free                        ? 
_refine.overall_FOM_free_R_set                   ? 
_refine.overall_FOM_work_R_set                   ? 
_refine.pdbx_average_fsc_overall                 ? 
_refine.pdbx_average_fsc_work                    ? 
_refine.pdbx_average_fsc_free                    ? 
# 
_refine_hist.cycle_id                         final 
_refine_hist.pdbx_refine_id                   'X-RAY DIFRACTION' 
_refine_hist.d_res_high                       2.2000 
_refine_hist.d_res_low                        61.0230 
_refine_hist.pdbx_number_atoms_ligand         24 
_refine_hist.number_atoms_solvent             30 
_refine_hist.number_atoms_total               982 
_refine_hist.pdbx_number_residues_total       125 
_refine_hist.pdbx_B_iso_mean_ligand           54.03 
_refine_hist.pdbx_B_iso_mean_solvent          50.96 
_refine_hist.pdbx_number_atoms_protein        928 
_refine_hist.pdbx_number_atoms_nucleic_acid   0 
# 
loop_
_refine_ls_restr.pdbx_refine_id 
_refine_ls_restr.criterion 
_refine_ls_restr.dev_ideal 
_refine_ls_restr.dev_ideal_target 
_refine_ls_restr.number 
_refine_ls_restr.rejects 
_refine_ls_restr.type 
_refine_ls_restr.weight 
_refine_ls_restr.pdbx_restraint_function 
'X-RAY DIFFRACTION' ? 0.006  ? 979  ? f_bond_d           ? ? 
'X-RAY DIFFRACTION' ? 0.784  ? 1342 ? f_angle_d          ? ? 
'X-RAY DIFFRACTION' ? 0.053  ? 152  ? f_chiral_restr     ? ? 
'X-RAY DIFFRACTION' ? 0.006  ? 174  ? f_plane_restr      ? ? 
'X-RAY DIFFRACTION' ? 15.207 ? 552  ? f_dihedral_angle_d ? ? 
# 
loop_
_refine_ls_shell.pdbx_refine_id 
_refine_ls_shell.d_res_high 
_refine_ls_shell.d_res_low 
_refine_ls_shell.number_reflns_all 
_refine_ls_shell.number_reflns_obs 
_refine_ls_shell.number_reflns_R_free 
_refine_ls_shell.number_reflns_R_work 
_refine_ls_shell.percent_reflns_obs 
_refine_ls_shell.percent_reflns_R_free 
_refine_ls_shell.R_factor_all 
_refine_ls_shell.R_factor_obs 
_refine_ls_shell.R_factor_R_free 
_refine_ls_shell.R_factor_R_free_error 
_refine_ls_shell.R_factor_R_work 
_refine_ls_shell.redundancy_reflns_all 
_refine_ls_shell.redundancy_reflns_obs 
_refine_ls_shell.wR_factor_all 
_refine_ls_shell.wR_factor_obs 
_refine_ls_shell.wR_factor_R_free 
_refine_ls_shell.wR_factor_R_work 
_refine_ls_shell.pdbx_total_number_of_bins_used 
_refine_ls_shell.pdbx_phase_error 
_refine_ls_shell.pdbx_fsc_work 
_refine_ls_shell.pdbx_fsc_free 
'X-RAY DIFFRACTION' 2.2004 2.5188  2814 . 144 2670 99.0000  . . . 0.2729 . 0.2202 . . . . . . 3 . . . 
'X-RAY DIFFRACTION' 2.5188 3.1734  2830 . 129 2701 100.0000 . . . 0.2960 . 0.2195 . . . . . . 3 . . . 
'X-RAY DIFFRACTION' 3.1734 61.0461 2990 . 145 2845 100.0000 . . . 0.1892 . 0.1664 . . . . . . 3 . . . 
# 
_struct.entry_id                     5HMC 
_struct.title                        'Crystal structure of S. sahachiroi AziG complexed with 5-methyl naphthoic acid' 
_struct.pdbx_model_details           ? 
_struct.pdbx_formula_weight          ? 
_struct.pdbx_formula_weight_method   ? 
_struct.pdbx_model_type_details      ? 
_struct.pdbx_CASP_flag               ? 
# 
_struct_keywords.entry_id        5HMC 
_struct_keywords.text            'azinomycin biosynthesis, polyketide synthase, thioesterase, naphthoate, HYDROLASE' 
_struct_keywords.pdbx_keywords   HYDROLASE 
# 
loop_
_struct_asym.id 
_struct_asym.pdbx_blank_PDB_chainid_flag 
_struct_asym.pdbx_modified 
_struct_asym.entity_id 
_struct_asym.details 
A N N 1 ? 
B N N 2 ? 
C N N 3 ? 
D N N 3 ? 
E N N 4 ? 
# 
_struct_ref.id                         1 
_struct_ref.db_name                    UNP 
_struct_ref.db_code                    B4XYA6_STREG 
_struct_ref.pdbx_db_accession          B4XYA6 
_struct_ref.pdbx_db_isoform            ? 
_struct_ref.entity_id                  1 
_struct_ref.pdbx_seq_one_letter_code   
;MTTTDKTDSRLGPYVEHLGLQFERIDPDRAVAYWSVRADLLQPHGILHGGVHCAVVESVASAAADRWLGDRGTVVGVSNS
TDFFAPATVADGRLTSTALPVHRGATQQVWSVETVDAAGRLVARGQVRLHNLR
;
_struct_ref.pdbx_align_begin           1 
# 
_struct_ref_seq.align_id                      1 
_struct_ref_seq.ref_id                        1 
_struct_ref_seq.pdbx_PDB_id_code              5HMC 
_struct_ref_seq.pdbx_strand_id                A 
_struct_ref_seq.seq_align_beg                 1 
_struct_ref_seq.pdbx_seq_align_beg_ins_code   ? 
_struct_ref_seq.seq_align_end                 133 
_struct_ref_seq.pdbx_seq_align_end_ins_code   ? 
_struct_ref_seq.pdbx_db_accession             B4XYA6 
_struct_ref_seq.db_align_beg                  1 
_struct_ref_seq.pdbx_db_align_beg_ins_code    ? 
_struct_ref_seq.db_align_end                  133 
_struct_ref_seq.pdbx_db_align_end_ins_code    ? 
_struct_ref_seq.pdbx_auth_seq_align_beg       1 
_struct_ref_seq.pdbx_auth_seq_align_end       133 
# 
loop_
_struct_ref_seq_dif.align_id 
_struct_ref_seq_dif.pdbx_pdb_id_code 
_struct_ref_seq_dif.mon_id 
_struct_ref_seq_dif.pdbx_pdb_strand_id 
_struct_ref_seq_dif.seq_num 
_struct_ref_seq_dif.pdbx_pdb_ins_code 
_struct_ref_seq_dif.pdbx_seq_db_name 
_struct_ref_seq_dif.pdbx_seq_db_accession_code 
_struct_ref_seq_dif.db_mon_id 
_struct_ref_seq_dif.pdbx_seq_db_seq_num 
_struct_ref_seq_dif.details 
_struct_ref_seq_dif.pdbx_auth_seq_num 
_struct_ref_seq_dif.pdbx_ordinal 
1 5HMC LEU A 134 ? UNP B4XYA6 ? ? 'expression tag' 134 1 
1 5HMC GLU A 135 ? UNP B4XYA6 ? ? 'expression tag' 135 2 
1 5HMC HIS A 136 ? UNP B4XYA6 ? ? 'expression tag' 136 3 
1 5HMC HIS A 137 ? UNP B4XYA6 ? ? 'expression tag' 137 4 
1 5HMC HIS A 138 ? UNP B4XYA6 ? ? 'expression tag' 138 5 
1 5HMC HIS A 139 ? UNP B4XYA6 ? ? 'expression tag' 139 6 
1 5HMC HIS A 140 ? UNP B4XYA6 ? ? 'expression tag' 140 7 
1 5HMC HIS A 141 ? UNP B4XYA6 ? ? 'expression tag' 141 8 
# 
_pdbx_struct_assembly.id                   1 
_pdbx_struct_assembly.details              author_and_software_defined_assembly 
_pdbx_struct_assembly.method_details       PISA 
_pdbx_struct_assembly.oligomeric_details   tetrameric 
_pdbx_struct_assembly.oligomeric_count     4 
# 
loop_
_pdbx_struct_assembly_prop.biol_id 
_pdbx_struct_assembly_prop.type 
_pdbx_struct_assembly_prop.value 
_pdbx_struct_assembly_prop.details 
1 'ABSA (A^2)' 8960  ? 
1 MORE         -139  ? 
1 'SSA (A^2)'  18170 ? 
# 
_pdbx_struct_assembly_gen.assembly_id       1 
_pdbx_struct_assembly_gen.oper_expression   1,2,3,4 
_pdbx_struct_assembly_gen.asym_id_list      A,B,C,D,E 
# 
loop_
_pdbx_struct_oper_list.id 
_pdbx_struct_oper_list.type 
_pdbx_struct_oper_list.name 
_pdbx_struct_oper_list.symmetry_operation 
_pdbx_struct_oper_list.matrix[1][1] 
_pdbx_struct_oper_list.matrix[1][2] 
_pdbx_struct_oper_list.matrix[1][3] 
_pdbx_struct_oper_list.vector[1] 
_pdbx_struct_oper_list.matrix[2][1] 
_pdbx_struct_oper_list.matrix[2][2] 
_pdbx_struct_oper_list.matrix[2][3] 
_pdbx_struct_oper_list.vector[2] 
_pdbx_struct_oper_list.matrix[3][1] 
_pdbx_struct_oper_list.matrix[3][2] 
_pdbx_struct_oper_list.matrix[3][3] 
_pdbx_struct_oper_list.vector[3] 
1 'identity operation'         1_555  x,y,z       1.0000000000  0.0000000000  0.0000000000  0.0000000000   0.0000000000  1.0000000000  0.0000000000  0.0000000000   0.0000000000  0.0000000000  1.0000000000  0.0000000000  
2 'crystal symmetry operation' 8_555  -y,-x,-z    0.6446217133  -0.6880193840 0.3333049264  -7.3451189916  -0.6880193840 -0.7121704833 -0.1394364724 -11.0156973607 0.3333049264  -0.1394364724 -0.9324512299 13.5039374198 
3 'crystal symmetry operation' 10_645 -x+1,-y-1,z -0.8586013124 0.4536550198  0.2387486324  -29.3251450400 0.4536550198  0.4554793993  0.7659867100  3.2784211679   0.2387486324  0.7659867100  -0.5968780869 11.1383457042 
4 'crystal symmetry operation' 15_645 y+1,x-1,-z  -0.7860204009 0.2343643643  -0.5720535588 -24.7918960474 0.2343643643  -0.7433089160 -0.6265502376 5.2726844458   -0.5720535588 -0.6265502376 0.5293293169  -7.1133735225 
# 
loop_
_struct_conf.conf_type_id 
_struct_conf.id 
_struct_conf.pdbx_PDB_helix_id 
_struct_conf.beg_label_comp_id 
_struct_conf.beg_label_asym_id 
_struct_conf.beg_label_seq_id 
_struct_conf.pdbx_beg_PDB_ins_code 
_struct_conf.end_label_comp_id 
_struct_conf.end_label_asym_id 
_struct_conf.end_label_seq_id 
_struct_conf.pdbx_end_PDB_ins_code 
_struct_conf.beg_auth_comp_id 
_struct_conf.beg_auth_asym_id 
_struct_conf.beg_auth_seq_id 
_struct_conf.end_auth_comp_id 
_struct_conf.end_auth_asym_id 
_struct_conf.end_auth_seq_id 
_struct_conf.pdbx_PDB_helix_class 
_struct_conf.details 
_struct_conf.pdbx_PDB_helix_length 
HELX_P HELX_P1 AA1 GLY A 12 ? GLY A 19 ? GLY A 12 GLY A 19 1 ? 8  
HELX_P HELX_P2 AA2 ARG A 37 ? LEU A 41 ? ARG A 37 LEU A 41 5 ? 5  
HELX_P HELX_P3 AA3 HIS A 48 ? GLY A 69 ? HIS A 48 GLY A 69 1 ? 22 
HELX_P HELX_P4 AA4 THR A 88 ? ASP A 91 ? THR A 88 ASP A 91 5 ? 4  
# 
_struct_conf_type.id          HELX_P 
_struct_conf_type.criteria    ? 
_struct_conf_type.reference   ? 
# 
_struct_sheet.id               AA1 
_struct_sheet.type             ? 
_struct_sheet.number_strands   6 
_struct_sheet.details          ? 
# 
loop_
_struct_sheet_order.sheet_id 
_struct_sheet_order.range_id_1 
_struct_sheet_order.range_id_2 
_struct_sheet_order.offset 
_struct_sheet_order.sense 
AA1 1 2 ? anti-parallel 
AA1 2 3 ? anti-parallel 
AA1 3 4 ? anti-parallel 
AA1 4 5 ? anti-parallel 
AA1 5 6 ? anti-parallel 
# 
loop_
_struct_sheet_range.sheet_id 
_struct_sheet_range.id 
_struct_sheet_range.beg_label_comp_id 
_struct_sheet_range.beg_label_asym_id 
_struct_sheet_range.beg_label_seq_id 
_struct_sheet_range.pdbx_beg_PDB_ins_code 
_struct_sheet_range.end_label_comp_id 
_struct_sheet_range.end_label_asym_id 
_struct_sheet_range.end_label_seq_id 
_struct_sheet_range.pdbx_end_PDB_ins_code 
_struct_sheet_range.beg_auth_comp_id 
_struct_sheet_range.beg_auth_asym_id 
_struct_sheet_range.beg_auth_seq_id 
_struct_sheet_range.end_auth_comp_id 
_struct_sheet_range.end_auth_asym_id 
_struct_sheet_range.end_auth_seq_id 
AA1 1 GLN A 21  ? ASP A 26  ? GLN A 21  ASP A 26  
AA1 2 ARG A 29  ? SER A 35  ? ARG A 29  SER A 35  
AA1 3 ARG A 93  ? ARG A 103 ? ARG A 93  ARG A 103 
AA1 4 GLN A 107 ? VAL A 115 ? GLN A 107 VAL A 115 
AA1 5 LEU A 121 ? ARG A 133 ? LEU A 121 ARG A 133 
AA1 6 GLY A 72  ? PHE A 83  ? GLY A 72  PHE A 83  
# 
loop_
_pdbx_struct_sheet_hbond.sheet_id 
_pdbx_struct_sheet_hbond.range_id_1 
_pdbx_struct_sheet_hbond.range_id_2 
_pdbx_struct_sheet_hbond.range_1_label_atom_id 
_pdbx_struct_sheet_hbond.range_1_label_comp_id 
_pdbx_struct_sheet_hbond.range_1_label_asym_id 
_pdbx_struct_sheet_hbond.range_1_label_seq_id 
_pdbx_struct_sheet_hbond.range_1_PDB_ins_code 
_pdbx_struct_sheet_hbond.range_1_auth_atom_id 
_pdbx_struct_sheet_hbond.range_1_auth_comp_id 
_pdbx_struct_sheet_hbond.range_1_auth_asym_id 
_pdbx_struct_sheet_hbond.range_1_auth_seq_id 
_pdbx_struct_sheet_hbond.range_2_label_atom_id 
_pdbx_struct_sheet_hbond.range_2_label_comp_id 
_pdbx_struct_sheet_hbond.range_2_label_asym_id 
_pdbx_struct_sheet_hbond.range_2_label_seq_id 
_pdbx_struct_sheet_hbond.range_2_PDB_ins_code 
_pdbx_struct_sheet_hbond.range_2_auth_atom_id 
_pdbx_struct_sheet_hbond.range_2_auth_comp_id 
_pdbx_struct_sheet_hbond.range_2_auth_asym_id 
_pdbx_struct_sheet_hbond.range_2_auth_seq_id 
AA1 1 2 N ASP A 26  ? N ASP A 26  O ARG A 29  ? O ARG A 29  
AA1 2 3 N ALA A 32  ? N ALA A 32  O SER A 96  ? O SER A 96  
AA1 3 4 N LEU A 99  ? N LEU A 99  O SER A 111 ? O SER A 111 
AA1 4 5 N GLN A 108 ? N GLN A 108 O LEU A 129 ? O LEU A 129 
AA1 5 6 O LEU A 132 ? O LEU A 132 N THR A 73  ? N THR A 73  
# 
loop_
_struct_site.id 
_struct_site.pdbx_evidence_code 
_struct_site.pdbx_auth_asym_id 
_struct_site.pdbx_auth_comp_id 
_struct_site.pdbx_auth_seq_id 
_struct_site.pdbx_auth_ins_code 
_struct_site.pdbx_num_residues 
_struct_site.details 
AC1 Software A 5NE 300 ? 8 'binding site for residue 5NE A 300' 
AC2 Software A SO4 301 ? 4 'binding site for residue SO4 A 301' 
AC3 Software A SO4 302 ? 5 'binding site for residue SO4 A 302' 
# 
loop_
_struct_site_gen.id 
_struct_site_gen.site_id 
_struct_site_gen.pdbx_num_res 
_struct_site_gen.label_comp_id 
_struct_site_gen.label_asym_id 
_struct_site_gen.label_seq_id 
_struct_site_gen.pdbx_auth_ins_code 
_struct_site_gen.auth_comp_id 
_struct_site_gen.auth_asym_id 
_struct_site_gen.auth_seq_id 
_struct_site_gen.label_atom_id 
_struct_site_gen.label_alt_id 
_struct_site_gen.symmetry 
_struct_site_gen.details 
1  AC1 8 GLN A 42  ? GLN A 42  . ? 8_555 ? 
2  AC1 8 PRO A 43  ? PRO A 43  . ? 8_555 ? 
3  AC1 8 HIS A 44  ? HIS A 44  . ? 8_555 ? 
4  AC1 8 HIS A 48  ? HIS A 48  . ? 8_555 ? 
5  AC1 8 GLY A 49  ? GLY A 49  . ? 8_555 ? 
6  AC1 8 GLU A 57  ? GLU A 57  . ? 1_555 ? 
7  AC1 8 SER A 61  ? SER A 61  . ? 1_555 ? 
8  AC1 8 VAL A 74  ? VAL A 74  . ? 1_555 ? 
9  AC2 4 HIS A 102 ? HIS A 102 . ? 1_555 ? 
10 AC2 4 ARG A 103 ? ARG A 103 . ? 1_555 ? 
11 AC2 4 HOH E .   ? HOH A 406 . ? 1_555 ? 
12 AC2 4 HOH E .   ? HOH A 409 . ? 1_555 ? 
13 AC3 5 HIS A 102 ? HIS A 102 . ? 1_555 ? 
14 AC3 5 GLY A 104 ? GLY A 104 . ? 1_555 ? 
15 AC3 5 ALA A 105 ? ALA A 105 . ? 1_555 ? 
16 AC3 5 THR A 106 ? THR A 106 . ? 1_555 ? 
17 AC3 5 GLN A 107 ? GLN A 107 . ? 1_555 ? 
# 
_pdbx_validate_torsion.id              1 
_pdbx_validate_torsion.PDB_model_num   1 
_pdbx_validate_torsion.auth_comp_id    ARG 
_pdbx_validate_torsion.auth_asym_id    A 
_pdbx_validate_torsion.auth_seq_id     29 
_pdbx_validate_torsion.PDB_ins_code    ? 
_pdbx_validate_torsion.label_alt_id    ? 
_pdbx_validate_torsion.phi             -170.33 
_pdbx_validate_torsion.psi             141.24 
# 
loop_
_pdbx_struct_special_symmetry.id 
_pdbx_struct_special_symmetry.PDB_model_num 
_pdbx_struct_special_symmetry.auth_asym_id 
_pdbx_struct_special_symmetry.auth_comp_id 
_pdbx_struct_special_symmetry.auth_seq_id 
_pdbx_struct_special_symmetry.PDB_ins_code 
_pdbx_struct_special_symmetry.label_asym_id 
_pdbx_struct_special_symmetry.label_comp_id 
_pdbx_struct_special_symmetry.label_seq_id 
1 1 A HOH 417 ? E HOH . 
2 1 A HOH 425 ? E HOH . 
# 
loop_
_pdbx_unobs_or_zero_occ_residues.id 
_pdbx_unobs_or_zero_occ_residues.PDB_model_num 
_pdbx_unobs_or_zero_occ_residues.polymer_flag 
_pdbx_unobs_or_zero_occ_residues.occupancy_flag 
_pdbx_unobs_or_zero_occ_residues.auth_asym_id 
_pdbx_unobs_or_zero_occ_residues.auth_comp_id 
_pdbx_unobs_or_zero_occ_residues.auth_seq_id 
_pdbx_unobs_or_zero_occ_residues.PDB_ins_code 
_pdbx_unobs_or_zero_occ_residues.label_asym_id 
_pdbx_unobs_or_zero_occ_residues.label_comp_id 
_pdbx_unobs_or_zero_occ_residues.label_seq_id 
1  1 Y 1 A MET 1   ? A MET 1   
2  1 Y 1 A THR 2   ? A THR 2   
3  1 Y 1 A THR 3   ? A THR 3   
4  1 Y 1 A THR 4   ? A THR 4   
5  1 Y 1 A ASP 5   ? A ASP 5   
6  1 Y 1 A LYS 6   ? A LYS 6   
7  1 Y 1 A THR 7   ? A THR 7   
8  1 Y 1 A ASP 8   ? A ASP 8   
9  1 Y 1 A SER 9   ? A SER 9   
10 1 Y 1 A GLU 135 ? A GLU 135 
11 1 Y 1 A HIS 136 ? A HIS 136 
12 1 Y 1 A HIS 137 ? A HIS 137 
13 1 Y 1 A HIS 138 ? A HIS 138 
14 1 Y 1 A HIS 139 ? A HIS 139 
15 1 Y 1 A HIS 140 ? A HIS 140 
16 1 Y 1 A HIS 141 ? A HIS 141 
# 
loop_
_chem_comp_atom.comp_id 
_chem_comp_atom.atom_id 
_chem_comp_atom.type_symbol 
_chem_comp_atom.pdbx_aromatic_flag 
_chem_comp_atom.pdbx_stereo_config 
_chem_comp_atom.pdbx_ordinal 
5NE O1N  O N N 1   
5NE C1L  C N N 2   
5NE O1M  O N N 3   
5NE C1J  C Y N 4   
5NE C1E  C Y N 5   
5NE C1F  C Y N 6   
5NE C1A  C Y N 7   
5NE C1I  C Y N 8   
5NE C1H  C Y N 9   
5NE C1G  C Y N 10  
5NE C1D  C Y N 11  
5NE C1C  C Y N 12  
5NE C1O  C N N 13  
5NE C1B  C Y N 14  
5NE H1   H N N 15  
5NE H2   H N N 16  
5NE H3   H N N 17  
5NE H4   H N N 18  
5NE H5   H N N 19  
5NE H6   H N N 20  
5NE H7   H N N 21  
5NE H8   H N N 22  
5NE H9   H N N 23  
5NE H10  H N N 24  
ALA N    N N N 25  
ALA CA   C N S 26  
ALA C    C N N 27  
ALA O    O N N 28  
ALA CB   C N N 29  
ALA OXT  O N N 30  
ALA H    H N N 31  
ALA H2   H N N 32  
ALA HA   H N N 33  
ALA HB1  H N N 34  
ALA HB2  H N N 35  
ALA HB3  H N N 36  
ALA HXT  H N N 37  
ARG N    N N N 38  
ARG CA   C N S 39  
ARG C    C N N 40  
ARG O    O N N 41  
ARG CB   C N N 42  
ARG CG   C N N 43  
ARG CD   C N N 44  
ARG NE   N N N 45  
ARG CZ   C N N 46  
ARG NH1  N N N 47  
ARG NH2  N N N 48  
ARG OXT  O N N 49  
ARG H    H N N 50  
ARG H2   H N N 51  
ARG HA   H N N 52  
ARG HB2  H N N 53  
ARG HB3  H N N 54  
ARG HG2  H N N 55  
ARG HG3  H N N 56  
ARG HD2  H N N 57  
ARG HD3  H N N 58  
ARG HE   H N N 59  
ARG HH11 H N N 60  
ARG HH12 H N N 61  
ARG HH21 H N N 62  
ARG HH22 H N N 63  
ARG HXT  H N N 64  
ASN N    N N N 65  
ASN CA   C N S 66  
ASN C    C N N 67  
ASN O    O N N 68  
ASN CB   C N N 69  
ASN CG   C N N 70  
ASN OD1  O N N 71  
ASN ND2  N N N 72  
ASN OXT  O N N 73  
ASN H    H N N 74  
ASN H2   H N N 75  
ASN HA   H N N 76  
ASN HB2  H N N 77  
ASN HB3  H N N 78  
ASN HD21 H N N 79  
ASN HD22 H N N 80  
ASN HXT  H N N 81  
ASP N    N N N 82  
ASP CA   C N S 83  
ASP C    C N N 84  
ASP O    O N N 85  
ASP CB   C N N 86  
ASP CG   C N N 87  
ASP OD1  O N N 88  
ASP OD2  O N N 89  
ASP OXT  O N N 90  
ASP H    H N N 91  
ASP H2   H N N 92  
ASP HA   H N N 93  
ASP HB2  H N N 94  
ASP HB3  H N N 95  
ASP HD2  H N N 96  
ASP HXT  H N N 97  
CYS N    N N N 98  
CYS CA   C N R 99  
CYS C    C N N 100 
CYS O    O N N 101 
CYS CB   C N N 102 
CYS SG   S N N 103 
CYS OXT  O N N 104 
CYS H    H N N 105 
CYS H2   H N N 106 
CYS HA   H N N 107 
CYS HB2  H N N 108 
CYS HB3  H N N 109 
CYS HG   H N N 110 
CYS HXT  H N N 111 
GLN N    N N N 112 
GLN CA   C N S 113 
GLN C    C N N 114 
GLN O    O N N 115 
GLN CB   C N N 116 
GLN CG   C N N 117 
GLN CD   C N N 118 
GLN OE1  O N N 119 
GLN NE2  N N N 120 
GLN OXT  O N N 121 
GLN H    H N N 122 
GLN H2   H N N 123 
GLN HA   H N N 124 
GLN HB2  H N N 125 
GLN HB3  H N N 126 
GLN HG2  H N N 127 
GLN HG3  H N N 128 
GLN HE21 H N N 129 
GLN HE22 H N N 130 
GLN HXT  H N N 131 
GLU N    N N N 132 
GLU CA   C N S 133 
GLU C    C N N 134 
GLU O    O N N 135 
GLU CB   C N N 136 
GLU CG   C N N 137 
GLU CD   C N N 138 
GLU OE1  O N N 139 
GLU OE2  O N N 140 
GLU OXT  O N N 141 
GLU H    H N N 142 
GLU H2   H N N 143 
GLU HA   H N N 144 
GLU HB2  H N N 145 
GLU HB3  H N N 146 
GLU HG2  H N N 147 
GLU HG3  H N N 148 
GLU HE2  H N N 149 
GLU HXT  H N N 150 
GLY N    N N N 151 
GLY CA   C N N 152 
GLY C    C N N 153 
GLY O    O N N 154 
GLY OXT  O N N 155 
GLY H    H N N 156 
GLY H2   H N N 157 
GLY HA2  H N N 158 
GLY HA3  H N N 159 
GLY HXT  H N N 160 
HIS N    N N N 161 
HIS CA   C N S 162 
HIS C    C N N 163 
HIS O    O N N 164 
HIS CB   C N N 165 
HIS CG   C Y N 166 
HIS ND1  N Y N 167 
HIS CD2  C Y N 168 
HIS CE1  C Y N 169 
HIS NE2  N Y N 170 
HIS OXT  O N N 171 
HIS H    H N N 172 
HIS H2   H N N 173 
HIS HA   H N N 174 
HIS HB2  H N N 175 
HIS HB3  H N N 176 
HIS HD1  H N N 177 
HIS HD2  H N N 178 
HIS HE1  H N N 179 
HIS HE2  H N N 180 
HIS HXT  H N N 181 
HOH O    O N N 182 
HOH H1   H N N 183 
HOH H2   H N N 184 
ILE N    N N N 185 
ILE CA   C N S 186 
ILE C    C N N 187 
ILE O    O N N 188 
ILE CB   C N S 189 
ILE CG1  C N N 190 
ILE CG2  C N N 191 
ILE CD1  C N N 192 
ILE OXT  O N N 193 
ILE H    H N N 194 
ILE H2   H N N 195 
ILE HA   H N N 196 
ILE HB   H N N 197 
ILE HG12 H N N 198 
ILE HG13 H N N 199 
ILE HG21 H N N 200 
ILE HG22 H N N 201 
ILE HG23 H N N 202 
ILE HD11 H N N 203 
ILE HD12 H N N 204 
ILE HD13 H N N 205 
ILE HXT  H N N 206 
LEU N    N N N 207 
LEU CA   C N S 208 
LEU C    C N N 209 
LEU O    O N N 210 
LEU CB   C N N 211 
LEU CG   C N N 212 
LEU CD1  C N N 213 
LEU CD2  C N N 214 
LEU OXT  O N N 215 
LEU H    H N N 216 
LEU H2   H N N 217 
LEU HA   H N N 218 
LEU HB2  H N N 219 
LEU HB3  H N N 220 
LEU HG   H N N 221 
LEU HD11 H N N 222 
LEU HD12 H N N 223 
LEU HD13 H N N 224 
LEU HD21 H N N 225 
LEU HD22 H N N 226 
LEU HD23 H N N 227 
LEU HXT  H N N 228 
LYS N    N N N 229 
LYS CA   C N S 230 
LYS C    C N N 231 
LYS O    O N N 232 
LYS CB   C N N 233 
LYS CG   C N N 234 
LYS CD   C N N 235 
LYS CE   C N N 236 
LYS NZ   N N N 237 
LYS OXT  O N N 238 
LYS H    H N N 239 
LYS H2   H N N 240 
LYS HA   H N N 241 
LYS HB2  H N N 242 
LYS HB3  H N N 243 
LYS HG2  H N N 244 
LYS HG3  H N N 245 
LYS HD2  H N N 246 
LYS HD3  H N N 247 
LYS HE2  H N N 248 
LYS HE3  H N N 249 
LYS HZ1  H N N 250 
LYS HZ2  H N N 251 
LYS HZ3  H N N 252 
LYS HXT  H N N 253 
MET N    N N N 254 
MET CA   C N S 255 
MET C    C N N 256 
MET O    O N N 257 
MET CB   C N N 258 
MET CG   C N N 259 
MET SD   S N N 260 
MET CE   C N N 261 
MET OXT  O N N 262 
MET H    H N N 263 
MET H2   H N N 264 
MET HA   H N N 265 
MET HB2  H N N 266 
MET HB3  H N N 267 
MET HG2  H N N 268 
MET HG3  H N N 269 
MET HE1  H N N 270 
MET HE2  H N N 271 
MET HE3  H N N 272 
MET HXT  H N N 273 
PHE N    N N N 274 
PHE CA   C N S 275 
PHE C    C N N 276 
PHE O    O N N 277 
PHE CB   C N N 278 
PHE CG   C Y N 279 
PHE CD1  C Y N 280 
PHE CD2  C Y N 281 
PHE CE1  C Y N 282 
PHE CE2  C Y N 283 
PHE CZ   C Y N 284 
PHE OXT  O N N 285 
PHE H    H N N 286 
PHE H2   H N N 287 
PHE HA   H N N 288 
PHE HB2  H N N 289 
PHE HB3  H N N 290 
PHE HD1  H N N 291 
PHE HD2  H N N 292 
PHE HE1  H N N 293 
PHE HE2  H N N 294 
PHE HZ   H N N 295 
PHE HXT  H N N 296 
PRO N    N N N 297 
PRO CA   C N S 298 
PRO C    C N N 299 
PRO O    O N N 300 
PRO CB   C N N 301 
PRO CG   C N N 302 
PRO CD   C N N 303 
PRO OXT  O N N 304 
PRO H    H N N 305 
PRO HA   H N N 306 
PRO HB2  H N N 307 
PRO HB3  H N N 308 
PRO HG2  H N N 309 
PRO HG3  H N N 310 
PRO HD2  H N N 311 
PRO HD3  H N N 312 
PRO HXT  H N N 313 
SER N    N N N 314 
SER CA   C N S 315 
SER C    C N N 316 
SER O    O N N 317 
SER CB   C N N 318 
SER OG   O N N 319 
SER OXT  O N N 320 
SER H    H N N 321 
SER H2   H N N 322 
SER HA   H N N 323 
SER HB2  H N N 324 
SER HB3  H N N 325 
SER HG   H N N 326 
SER HXT  H N N 327 
SO4 S    S N N 328 
SO4 O1   O N N 329 
SO4 O2   O N N 330 
SO4 O3   O N N 331 
SO4 O4   O N N 332 
THR N    N N N 333 
THR CA   C N S 334 
THR C    C N N 335 
THR O    O N N 336 
THR CB   C N R 337 
THR OG1  O N N 338 
THR CG2  C N N 339 
THR OXT  O N N 340 
THR H    H N N 341 
THR H2   H N N 342 
THR HA   H N N 343 
THR HB   H N N 344 
THR HG1  H N N 345 
THR HG21 H N N 346 
THR HG22 H N N 347 
THR HG23 H N N 348 
THR HXT  H N N 349 
TRP N    N N N 350 
TRP CA   C N S 351 
TRP C    C N N 352 
TRP O    O N N 353 
TRP CB   C N N 354 
TRP CG   C Y N 355 
TRP CD1  C Y N 356 
TRP CD2  C Y N 357 
TRP NE1  N Y N 358 
TRP CE2  C Y N 359 
TRP CE3  C Y N 360 
TRP CZ2  C Y N 361 
TRP CZ3  C Y N 362 
TRP CH2  C Y N 363 
TRP OXT  O N N 364 
TRP H    H N N 365 
TRP H2   H N N 366 
TRP HA   H N N 367 
TRP HB2  H N N 368 
TRP HB3  H N N 369 
TRP HD1  H N N 370 
TRP HE1  H N N 371 
TRP HE3  H N N 372 
TRP HZ2  H N N 373 
TRP HZ3  H N N 374 
TRP HH2  H N N 375 
TRP HXT  H N N 376 
TYR N    N N N 377 
TYR CA   C N S 378 
TYR C    C N N 379 
TYR O    O N N 380 
TYR CB   C N N 381 
TYR CG   C Y N 382 
TYR CD1  C Y N 383 
TYR CD2  C Y N 384 
TYR CE1  C Y N 385 
TYR CE2  C Y N 386 
TYR CZ   C Y N 387 
TYR OH   O N N 388 
TYR OXT  O N N 389 
TYR H    H N N 390 
TYR H2   H N N 391 
TYR HA   H N N 392 
TYR HB2  H N N 393 
TYR HB3  H N N 394 
TYR HD1  H N N 395 
TYR HD2  H N N 396 
TYR HE1  H N N 397 
TYR HE2  H N N 398 
TYR HH   H N N 399 
TYR HXT  H N N 400 
VAL N    N N N 401 
VAL CA   C N S 402 
VAL C    C N N 403 
VAL O    O N N 404 
VAL CB   C N N 405 
VAL CG1  C N N 406 
VAL CG2  C N N 407 
VAL OXT  O N N 408 
VAL H    H N N 409 
VAL H2   H N N 410 
VAL HA   H N N 411 
VAL HB   H N N 412 
VAL HG11 H N N 413 
VAL HG12 H N N 414 
VAL HG13 H N N 415 
VAL HG21 H N N 416 
VAL HG22 H N N 417 
VAL HG23 H N N 418 
VAL HXT  H N N 419 
# 
loop_
_chem_comp_bond.comp_id 
_chem_comp_bond.atom_id_1 
_chem_comp_bond.atom_id_2 
_chem_comp_bond.value_order 
_chem_comp_bond.pdbx_aromatic_flag 
_chem_comp_bond.pdbx_stereo_config 
_chem_comp_bond.pdbx_ordinal 
5NE C1B C1A  doub Y N 1   
5NE C1B C1C  sing Y N 2   
5NE C1A C1F  sing Y N 3   
5NE C1O C1C  sing N N 4   
5NE C1C C1D  doub Y N 5   
5NE C1F C1E  doub Y N 6   
5NE C1D C1E  sing Y N 7   
5NE C1D C1G  sing Y N 8   
5NE C1E C1J  sing Y N 9   
5NE C1G C1H  doub Y N 10  
5NE C1J C1L  sing N N 11  
5NE C1J C1I  doub Y N 12  
5NE O1N C1L  doub N N 13  
5NE C1L O1M  sing N N 14  
5NE C1H C1I  sing Y N 15  
5NE O1M H1   sing N N 16  
5NE C1F H2   sing N N 17  
5NE C1A H3   sing N N 18  
5NE C1I H4   sing N N 19  
5NE C1H H5   sing N N 20  
5NE C1G H6   sing N N 21  
5NE C1O H7   sing N N 22  
5NE C1O H8   sing N N 23  
5NE C1O H9   sing N N 24  
5NE C1B H10  sing N N 25  
ALA N   CA   sing N N 26  
ALA N   H    sing N N 27  
ALA N   H2   sing N N 28  
ALA CA  C    sing N N 29  
ALA CA  CB   sing N N 30  
ALA CA  HA   sing N N 31  
ALA C   O    doub N N 32  
ALA C   OXT  sing N N 33  
ALA CB  HB1  sing N N 34  
ALA CB  HB2  sing N N 35  
ALA CB  HB3  sing N N 36  
ALA OXT HXT  sing N N 37  
ARG N   CA   sing N N 38  
ARG N   H    sing N N 39  
ARG N   H2   sing N N 40  
ARG CA  C    sing N N 41  
ARG CA  CB   sing N N 42  
ARG CA  HA   sing N N 43  
ARG C   O    doub N N 44  
ARG C   OXT  sing N N 45  
ARG CB  CG   sing N N 46  
ARG CB  HB2  sing N N 47  
ARG CB  HB3  sing N N 48  
ARG CG  CD   sing N N 49  
ARG CG  HG2  sing N N 50  
ARG CG  HG3  sing N N 51  
ARG CD  NE   sing N N 52  
ARG CD  HD2  sing N N 53  
ARG CD  HD3  sing N N 54  
ARG NE  CZ   sing N N 55  
ARG NE  HE   sing N N 56  
ARG CZ  NH1  sing N N 57  
ARG CZ  NH2  doub N N 58  
ARG NH1 HH11 sing N N 59  
ARG NH1 HH12 sing N N 60  
ARG NH2 HH21 sing N N 61  
ARG NH2 HH22 sing N N 62  
ARG OXT HXT  sing N N 63  
ASN N   CA   sing N N 64  
ASN N   H    sing N N 65  
ASN N   H2   sing N N 66  
ASN CA  C    sing N N 67  
ASN CA  CB   sing N N 68  
ASN CA  HA   sing N N 69  
ASN C   O    doub N N 70  
ASN C   OXT  sing N N 71  
ASN CB  CG   sing N N 72  
ASN CB  HB2  sing N N 73  
ASN CB  HB3  sing N N 74  
ASN CG  OD1  doub N N 75  
ASN CG  ND2  sing N N 76  
ASN ND2 HD21 sing N N 77  
ASN ND2 HD22 sing N N 78  
ASN OXT HXT  sing N N 79  
ASP N   CA   sing N N 80  
ASP N   H    sing N N 81  
ASP N   H2   sing N N 82  
ASP CA  C    sing N N 83  
ASP CA  CB   sing N N 84  
ASP CA  HA   sing N N 85  
ASP C   O    doub N N 86  
ASP C   OXT  sing N N 87  
ASP CB  CG   sing N N 88  
ASP CB  HB2  sing N N 89  
ASP CB  HB3  sing N N 90  
ASP CG  OD1  doub N N 91  
ASP CG  OD2  sing N N 92  
ASP OD2 HD2  sing N N 93  
ASP OXT HXT  sing N N 94  
CYS N   CA   sing N N 95  
CYS N   H    sing N N 96  
CYS N   H2   sing N N 97  
CYS CA  C    sing N N 98  
CYS CA  CB   sing N N 99  
CYS CA  HA   sing N N 100 
CYS C   O    doub N N 101 
CYS C   OXT  sing N N 102 
CYS CB  SG   sing N N 103 
CYS CB  HB2  sing N N 104 
CYS CB  HB3  sing N N 105 
CYS SG  HG   sing N N 106 
CYS OXT HXT  sing N N 107 
GLN N   CA   sing N N 108 
GLN N   H    sing N N 109 
GLN N   H2   sing N N 110 
GLN CA  C    sing N N 111 
GLN CA  CB   sing N N 112 
GLN CA  HA   sing N N 113 
GLN C   O    doub N N 114 
GLN C   OXT  sing N N 115 
GLN CB  CG   sing N N 116 
GLN CB  HB2  sing N N 117 
GLN CB  HB3  sing N N 118 
GLN CG  CD   sing N N 119 
GLN CG  HG2  sing N N 120 
GLN CG  HG3  sing N N 121 
GLN CD  OE1  doub N N 122 
GLN CD  NE2  sing N N 123 
GLN NE2 HE21 sing N N 124 
GLN NE2 HE22 sing N N 125 
GLN OXT HXT  sing N N 126 
GLU N   CA   sing N N 127 
GLU N   H    sing N N 128 
GLU N   H2   sing N N 129 
GLU CA  C    sing N N 130 
GLU CA  CB   sing N N 131 
GLU CA  HA   sing N N 132 
GLU C   O    doub N N 133 
GLU C   OXT  sing N N 134 
GLU CB  CG   sing N N 135 
GLU CB  HB2  sing N N 136 
GLU CB  HB3  sing N N 137 
GLU CG  CD   sing N N 138 
GLU CG  HG2  sing N N 139 
GLU CG  HG3  sing N N 140 
GLU CD  OE1  doub N N 141 
GLU CD  OE2  sing N N 142 
GLU OE2 HE2  sing N N 143 
GLU OXT HXT  sing N N 144 
GLY N   CA   sing N N 145 
GLY N   H    sing N N 146 
GLY N   H2   sing N N 147 
GLY CA  C    sing N N 148 
GLY CA  HA2  sing N N 149 
GLY CA  HA3  sing N N 150 
GLY C   O    doub N N 151 
GLY C   OXT  sing N N 152 
GLY OXT HXT  sing N N 153 
HIS N   CA   sing N N 154 
HIS N   H    sing N N 155 
HIS N   H2   sing N N 156 
HIS CA  C    sing N N 157 
HIS CA  CB   sing N N 158 
HIS CA  HA   sing N N 159 
HIS C   O    doub N N 160 
HIS C   OXT  sing N N 161 
HIS CB  CG   sing N N 162 
HIS CB  HB2  sing N N 163 
HIS CB  HB3  sing N N 164 
HIS CG  ND1  sing Y N 165 
HIS CG  CD2  doub Y N 166 
HIS ND1 CE1  doub Y N 167 
HIS ND1 HD1  sing N N 168 
HIS CD2 NE2  sing Y N 169 
HIS CD2 HD2  sing N N 170 
HIS CE1 NE2  sing Y N 171 
HIS CE1 HE1  sing N N 172 
HIS NE2 HE2  sing N N 173 
HIS OXT HXT  sing N N 174 
HOH O   H1   sing N N 175 
HOH O   H2   sing N N 176 
ILE N   CA   sing N N 177 
ILE N   H    sing N N 178 
ILE N   H2   sing N N 179 
ILE CA  C    sing N N 180 
ILE CA  CB   sing N N 181 
ILE CA  HA   sing N N 182 
ILE C   O    doub N N 183 
ILE C   OXT  sing N N 184 
ILE CB  CG1  sing N N 185 
ILE CB  CG2  sing N N 186 
ILE CB  HB   sing N N 187 
ILE CG1 CD1  sing N N 188 
ILE CG1 HG12 sing N N 189 
ILE CG1 HG13 sing N N 190 
ILE CG2 HG21 sing N N 191 
ILE CG2 HG22 sing N N 192 
ILE CG2 HG23 sing N N 193 
ILE CD1 HD11 sing N N 194 
ILE CD1 HD12 sing N N 195 
ILE CD1 HD13 sing N N 196 
ILE OXT HXT  sing N N 197 
LEU N   CA   sing N N 198 
LEU N   H    sing N N 199 
LEU N   H2   sing N N 200 
LEU CA  C    sing N N 201 
LEU CA  CB   sing N N 202 
LEU CA  HA   sing N N 203 
LEU C   O    doub N N 204 
LEU C   OXT  sing N N 205 
LEU CB  CG   sing N N 206 
LEU CB  HB2  sing N N 207 
LEU CB  HB3  sing N N 208 
LEU CG  CD1  sing N N 209 
LEU CG  CD2  sing N N 210 
LEU CG  HG   sing N N 211 
LEU CD1 HD11 sing N N 212 
LEU CD1 HD12 sing N N 213 
LEU CD1 HD13 sing N N 214 
LEU CD2 HD21 sing N N 215 
LEU CD2 HD22 sing N N 216 
LEU CD2 HD23 sing N N 217 
LEU OXT HXT  sing N N 218 
LYS N   CA   sing N N 219 
LYS N   H    sing N N 220 
LYS N   H2   sing N N 221 
LYS CA  C    sing N N 222 
LYS CA  CB   sing N N 223 
LYS CA  HA   sing N N 224 
LYS C   O    doub N N 225 
LYS C   OXT  sing N N 226 
LYS CB  CG   sing N N 227 
LYS CB  HB2  sing N N 228 
LYS CB  HB3  sing N N 229 
LYS CG  CD   sing N N 230 
LYS CG  HG2  sing N N 231 
LYS CG  HG3  sing N N 232 
LYS CD  CE   sing N N 233 
LYS CD  HD2  sing N N 234 
LYS CD  HD3  sing N N 235 
LYS CE  NZ   sing N N 236 
LYS CE  HE2  sing N N 237 
LYS CE  HE3  sing N N 238 
LYS NZ  HZ1  sing N N 239 
LYS NZ  HZ2  sing N N 240 
LYS NZ  HZ3  sing N N 241 
LYS OXT HXT  sing N N 242 
MET N   CA   sing N N 243 
MET N   H    sing N N 244 
MET N   H2   sing N N 245 
MET CA  C    sing N N 246 
MET CA  CB   sing N N 247 
MET CA  HA   sing N N 248 
MET C   O    doub N N 249 
MET C   OXT  sing N N 250 
MET CB  CG   sing N N 251 
MET CB  HB2  sing N N 252 
MET CB  HB3  sing N N 253 
MET CG  SD   sing N N 254 
MET CG  HG2  sing N N 255 
MET CG  HG3  sing N N 256 
MET SD  CE   sing N N 257 
MET CE  HE1  sing N N 258 
MET CE  HE2  sing N N 259 
MET CE  HE3  sing N N 260 
MET OXT HXT  sing N N 261 
PHE N   CA   sing N N 262 
PHE N   H    sing N N 263 
PHE N   H2   sing N N 264 
PHE CA  C    sing N N 265 
PHE CA  CB   sing N N 266 
PHE CA  HA   sing N N 267 
PHE C   O    doub N N 268 
PHE C   OXT  sing N N 269 
PHE CB  CG   sing N N 270 
PHE CB  HB2  sing N N 271 
PHE CB  HB3  sing N N 272 
PHE CG  CD1  doub Y N 273 
PHE CG  CD2  sing Y N 274 
PHE CD1 CE1  sing Y N 275 
PHE CD1 HD1  sing N N 276 
PHE CD2 CE2  doub Y N 277 
PHE CD2 HD2  sing N N 278 
PHE CE1 CZ   doub Y N 279 
PHE CE1 HE1  sing N N 280 
PHE CE2 CZ   sing Y N 281 
PHE CE2 HE2  sing N N 282 
PHE CZ  HZ   sing N N 283 
PHE OXT HXT  sing N N 284 
PRO N   CA   sing N N 285 
PRO N   CD   sing N N 286 
PRO N   H    sing N N 287 
PRO CA  C    sing N N 288 
PRO CA  CB   sing N N 289 
PRO CA  HA   sing N N 290 
PRO C   O    doub N N 291 
PRO C   OXT  sing N N 292 
PRO CB  CG   sing N N 293 
PRO CB  HB2  sing N N 294 
PRO CB  HB3  sing N N 295 
PRO CG  CD   sing N N 296 
PRO CG  HG2  sing N N 297 
PRO CG  HG3  sing N N 298 
PRO CD  HD2  sing N N 299 
PRO CD  HD3  sing N N 300 
PRO OXT HXT  sing N N 301 
SER N   CA   sing N N 302 
SER N   H    sing N N 303 
SER N   H2   sing N N 304 
SER CA  C    sing N N 305 
SER CA  CB   sing N N 306 
SER CA  HA   sing N N 307 
SER C   O    doub N N 308 
SER C   OXT  sing N N 309 
SER CB  OG   sing N N 310 
SER CB  HB2  sing N N 311 
SER CB  HB3  sing N N 312 
SER OG  HG   sing N N 313 
SER OXT HXT  sing N N 314 
SO4 S   O1   doub N N 315 
SO4 S   O2   doub N N 316 
SO4 S   O3   sing N N 317 
SO4 S   O4   sing N N 318 
THR N   CA   sing N N 319 
THR N   H    sing N N 320 
THR N   H2   sing N N 321 
THR CA  C    sing N N 322 
THR CA  CB   sing N N 323 
THR CA  HA   sing N N 324 
THR C   O    doub N N 325 
THR C   OXT  sing N N 326 
THR CB  OG1  sing N N 327 
THR CB  CG2  sing N N 328 
THR CB  HB   sing N N 329 
THR OG1 HG1  sing N N 330 
THR CG2 HG21 sing N N 331 
THR CG2 HG22 sing N N 332 
THR CG2 HG23 sing N N 333 
THR OXT HXT  sing N N 334 
TRP N   CA   sing N N 335 
TRP N   H    sing N N 336 
TRP N   H2   sing N N 337 
TRP CA  C    sing N N 338 
TRP CA  CB   sing N N 339 
TRP CA  HA   sing N N 340 
TRP C   O    doub N N 341 
TRP C   OXT  sing N N 342 
TRP CB  CG   sing N N 343 
TRP CB  HB2  sing N N 344 
TRP CB  HB3  sing N N 345 
TRP CG  CD1  doub Y N 346 
TRP CG  CD2  sing Y N 347 
TRP CD1 NE1  sing Y N 348 
TRP CD1 HD1  sing N N 349 
TRP CD2 CE2  doub Y N 350 
TRP CD2 CE3  sing Y N 351 
TRP NE1 CE2  sing Y N 352 
TRP NE1 HE1  sing N N 353 
TRP CE2 CZ2  sing Y N 354 
TRP CE3 CZ3  doub Y N 355 
TRP CE3 HE3  sing N N 356 
TRP CZ2 CH2  doub Y N 357 
TRP CZ2 HZ2  sing N N 358 
TRP CZ3 CH2  sing Y N 359 
TRP CZ3 HZ3  sing N N 360 
TRP CH2 HH2  sing N N 361 
TRP OXT HXT  sing N N 362 
TYR N   CA   sing N N 363 
TYR N   H    sing N N 364 
TYR N   H2   sing N N 365 
TYR CA  C    sing N N 366 
TYR CA  CB   sing N N 367 
TYR CA  HA   sing N N 368 
TYR C   O    doub N N 369 
TYR C   OXT  sing N N 370 
TYR CB  CG   sing N N 371 
TYR CB  HB2  sing N N 372 
TYR CB  HB3  sing N N 373 
TYR CG  CD1  doub Y N 374 
TYR CG  CD2  sing Y N 375 
TYR CD1 CE1  sing Y N 376 
TYR CD1 HD1  sing N N 377 
TYR CD2 CE2  doub Y N 378 
TYR CD2 HD2  sing N N 379 
TYR CE1 CZ   doub Y N 380 
TYR CE1 HE1  sing N N 381 
TYR CE2 CZ   sing Y N 382 
TYR CE2 HE2  sing N N 383 
TYR CZ  OH   sing N N 384 
TYR OH  HH   sing N N 385 
TYR OXT HXT  sing N N 386 
VAL N   CA   sing N N 387 
VAL N   H    sing N N 388 
VAL N   H2   sing N N 389 
VAL CA  C    sing N N 390 
VAL CA  CB   sing N N 391 
VAL CA  HA   sing N N 392 
VAL C   O    doub N N 393 
VAL C   OXT  sing N N 394 
VAL CB  CG1  sing N N 395 
VAL CB  CG2  sing N N 396 
VAL CB  HB   sing N N 397 
VAL CG1 HG11 sing N N 398 
VAL CG1 HG12 sing N N 399 
VAL CG1 HG13 sing N N 400 
VAL CG2 HG21 sing N N 401 
VAL CG2 HG22 sing N N 402 
VAL CG2 HG23 sing N N 403 
VAL OXT HXT  sing N N 404 
# 
_pdbx_initial_refinement_model.accession_code   5HMB 
_pdbx_initial_refinement_model.id               1 
_pdbx_initial_refinement_model.entity_id_list   ? 
_pdbx_initial_refinement_model.type             'experimental model' 
_pdbx_initial_refinement_model.source_name      PDB 
_pdbx_initial_refinement_model.details          D_1000217232 
# 
_atom_sites.entry_id                    5HMC 
_atom_sites.fract_transf_matrix[1][1]   -0.00604884 
_atom_sites.fract_transf_matrix[1][2]   0.00769632 
_atom_sites.fract_transf_matrix[1][3]   -0.01104163 
_atom_sites.fract_transf_matrix[2][1]   0.01287466 
_atom_sites.fract_transf_matrix[2][2]   -0.00022024 
_atom_sites.fract_transf_matrix[2][3]   -0.00720653 
_atom_sites.fract_transf_matrix[3][1]   -0.00189555 
_atom_sites.fract_transf_matrix[3][2]   -0.00608158 
_atom_sites.fract_transf_matrix[3][3]   -0.00320060 
_atom_sites.fract_transf_vector[1]      0.460200 
_atom_sites.fract_transf_vector[2]      -0.270743 
_atom_sites.fract_transf_vector[3]      -0.018848 
# 
loop_
_atom_type.symbol 
C 
N 
O 
S 
# 
loop_
_atom_site.group_PDB 
_atom_site.id 
_atom_site.type_symbol 
_atom_site.label_atom_id 
_atom_site.label_alt_id 
_atom_site.label_comp_id 
_atom_site.label_asym_id 
_atom_site.label_entity_id 
_atom_site.label_seq_id 
_atom_site.pdbx_PDB_ins_code 
_atom_site.Cartn_x 
_atom_site.Cartn_y 
_atom_site.Cartn_z 
_atom_site.occupancy 
_atom_site.B_iso_or_equiv 
_atom_site.pdbx_formal_charge 
_atom_site.auth_seq_id 
_atom_site.auth_comp_id 
_atom_site.auth_asym_id 
_atom_site.auth_atom_id 
_atom_site.pdbx_PDB_model_num 
ATOM   1   N N   . ARG A 1 10  ? 13.533  5.148   4.751   1.00 74.65 ? 10  ARG A N   1 
ATOM   2   C CA  . ARG A 1 10  ? 12.966  5.836   5.909   1.00 72.02 ? 10  ARG A CA  1 
ATOM   3   C C   . ARG A 1 10  ? 11.478  5.549   6.042   1.00 71.98 ? 10  ARG A C   1 
ATOM   4   O O   . ARG A 1 10  ? 10.680  6.453   6.297   1.00 73.27 ? 10  ARG A O   1 
ATOM   5   C CB  . ARG A 1 10  ? 13.189  7.345   5.810   1.00 78.51 ? 10  ARG A CB  1 
ATOM   6   N N   . LEU A 1 11  ? 11.107  4.281   5.869   1.00 68.85 ? 11  LEU A N   1 
ATOM   7   C CA  . LEU A 1 11  ? 9.715   3.865   5.935   1.00 58.23 ? 11  LEU A CA  1 
ATOM   8   C C   . LEU A 1 11  ? 9.425   2.922   7.086   1.00 55.66 ? 11  LEU A C   1 
ATOM   9   O O   . LEU A 1 11  ? 8.264   2.541   7.281   1.00 53.90 ? 11  LEU A O   1 
ATOM   10  C CB  . LEU A 1 11  ? 9.300   3.201   4.619   1.00 59.54 ? 11  LEU A CB  1 
ATOM   11  C CG  . LEU A 1 11  ? 9.088   4.229   3.518   1.00 60.13 ? 11  LEU A CG  1 
ATOM   12  C CD1 . LEU A 1 11  ? 8.766   3.525   2.232   1.00 48.12 ? 11  LEU A CD1 1 
ATOM   13  C CD2 . LEU A 1 11  ? 7.978   5.207   3.911   1.00 54.03 ? 11  LEU A CD2 1 
ATOM   14  N N   . GLY A 1 12  ? 10.435  2.541   7.858   1.00 52.08 ? 12  GLY A N   1 
ATOM   15  C CA  . GLY A 1 12  ? 10.228  1.705   9.008   1.00 47.52 ? 12  GLY A CA  1 
ATOM   16  C C   . GLY A 1 12  ? 10.606  0.268   8.728   1.00 54.10 ? 12  GLY A C   1 
ATOM   17  O O   . GLY A 1 12  ? 10.799  -0.148  7.583   1.00 52.85 ? 12  GLY A O   1 
ATOM   18  N N   . PRO A 1 13  ? 10.721  -0.522  9.795   1.00 55.31 ? 13  PRO A N   1 
ATOM   19  C CA  . PRO A 1 13  ? 11.168  -1.909  9.624   1.00 48.07 ? 13  PRO A CA  1 
ATOM   20  C C   . PRO A 1 13  ? 10.105  -2.828  9.042   1.00 53.73 ? 13  PRO A C   1 
ATOM   21  O O   . PRO A 1 13  ? 10.462  -3.801  8.371   1.00 53.64 ? 13  PRO A O   1 
ATOM   22  C CB  . PRO A 1 13  ? 11.543  -2.324  11.052  1.00 50.19 ? 13  PRO A CB  1 
ATOM   23  C CG  . PRO A 1 13  ? 10.671  -1.457  11.926  1.00 52.82 ? 13  PRO A CG  1 
ATOM   24  C CD  . PRO A 1 13  ? 10.595  -0.138  11.211  1.00 48.74 ? 13  PRO A CD  1 
ATOM   25  N N   . TYR A 1 14  ? 8.819   -2.577  9.300   1.00 50.97 ? 14  TYR A N   1 
ATOM   26  C CA  . TYR A 1 14  ? 7.799   -3.472  8.770   1.00 47.36 ? 14  TYR A CA  1 
ATOM   27  C C   . TYR A 1 14  ? 7.706   -3.353  7.262   1.00 46.72 ? 14  TYR A C   1 
ATOM   28  O O   . TYR A 1 14  ? 7.509   -4.355  6.572   1.00 48.69 ? 14  TYR A O   1 
ATOM   29  C CB  . TYR A 1 14  ? 6.436   -3.202  9.405   1.00 46.01 ? 14  TYR A CB  1 
ATOM   30  C CG  . TYR A 1 14  ? 5.464   -4.337  9.177   1.00 49.51 ? 14  TYR A CG  1 
ATOM   31  C CD1 . TYR A 1 14  ? 5.708   -5.604  9.705   1.00 50.78 ? 14  TYR A CD1 1 
ATOM   32  C CD2 . TYR A 1 14  ? 4.311   -4.157  8.422   1.00 53.12 ? 14  TYR A CD2 1 
ATOM   33  C CE1 . TYR A 1 14  ? 4.821   -6.666  9.489   1.00 48.76 ? 14  TYR A CE1 1 
ATOM   34  C CE2 . TYR A 1 14  ? 3.419   -5.214  8.199   1.00 49.17 ? 14  TYR A CE2 1 
ATOM   35  C CZ  . TYR A 1 14  ? 3.678   -6.463  8.737   1.00 48.56 ? 14  TYR A CZ  1 
ATOM   36  N N   . VAL A 1 15  ? 7.873   -2.143  6.727   1.00 46.92 ? 15  VAL A N   1 
ATOM   37  C CA  . VAL A 1 15  ? 7.867   -1.998  5.276   1.00 48.48 ? 15  VAL A CA  1 
ATOM   38  C C   . VAL A 1 15  ? 9.012   -2.791  4.655   1.00 54.65 ? 15  VAL A C   1 
ATOM   39  O O   . VAL A 1 15  ? 8.827   -3.482  3.644   1.00 55.61 ? 15  VAL A O   1 
ATOM   40  C CB  . VAL A 1 15  ? 7.914   -0.517  4.878   1.00 43.76 ? 15  VAL A CB  1 
ATOM   41  C CG1 . VAL A 1 15  ? 8.086   -0.391  3.373   1.00 41.51 ? 15  VAL A CG1 1 
ATOM   42  C CG2 . VAL A 1 15  ? 6.637   0.163   5.309   1.00 47.91 ? 15  VAL A CG2 1 
ATOM   43  N N   . GLU A 1 16  ? 10.201  -2.737  5.262   1.00 49.39 ? 16  GLU A N   1 
ATOM   44  C CA  . GLU A 1 16  ? 11.313  -3.538  4.760   1.00 51.95 ? 16  GLU A CA  1 
ATOM   45  C C   . GLU A 1 16  ? 10.978  -5.031  4.795   1.00 53.89 ? 16  GLU A C   1 
ATOM   46  O O   . GLU A 1 16  ? 11.219  -5.752  3.821   1.00 56.64 ? 16  GLU A O   1 
ATOM   47  C CB  . GLU A 1 16  ? 12.590  -3.238  5.556   1.00 44.54 ? 16  GLU A CB  1 
ATOM   48  N N   . HIS A 1 17  ? 10.404  -5.517  5.900   1.00 51.90 ? 17  HIS A N   1 
ATOM   49  C CA  . HIS A 1 17  ? 10.083  -6.943  5.977   1.00 53.44 ? 17  HIS A CA  1 
ATOM   50  C C   . HIS A 1 17  ? 9.073   -7.364  4.910   1.00 55.99 ? 17  HIS A C   1 
ATOM   51  O O   . HIS A 1 17  ? 9.128   -8.495  4.406   1.00 54.99 ? 17  HIS A O   1 
ATOM   52  C CB  . HIS A 1 17  ? 9.552   -7.291  7.362   1.00 55.16 ? 17  HIS A CB  1 
ATOM   53  C CG  . HIS A 1 17  ? 8.816   -8.594  7.411   1.00 56.69 ? 17  HIS A CG  1 
ATOM   54  N ND1 . HIS A 1 17  ? 9.460   -9.812  7.476   1.00 59.87 ? 17  HIS A ND1 1 
ATOM   55  C CD2 . HIS A 1 17  ? 7.490   -8.870  7.407   1.00 58.94 ? 17  HIS A CD2 1 
ATOM   56  C CE1 . HIS A 1 17  ? 8.562   -10.780 7.515   1.00 59.85 ? 17  HIS A CE1 1 
ATOM   57  N NE2 . HIS A 1 17  ? 7.360   -10.235 7.476   1.00 59.48 ? 17  HIS A NE2 1 
ATOM   58  N N   . LEU A 1 18  ? 8.140   -6.478  4.558   1.00 51.64 ? 18  LEU A N   1 
ATOM   59  C CA  . LEU A 1 18  ? 7.240   -6.775  3.454   1.00 51.14 ? 18  LEU A CA  1 
ATOM   60  C C   . LEU A 1 18  ? 7.987   -6.939  2.142   1.00 52.76 ? 18  LEU A C   1 
ATOM   61  O O   . LEU A 1 18  ? 7.473   -7.584  1.226   1.00 55.77 ? 18  LEU A O   1 
ATOM   62  C CB  . LEU A 1 18  ? 6.191   -5.674  3.316   1.00 39.26 ? 18  LEU A CB  1 
ATOM   63  C CG  . LEU A 1 18  ? 5.158   -5.632  4.442   1.00 45.35 ? 18  LEU A CG  1 
ATOM   64  C CD1 . LEU A 1 18  ? 4.219   -4.450  4.260   1.00 40.90 ? 18  LEU A CD1 1 
ATOM   65  C CD2 . LEU A 1 18  ? 4.369   -6.938  4.553   1.00 39.87 ? 18  LEU A CD2 1 
ATOM   66  N N   . GLY A 1 19  ? 9.187   -6.378  2.030   1.00 53.12 ? 19  GLY A N   1 
ATOM   67  C CA  . GLY A 1 19  ? 9.912   -6.452  0.781   1.00 50.26 ? 19  GLY A CA  1 
ATOM   68  C C   . GLY A 1 19  ? 9.501   -5.426  -0.245  1.00 52.91 ? 19  GLY A C   1 
ATOM   69  O O   . GLY A 1 19  ? 9.771   -5.611  -1.436  1.00 50.17 ? 19  GLY A O   1 
ATOM   70  N N   . LEU A 1 20  ? 8.852   -4.345  0.172   1.00 42.91 ? 20  LEU A N   1 
ATOM   71  C CA  . LEU A 1 20  ? 8.451   -3.332  -0.788  1.00 47.07 ? 20  LEU A CA  1 
ATOM   72  C C   . LEU A 1 20  ? 9.671   -2.568  -1.274  1.00 55.13 ? 20  LEU A C   1 
ATOM   73  O O   . LEU A 1 20  ? 10.594  -2.285  -0.511  1.00 55.04 ? 20  LEU A O   1 
ATOM   74  C CB  . LEU A 1 20  ? 7.443   -2.366  -0.174  1.00 43.74 ? 20  LEU A CB  1 
ATOM   75  C CG  . LEU A 1 20  ? 6.065   -2.940  0.126   1.00 43.06 ? 20  LEU A CG  1 
ATOM   76  C CD1 . LEU A 1 20  ? 5.219   -1.911  0.828   1.00 43.84 ? 20  LEU A CD1 1 
ATOM   77  C CD2 . LEU A 1 20  ? 5.399   -3.360  -1.166  1.00 44.28 ? 20  LEU A CD2 1 
ATOM   78  N N   . GLN A 1 21  ? 9.677   -2.243  -2.558  1.00 56.53 ? 21  GLN A N   1 
ATOM   79  C CA  . GLN A 1 21  ? 10.745  -1.462  -3.162  1.00 53.25 ? 21  GLN A CA  1 
ATOM   80  C C   . GLN A 1 21  ? 10.070  -0.369  -3.964  1.00 51.10 ? 21  GLN A C   1 
ATOM   81  O O   . GLN A 1 21  ? 9.362   -0.653  -4.936  1.00 53.64 ? 21  GLN A O   1 
ATOM   82  C CB  . GLN A 1 21  ? 11.644  -2.334  -4.033  1.00 55.34 ? 21  GLN A CB  1 
ATOM   83  C CG  . GLN A 1 21  ? 12.234  -3.497  -3.256  1.00 56.01 ? 21  GLN A CG  1 
ATOM   84  C CD  . GLN A 1 21  ? 13.478  -4.062  -3.894  1.00 80.42 ? 21  GLN A CD  1 
ATOM   85  O OE1 . GLN A 1 21  ? 13.403  -4.960  -4.734  1.00 84.09 ? 21  GLN A OE1 1 
ATOM   86  N NE2 . GLN A 1 21  ? 14.639  -3.542  -3.496  1.00 86.65 ? 21  GLN A NE2 1 
ATOM   87  N N   . PHE A 1 22  ? 10.269  0.873   -3.543  1.00 54.29 ? 22  PHE A N   1 
ATOM   88  C CA  . PHE A 1 22  ? 9.524   1.990   -4.087  1.00 53.07 ? 22  PHE A CA  1 
ATOM   89  C C   . PHE A 1 22  ? 10.227  2.549   -5.311  1.00 57.53 ? 22  PHE A C   1 
ATOM   90  O O   . PHE A 1 22  ? 11.416  2.871   -5.264  1.00 61.07 ? 22  PHE A O   1 
ATOM   91  C CB  . PHE A 1 22  ? 9.344   3.074   -3.032  1.00 47.22 ? 22  PHE A CB  1 
ATOM   92  C CG  . PHE A 1 22  ? 8.247   2.781   -2.066  1.00 46.00 ? 22  PHE A CG  1 
ATOM   93  C CD1 . PHE A 1 22  ? 8.438   1.885   -1.039  1.00 42.99 ? 22  PHE A CD1 1 
ATOM   94  C CD2 . PHE A 1 22  ? 7.016   3.392   -2.195  1.00 44.72 ? 22  PHE A CD2 1 
ATOM   95  C CE1 . PHE A 1 22  ? 7.415   1.597   -0.154  1.00 46.09 ? 22  PHE A CE1 1 
ATOM   96  C CE2 . PHE A 1 22  ? 5.997   3.119   -1.306  1.00 44.66 ? 22  PHE A CE2 1 
ATOM   97  C CZ  . PHE A 1 22  ? 6.200   2.224   -0.281  1.00 40.52 ? 22  PHE A CZ  1 
ATOM   98  N N   . GLU A 1 23  ? 9.489   2.637   -6.408  1.00 55.20 ? 23  GLU A N   1 
ATOM   99  C CA  . GLU A 1 23  ? 9.961   3.343   -7.583  1.00 60.54 ? 23  GLU A CA  1 
ATOM   100 C C   . GLU A 1 23  ? 9.656   4.829   -7.500  1.00 62.45 ? 23  GLU A C   1 
ATOM   101 O O   . GLU A 1 23  ? 10.358  5.640   -8.117  1.00 62.27 ? 23  GLU A O   1 
ATOM   102 C CB  . GLU A 1 23  ? 9.326   2.728   -8.841  1.00 52.57 ? 23  GLU A CB  1 
ATOM   103 C CG  . GLU A 1 23  ? 9.507   3.554   -10.117 1.00 71.51 ? 23  GLU A CG  1 
ATOM   104 C CD  . GLU A 1 23  ? 8.271   3.549   -11.008 1.00 79.58 ? 23  GLU A CD  1 
ATOM   105 O OE1 . GLU A 1 23  ? 7.831   2.439   -11.391 1.00 80.86 ? 23  GLU A OE1 1 
ATOM   106 O OE2 . GLU A 1 23  ? 7.740   4.648   -11.318 1.00 75.12 ? 23  GLU A OE2 1 
ATOM   107 N N   . ARG A 1 24  ? 8.650   5.211   -6.720  1.00 56.40 ? 24  ARG A N   1 
ATOM   108 C CA  . ARG A 1 24  ? 8.163   6.579   -6.764  1.00 54.25 ? 24  ARG A CA  1 
ATOM   109 C C   . ARG A 1 24  ? 7.394   6.874   -5.489  1.00 57.71 ? 24  ARG A C   1 
ATOM   110 O O   . ARG A 1 24  ? 6.572   6.057   -5.059  1.00 56.02 ? 24  ARG A O   1 
ATOM   111 C CB  . ARG A 1 24  ? 7.276   6.777   -7.992  1.00 57.32 ? 24  ARG A CB  1 
ATOM   112 C CG  . ARG A 1 24  ? 6.638   8.138   -8.077  1.00 67.91 ? 24  ARG A CG  1 
ATOM   113 C CD  . ARG A 1 24  ? 5.685   8.197   -9.251  1.00 66.47 ? 24  ARG A CD  1 
ATOM   114 N NE  . ARG A 1 24  ? 6.353   7.875   -10.507 1.00 76.46 ? 24  ARG A NE  1 
ATOM   115 C CZ  . ARG A 1 24  ? 6.969   8.770   -11.273 1.00 82.96 ? 24  ARG A CZ  1 
ATOM   116 N NH1 . ARG A 1 24  ? 7.548   8.390   -12.404 1.00 87.65 ? 24  ARG A NH1 1 
ATOM   117 N NH2 . ARG A 1 24  ? 7.001   10.047  -10.913 1.00 81.00 ? 24  ARG A NH2 1 
ATOM   118 N N   . ILE A 1 25  ? 7.686   8.023   -4.877  1.00 55.66 ? 25  ILE A N   1 
ATOM   119 C CA  . ILE A 1 25  ? 6.919   8.560   -3.759  1.00 49.82 ? 25  ILE A CA  1 
ATOM   120 C C   . ILE A 1 25  ? 6.778   10.059  -3.974  1.00 55.59 ? 25  ILE A C   1 
ATOM   121 O O   . ILE A 1 25  ? 7.616   10.839  -3.517  1.00 59.38 ? 25  ILE A O   1 
ATOM   122 C CB  . ILE A 1 25  ? 7.582   8.281   -2.397  1.00 45.87 ? 25  ILE A CB  1 
ATOM   123 C CG1 . ILE A 1 25  ? 7.840   6.796   -2.187  1.00 46.66 ? 25  ILE A CG1 1 
ATOM   124 C CG2 . ILE A 1 25  ? 6.711   8.801   -1.262  1.00 41.19 ? 25  ILE A CG2 1 
ATOM   125 C CD1 . ILE A 1 25  ? 8.581   6.511   -0.911  1.00 44.35 ? 25  ILE A CD1 1 
ATOM   126 N N   . ASP A 1 26  ? 5.729   10.471  -4.665  1.00 54.61 ? 26  ASP A N   1 
ATOM   127 C CA  . ASP A 1 26  ? 5.447   11.866  -4.951  1.00 54.09 ? 26  ASP A CA  1 
ATOM   128 C C   . ASP A 1 26  ? 4.274   12.351  -4.117  1.00 54.79 ? 26  ASP A C   1 
ATOM   129 O O   . ASP A 1 26  ? 3.566   11.554  -3.493  1.00 50.66 ? 26  ASP A O   1 
ATOM   130 C CB  . ASP A 1 26  ? 5.144   12.047  -6.443  1.00 51.40 ? 26  ASP A CB  1 
ATOM   131 C CG  . ASP A 1 26  ? 6.273   11.551  -7.320  1.00 62.78 ? 26  ASP A CG  1 
ATOM   132 O OD1 . ASP A 1 26  ? 7.418   11.488  -6.818  1.00 62.36 ? 26  ASP A OD1 1 
ATOM   133 O OD2 . ASP A 1 26  ? 6.020   11.224  -8.500  1.00 69.05 ? 26  ASP A OD2 1 
ATOM   134 N N   . PRO A 1 27  ? 4.048   13.667  -4.059  1.00 55.65 ? 27  PRO A N   1 
ATOM   135 C CA  . PRO A 1 27  ? 2.852   14.177  -3.364  1.00 49.46 ? 27  PRO A CA  1 
ATOM   136 C C   . PRO A 1 27  ? 1.530   13.703  -3.961  1.00 48.12 ? 27  PRO A C   1 
ATOM   137 O O   . PRO A 1 27  ? 0.475   13.942  -3.359  1.00 46.42 ? 27  PRO A O   1 
ATOM   138 C CB  . PRO A 1 27  ? 3.000   15.697  -3.491  1.00 51.62 ? 27  PRO A CB  1 
ATOM   139 C CG  . PRO A 1 27  ? 4.479   15.911  -3.602  1.00 52.29 ? 27  PRO A CG  1 
ATOM   140 C CD  . PRO A 1 27  ? 4.997   14.747  -4.390  1.00 50.15 ? 27  PRO A CD  1 
ATOM   141 N N   . ASP A 1 28  ? 1.539   13.042  -5.108  1.00 50.26 ? 28  ASP A N   1 
ATOM   142 C CA  . ASP A 1 28  ? 0.295   12.648  -5.734  1.00 51.69 ? 28  ASP A CA  1 
ATOM   143 C C   . ASP A 1 28  ? 0.283   11.211  -6.237  1.00 47.26 ? 28  ASP A C   1 
ATOM   144 O O   . ASP A 1 28  ? -0.686  10.814  -6.889  1.00 49.16 ? 28  ASP A O   1 
ATOM   145 C CB  . ASP A 1 28  ? -0.025  13.599  -6.890  1.00 54.78 ? 28  ASP A CB  1 
ATOM   146 C CG  . ASP A 1 28  ? 1.039   13.576  -7.954  1.00 64.93 ? 28  ASP A CG  1 
ATOM   147 O OD1 . ASP A 1 28  ? 2.163   13.125  -7.639  1.00 64.57 ? 28  ASP A OD1 1 
ATOM   148 O OD2 . ASP A 1 28  ? 0.752   14.000  -9.097  1.00 70.43 ? 28  ASP A OD2 1 
ATOM   149 N N   . ARG A 1 29  ? 1.325   10.429  -5.970  1.00 52.12 ? 29  ARG A N   1 
ATOM   150 C CA  . ARG A 1 29  ? 1.379   9.043   -6.411  1.00 46.06 ? 29  ARG A CA  1 
ATOM   151 C C   . ARG A 1 29  ? 2.564   8.358   -5.755  1.00 53.12 ? 29  ARG A C   1 
ATOM   152 O O   . ARG A 1 29  ? 3.629   8.959   -5.614  1.00 55.71 ? 29  ARG A O   1 
ATOM   153 C CB  . ARG A 1 29  ? 1.508   8.943   -7.936  1.00 54.83 ? 29  ARG A CB  1 
ATOM   154 C CG  . ARG A 1 29  ? 1.582   7.503   -8.439  1.00 49.10 ? 29  ARG A CG  1 
ATOM   155 C CD  . ARG A 1 29  ? 1.652   7.438   -9.958  1.00 59.05 ? 29  ARG A CD  1 
ATOM   156 N NE  . ARG A 1 29  ? 2.625   8.393   -10.476 1.00 76.53 ? 29  ARG A NE  1 
ATOM   157 C CZ  . ARG A 1 29  ? 3.255   8.268   -11.639 1.00 80.34 ? 29  ARG A CZ  1 
ATOM   158 N NH1 . ARG A 1 29  ? 4.120   9.200   -12.022 1.00 70.79 ? 29  ARG A NH1 1 
ATOM   159 N NH2 . ARG A 1 29  ? 3.025   7.211   -12.412 1.00 84.51 ? 29  ARG A NH2 1 
ATOM   160 N N   . ALA A 1 30  ? 2.377   7.104   -5.364  1.00 46.77 ? 30  ALA A N   1 
ATOM   161 C CA  . ALA A 1 30  ? 3.478   6.252   -4.948  1.00 47.36 ? 30  ALA A CA  1 
ATOM   162 C C   . ALA A 1 30  ? 3.340   4.906   -5.650  1.00 46.01 ? 30  ALA A C   1 
ATOM   163 O O   . ALA A 1 30  ? 2.224   4.423   -5.854  1.00 44.54 ? 30  ALA A O   1 
ATOM   164 C CB  . ALA A 1 30  ? 3.504   6.076   -3.433  1.00 42.03 ? 30  ALA A CB  1 
ATOM   165 N N   . VAL A 1 31  ? 4.471   4.321   -6.049  1.00 52.47 ? 31  VAL A N   1 
ATOM   166 C CA  . VAL A 1 31  ? 4.518   3.038   -6.745  1.00 43.38 ? 31  VAL A CA  1 
ATOM   167 C C   . VAL A 1 31  ? 5.565   2.176   -6.065  1.00 46.90 ? 31  VAL A C   1 
ATOM   168 O O   . VAL A 1 31  ? 6.667   2.650   -5.769  1.00 46.00 ? 31  VAL A O   1 
ATOM   169 C CB  . VAL A 1 31  ? 4.860   3.185   -8.246  1.00 49.30 ? 31  VAL A CB  1 
ATOM   170 C CG1 . VAL A 1 31  ? 4.871   1.808   -8.929  1.00 43.76 ? 31  VAL A CG1 1 
ATOM   171 C CG2 . VAL A 1 31  ? 3.904   4.133   -8.944  1.00 43.26 ? 31  VAL A CG2 1 
ATOM   172 N N   . ALA A 1 32  ? 5.226   0.914   -5.815  1.00 38.55 ? 32  ALA A N   1 
ATOM   173 C CA  . ALA A 1 32  ? 6.160   -0.010  -5.193  1.00 42.94 ? 32  ALA A CA  1 
ATOM   174 C C   . ALA A 1 32  ? 5.990   -1.395  -5.805  1.00 50.61 ? 32  ALA A C   1 
ATOM   175 O O   . ALA A 1 32  ? 4.883   -1.791  -6.183  1.00 43.52 ? 32  ALA A O   1 
ATOM   176 C CB  . ALA A 1 32  ? 5.966   -0.053  -3.674  1.00 40.14 ? 32  ALA A CB  1 
ATOM   177 N N   . TYR A 1 33  ? 7.103   -2.119  -5.920  1.00 49.56 ? 33  TYR A N   1 
ATOM   178 C CA  . TYR A 1 33  ? 7.113   -3.480  -6.440  1.00 49.38 ? 33  TYR A CA  1 
ATOM   179 C C   . TYR A 1 33  ? 7.437   -4.428  -5.299  1.00 51.82 ? 33  TYR A C   1 
ATOM   180 O O   . TYR A 1 33  ? 8.162   -4.076  -4.364  1.00 51.33 ? 33  TYR A O   1 
ATOM   181 C CB  . TYR A 1 33  ? 8.136   -3.670  -7.581  1.00 47.93 ? 33  TYR A CB  1 
ATOM   182 C CG  . TYR A 1 33  ? 7.995   -2.678  -8.723  1.00 52.04 ? 33  TYR A CG  1 
ATOM   183 C CD1 . TYR A 1 33  ? 6.909   -2.733  -9.586  1.00 64.12 ? 33  TYR A CD1 1 
ATOM   184 C CD2 . TYR A 1 33  ? 8.945   -1.677  -8.933  1.00 65.39 ? 33  TYR A CD2 1 
ATOM   185 C CE1 . TYR A 1 33  ? 6.762   -1.818  -10.631 1.00 61.04 ? 33  TYR A CE1 1 
ATOM   186 C CE2 . TYR A 1 33  ? 8.805   -0.751  -9.973  1.00 59.62 ? 33  TYR A CE2 1 
ATOM   187 C CZ  . TYR A 1 33  ? 7.709   -0.834  -10.819 1.00 66.26 ? 33  TYR A CZ  1 
ATOM   188 O OH  . TYR A 1 33  ? 7.547   0.059   -11.856 1.00 70.68 ? 33  TYR A OH  1 
ATOM   189 N N   . TRP A 1 34  ? 6.875   -5.627  -5.371  1.00 43.25 ? 34  TRP A N   1 
ATOM   190 C CA  . TRP A 1 34  ? 7.097   -6.648  -4.357  1.00 43.40 ? 34  TRP A CA  1 
ATOM   191 C C   . TRP A 1 34  ? 6.685   -7.993  -4.947  1.00 49.08 ? 34  TRP A C   1 
ATOM   192 O O   . TRP A 1 34  ? 6.300   -8.092  -6.115  1.00 47.72 ? 34  TRP A O   1 
ATOM   193 C CB  . TRP A 1 34  ? 6.332   -6.336  -3.070  1.00 45.83 ? 34  TRP A CB  1 
ATOM   194 C CG  . TRP A 1 34  ? 4.827   -6.138  -3.244  1.00 47.78 ? 34  TRP A CG  1 
ATOM   195 C CD1 . TRP A 1 34  ? 4.198   -5.119  -3.922  1.00 40.85 ? 34  TRP A CD1 1 
ATOM   196 C CD2 . TRP A 1 34  ? 3.784   -6.955  -2.692  1.00 40.33 ? 34  TRP A CD2 1 
ATOM   197 N NE1 . TRP A 1 34  ? 2.831   -5.265  -3.826  1.00 40.08 ? 34  TRP A NE1 1 
ATOM   198 C CE2 . TRP A 1 34  ? 2.552   -6.384  -3.080  1.00 42.09 ? 34  TRP A CE2 1 
ATOM   199 C CE3 . TRP A 1 34  ? 3.772   -8.118  -1.907  1.00 42.37 ? 34  TRP A CE3 1 
ATOM   200 C CZ2 . TRP A 1 34  ? 1.318   -6.939  -2.710  1.00 40.14 ? 34  TRP A CZ2 1 
ATOM   201 C CZ3 . TRP A 1 34  ? 2.547   -8.666  -1.538  1.00 39.13 ? 34  TRP A CZ3 1 
ATOM   202 C CH2 . TRP A 1 34  ? 1.338   -8.069  -1.935  1.00 40.15 ? 34  TRP A CH2 1 
ATOM   203 N N   . SER A 1 35  ? 6.754   -9.029  -4.118  1.00 46.42 ? 35  SER A N   1 
ATOM   204 C CA  . SER A 1 35  ? 6.499   -10.378 -4.579  1.00 49.91 ? 35  SER A CA  1 
ATOM   205 C C   . SER A 1 35  ? 6.001   -11.231 -3.423  1.00 50.65 ? 35  SER A C   1 
ATOM   206 O O   . SER A 1 35  ? 6.385   -11.020 -2.269  1.00 50.96 ? 35  SER A O   1 
ATOM   207 C CB  . SER A 1 35  ? 7.767   -10.995 -5.171  1.00 52.57 ? 35  SER A CB  1 
ATOM   208 O OG  . SER A 1 35  ? 7.656   -12.411 -5.161  1.00 71.93 ? 35  SER A OG  1 
ATOM   209 N N   . VAL A 1 36  ? 5.134   -12.195 -3.747  1.00 41.23 ? 36  VAL A N   1 
ATOM   210 C CA  . VAL A 1 36  ? 4.776   -13.222 -2.779  1.00 48.05 ? 36  VAL A CA  1 
ATOM   211 C C   . VAL A 1 36  ? 6.039   -13.993 -2.421  1.00 51.43 ? 36  VAL A C   1 
ATOM   212 O O   . VAL A 1 36  ? 6.885   -14.274 -3.280  1.00 55.29 ? 36  VAL A O   1 
ATOM   213 C CB  . VAL A 1 36  ? 3.684   -14.154 -3.340  1.00 41.54 ? 36  VAL A CB  1 
ATOM   214 C CG1 . VAL A 1 36  ? 3.268   -15.188 -2.308  1.00 40.82 ? 36  VAL A CG1 1 
ATOM   215 C CG2 . VAL A 1 36  ? 2.479   -13.353 -3.783  1.00 43.83 ? 36  VAL A CG2 1 
ATOM   216 N N   . ARG A 1 37  ? 6.189   -14.307 -1.142  1.00 46.30 ? 37  ARG A N   1 
ATOM   217 C CA  . ARG A 1 37  ? 7.311   -15.088 -0.658  1.00 45.35 ? 37  ARG A CA  1 
ATOM   218 C C   . ARG A 1 37  ? 6.753   -16.131 0.278   1.00 50.72 ? 37  ARG A C   1 
ATOM   219 O O   . ARG A 1 37  ? 5.684   -15.941 0.861   1.00 49.31 ? 37  ARG A O   1 
ATOM   220 C CB  . ARG A 1 37  ? 8.358   -14.244 0.101   1.00 54.88 ? 37  ARG A CB  1 
ATOM   221 C CG  . ARG A 1 37  ? 8.950   -13.072 -0.661  1.00 54.40 ? 37  ARG A CG  1 
ATOM   222 C CD  . ARG A 1 37  ? 10.116  -12.472 0.136   1.00 56.23 ? 37  ARG A CD  1 
ATOM   223 N NE  . ARG A 1 37  ? 9.787   -12.368 1.556   1.00 60.96 ? 37  ARG A NE  1 
ATOM   224 C CZ  . ARG A 1 37  ? 9.589   -11.225 2.212   1.00 56.92 ? 37  ARG A CZ  1 
ATOM   225 N NH1 . ARG A 1 37  ? 9.705   -10.055 1.594   1.00 58.53 ? 37  ARG A NH1 1 
ATOM   226 N NH2 . ARG A 1 37  ? 9.278   -11.258 3.497   1.00 56.26 ? 37  ARG A NH2 1 
ATOM   227 N N   . ALA A 1 38  ? 7.487   -17.235 0.421   1.00 54.74 ? 38  ALA A N   1 
ATOM   228 C CA  . ALA A 1 38  ? 6.982   -18.350 1.214   1.00 55.33 ? 38  ALA A CA  1 
ATOM   229 C C   . ALA A 1 38  ? 6.669   -17.933 2.648   1.00 52.94 ? 38  ALA A C   1 
ATOM   230 O O   . ALA A 1 38  ? 5.727   -18.454 3.255   1.00 49.55 ? 38  ALA A O   1 
ATOM   231 C CB  . ALA A 1 38  ? 7.986   -19.504 1.189   1.00 48.98 ? 38  ALA A CB  1 
ATOM   232 N N   . ASP A 1 39  ? 7.422   -16.985 3.206   1.00 50.97 ? 39  ASP A N   1 
ATOM   233 C CA  . ASP A 1 39  ? 7.163   -16.567 4.578   1.00 49.53 ? 39  ASP A CA  1 
ATOM   234 C C   . ASP A 1 39  ? 5.918   -15.694 4.709   1.00 46.66 ? 39  ASP A C   1 
ATOM   235 O O   . ASP A 1 39  ? 5.492   -15.426 5.833   1.00 47.10 ? 39  ASP A O   1 
ATOM   236 C CB  . ASP A 1 39  ? 8.386   -15.832 5.156   1.00 54.62 ? 39  ASP A CB  1 
ATOM   237 C CG  . ASP A 1 39  ? 8.746   -14.579 4.383   1.00 56.37 ? 39  ASP A CG  1 
ATOM   238 O OD1 . ASP A 1 39  ? 9.093   -14.699 3.191   1.00 62.22 ? 39  ASP A OD1 1 
ATOM   239 O OD2 . ASP A 1 39  ? 8.700   -13.470 4.968   1.00 62.16 ? 39  ASP A OD2 1 
ATOM   240 N N   . LEU A 1 40  ? 5.316   -15.274 3.597   1.00 49.12 ? 40  LEU A N   1 
ATOM   241 C CA  . LEU A 1 40  ? 4.158   -14.394 3.595   1.00 45.77 ? 40  LEU A CA  1 
ATOM   242 C C   . LEU A 1 40  ? 2.846   -15.135 3.382   1.00 48.05 ? 40  LEU A C   1 
ATOM   243 O O   . LEU A 1 40  ? 1.817   -14.492 3.158   1.00 49.96 ? 40  LEU A O   1 
ATOM   244 C CB  . LEU A 1 40  ? 4.319   -13.320 2.513   1.00 41.22 ? 40  LEU A CB  1 
ATOM   245 C CG  . LEU A 1 40  ? 5.523   -12.392 2.654   1.00 47.99 ? 40  LEU A CG  1 
ATOM   246 C CD1 . LEU A 1 40  ? 5.524   -11.318 1.578   1.00 45.38 ? 40  LEU A CD1 1 
ATOM   247 C CD2 . LEU A 1 40  ? 5.544   -11.764 4.050   1.00 41.38 ? 40  LEU A CD2 1 
ATOM   248 N N   . LEU A 1 41  ? 2.852   -16.460 3.448   1.00 47.84 ? 41  LEU A N   1 
ATOM   249 C CA  . LEU A 1 41  ? 1.708   -17.263 3.046   1.00 44.48 ? 41  LEU A CA  1 
ATOM   250 C C   . LEU A 1 41  ? 0.816   -17.600 4.228   1.00 46.53 ? 41  LEU A C   1 
ATOM   251 O O   . LEU A 1 41  ? 1.258   -17.633 5.380   1.00 48.19 ? 41  LEU A O   1 
ATOM   252 C CB  . LEU A 1 41  ? 2.168   -18.571 2.399   1.00 47.00 ? 41  LEU A CB  1 
ATOM   253 C CG  . LEU A 1 41  ? 3.038   -18.437 1.160   1.00 49.94 ? 41  LEU A CG  1 
ATOM   254 C CD1 . LEU A 1 41  ? 3.667   -19.781 0.827   1.00 49.57 ? 41  LEU A CD1 1 
ATOM   255 C CD2 . LEU A 1 41  ? 2.206   -17.897 -0.001  1.00 49.83 ? 41  LEU A CD2 1 
ATOM   256 N N   . GLN A 1 42  ? -0.449  -17.847 3.925   1.00 40.47 ? 42  GLN A N   1 
ATOM   257 C CA  . GLN A 1 42  ? -1.365  -18.483 4.860   1.00 45.82 ? 42  GLN A CA  1 
ATOM   258 C C   . GLN A 1 42  ? -1.356  -19.992 4.592   1.00 52.29 ? 42  GLN A C   1 
ATOM   259 O O   . GLN A 1 42  ? -0.681  -20.443 3.671   1.00 45.32 ? 42  GLN A O   1 
ATOM   260 C CB  . GLN A 1 42  ? -2.740  -17.817 4.731   1.00 40.75 ? 42  GLN A CB  1 
ATOM   261 C CG  . GLN A 1 42  ? -3.310  -17.705 3.326   1.00 49.13 ? 42  GLN A CG  1 
ATOM   262 C CD  . GLN A 1 42  ? -4.303  -18.831 3.038   1.00 52.31 ? 42  GLN A CD  1 
ATOM   263 O OE1 . GLN A 1 42  ? -4.146  -19.930 3.545   1.00 56.61 ? 42  GLN A OE1 1 
ATOM   264 N NE2 . GLN A 1 42  ? -5.345  -18.539 2.281   1.00 41.21 ? 42  GLN A NE2 1 
ATOM   265 N N   . PRO A 1 43  ? -2.039  -20.821 5.398   1.00 54.20 ? 43  PRO A N   1 
ATOM   266 C CA  . PRO A 1 43  ? -1.753  -22.279 5.356   1.00 56.77 ? 43  PRO A CA  1 
ATOM   267 C C   . PRO A 1 43  ? -2.065  -22.990 4.039   1.00 56.21 ? 43  PRO A C   1 
ATOM   268 O O   . PRO A 1 43  ? -1.582  -24.106 3.836   1.00 59.71 ? 43  PRO A O   1 
ATOM   269 C CB  . PRO A 1 43  ? -2.624  -22.848 6.484   1.00 57.27 ? 43  PRO A CB  1 
ATOM   270 C CG  . PRO A 1 43  ? -2.925  -21.731 7.353   1.00 60.23 ? 43  PRO A CG  1 
ATOM   271 C CD  . PRO A 1 43  ? -2.942  -20.491 6.516   1.00 58.18 ? 43  PRO A CD  1 
ATOM   272 N N   . HIS A 1 44  ? -2.861  -22.408 3.148   1.00 55.52 ? 44  HIS A N   1 
ATOM   273 C CA  . HIS A 1 44  ? -3.184  -23.037 1.876   1.00 60.40 ? 44  HIS A CA  1 
ATOM   274 C C   . HIS A 1 44  ? -2.296  -22.544 0.740   1.00 64.59 ? 44  HIS A C   1 
ATOM   275 O O   . HIS A 1 44  ? -2.690  -22.630 -0.429  1.00 63.41 ? 44  HIS A O   1 
ATOM   276 C CB  . HIS A 1 44  ? -4.658  -22.810 1.546   1.00 61.83 ? 44  HIS A CB  1 
ATOM   277 C CG  . HIS A 1 44  ? -5.579  -23.164 2.668   1.00 57.94 ? 44  HIS A CG  1 
ATOM   278 N ND1 . HIS A 1 44  ? -6.627  -22.360 3.053   1.00 60.62 ? 44  HIS A ND1 1 
ATOM   279 C CD2 . HIS A 1 44  ? -5.600  -24.236 3.497   1.00 62.50 ? 44  HIS A CD2 1 
ATOM   280 C CE1 . HIS A 1 44  ? -7.255  -22.920 4.075   1.00 66.73 ? 44  HIS A CE1 1 
ATOM   281 N NE2 . HIS A 1 44  ? -6.654  -24.061 4.360   1.00 63.53 ? 44  HIS A NE2 1 
ATOM   282 N N   . GLY A 1 45  ? -1.115  -22.012 1.055   1.00 51.08 ? 45  GLY A N   1 
ATOM   283 C CA  . GLY A 1 45  ? -0.148  -21.741 0.014   1.00 47.01 ? 45  GLY A CA  1 
ATOM   284 C C   . GLY A 1 45  ? -0.414  -20.529 -0.845  1.00 56.36 ? 45  GLY A C   1 
ATOM   285 O O   . GLY A 1 45  ? 0.221   -20.389 -1.896  1.00 60.24 ? 45  GLY A O   1 
ATOM   286 N N   . ILE A 1 46  ? -1.325  -19.642 -0.444  1.00 49.16 ? 46  ILE A N   1 
ATOM   287 C CA  . ILE A 1 46  ? -1.500  -18.360 -1.112  1.00 50.95 ? 46  ILE A CA  1 
ATOM   288 C C   . ILE A 1 46  ? -1.151  -17.234 -0.134  1.00 44.93 ? 46  ILE A C   1 
ATOM   289 O O   . ILE A 1 46  ? -0.947  -17.447 1.058   1.00 43.18 ? 46  ILE A O   1 
ATOM   290 C CB  . ILE A 1 46  ? -2.919  -18.176 -1.679  1.00 48.50 ? 46  ILE A CB  1 
ATOM   291 C CG1 . ILE A 1 46  ? -3.955  -18.233 -0.564  1.00 45.92 ? 46  ILE A CG1 1 
ATOM   292 C CG2 . ILE A 1 46  ? -3.224  -19.260 -2.696  1.00 55.03 ? 46  ILE A CG2 1 
ATOM   293 C CD1 . ILE A 1 46  ? -5.361  -17.990 -1.069  1.00 52.54 ? 46  ILE A CD1 1 
ATOM   294 N N   . LEU A 1 47  ? -1.063  -16.028 -0.672  1.00 44.91 ? 47  LEU A N   1 
ATOM   295 C CA  . LEU A 1 47  ? -0.694  -14.879 0.144   1.00 44.50 ? 47  LEU A CA  1 
ATOM   296 C C   . LEU A 1 47  ? -1.705  -14.666 1.265   1.00 44.30 ? 47  LEU A C   1 
ATOM   297 O O   . LEU A 1 47  ? -2.919  -14.682 1.036   1.00 42.80 ? 47  LEU A O   1 
ATOM   298 C CB  . LEU A 1 47  ? -0.605  -13.633 -0.725  1.00 42.98 ? 47  LEU A CB  1 
ATOM   299 C CG  . LEU A 1 47  ? -0.076  -12.394 0.003   1.00 47.14 ? 47  LEU A CG  1 
ATOM   300 C CD1 . LEU A 1 47  ? 1.352   -12.624 0.462   1.00 38.65 ? 47  LEU A CD1 1 
ATOM   301 C CD2 . LEU A 1 47  ? -0.163  -11.195 -0.892  1.00 44.69 ? 47  LEU A CD2 1 
ATOM   302 N N   . HIS A 1 48  ? -1.189  -14.515 2.486   1.00 43.36 ? 48  HIS A N   1 
ATOM   303 C CA  . HIS A 1 48  ? -1.980  -14.077 3.633   1.00 42.66 ? 48  HIS A CA  1 
ATOM   304 C C   . HIS A 1 48  ? -2.627  -12.733 3.310   1.00 39.23 ? 48  HIS A C   1 
ATOM   305 O O   . HIS A 1 48  ? -1.960  -11.817 2.831   1.00 38.83 ? 48  HIS A O   1 
ATOM   306 C CB  . HIS A 1 48  ? -1.053  -13.971 4.852   1.00 44.50 ? 48  HIS A CB  1 
ATOM   307 C CG  . HIS A 1 48  ? -1.752  -13.787 6.166   1.00 40.23 ? 48  HIS A CG  1 
ATOM   308 N ND1 . HIS A 1 48  ? -2.509  -12.676 6.462   1.00 40.06 ? 48  HIS A ND1 1 
ATOM   309 C CD2 . HIS A 1 48  ? -1.763  -14.555 7.281   1.00 40.96 ? 48  HIS A CD2 1 
ATOM   310 C CE1 . HIS A 1 48  ? -2.972  -12.775 7.697   1.00 41.79 ? 48  HIS A CE1 1 
ATOM   311 N NE2 . HIS A 1 48  ? -2.540  -13.910 8.212   1.00 44.55 ? 48  HIS A NE2 1 
ATOM   312 N N   . GLY A 1 49  ? -3.945  -12.640 3.506   1.00 36.55 ? 49  GLY A N   1 
ATOM   313 C CA  . GLY A 1 49  ? -4.658  -11.435 3.101   1.00 34.82 ? 49  GLY A CA  1 
ATOM   314 C C   . GLY A 1 49  ? -4.169  -10.196 3.836   1.00 41.59 ? 49  GLY A C   1 
ATOM   315 O O   . GLY A 1 49  ? -4.136  -9.100  3.276   1.00 36.71 ? 49  GLY A O   1 
ATOM   316 N N   . GLY A 1 50  ? -3.773  -10.360 5.096   1.00 37.85 ? 50  GLY A N   1 
ATOM   317 C CA  . GLY A 1 50  ? -3.198  -9.247  5.833   1.00 37.63 ? 50  GLY A CA  1 
ATOM   318 C C   . GLY A 1 50  ? -2.007  -8.620  5.139   1.00 38.67 ? 50  GLY A C   1 
ATOM   319 O O   . GLY A 1 50  ? -1.736  -7.434  5.322   1.00 41.70 ? 50  GLY A O   1 
ATOM   320 N N   . VAL A 1 51  ? -1.290  -9.392  4.310   1.00 39.25 ? 51  VAL A N   1 
ATOM   321 C CA  . VAL A 1 51  ? -0.147  -8.817  3.604   1.00 40.25 ? 51  VAL A CA  1 
ATOM   322 C C   . VAL A 1 51  ? -0.616  -7.787  2.577   1.00 40.50 ? 51  VAL A C   1 
ATOM   323 O O   . VAL A 1 51  ? -0.019  -6.714  2.442   1.00 41.25 ? 51  VAL A O   1 
ATOM   324 C CB  . VAL A 1 51  ? 0.708   -9.927  2.962   1.00 42.42 ? 51  VAL A CB  1 
ATOM   325 C CG1 . VAL A 1 51  ? 1.854   -9.321  2.145   1.00 37.62 ? 51  VAL A CG1 1 
ATOM   326 C CG2 . VAL A 1 51  ? 1.261   -10.848 4.034   1.00 41.54 ? 51  VAL A CG2 1 
ATOM   327 N N   . HIS A 1 52  ? -1.701  -8.089  1.853   1.00 33.74 ? 52  HIS A N   1 
ATOM   328 C CA  . HIS A 1 52  ? -2.309  -7.105  0.960   1.00 36.95 ? 52  HIS A CA  1 
ATOM   329 C C   . HIS A 1 52  ? -2.688  -5.824  1.702   1.00 38.82 ? 52  HIS A C   1 
ATOM   330 O O   . HIS A 1 52  ? -2.459  -4.719  1.199   1.00 37.62 ? 52  HIS A O   1 
ATOM   331 C CB  . HIS A 1 52  ? -3.549  -7.701  0.287   1.00 36.20 ? 52  HIS A CB  1 
ATOM   332 C CG  . HIS A 1 52  ? -3.243  -8.589  -0.879  1.00 39.30 ? 52  HIS A CG  1 
ATOM   333 N ND1 . HIS A 1 52  ? -2.353  -8.235  -1.870  1.00 38.50 ? 52  HIS A ND1 1 
ATOM   334 C CD2 . HIS A 1 52  ? -3.739  -9.800  -1.233  1.00 45.91 ? 52  HIS A CD2 1 
ATOM   335 C CE1 . HIS A 1 52  ? -2.300  -9.197  -2.776  1.00 39.42 ? 52  HIS A CE1 1 
ATOM   336 N NE2 . HIS A 1 52  ? -3.132  -10.160 -2.411  1.00 43.10 ? 52  HIS A NE2 1 
ATOM   337 N N   . CYS A 1 53  ? -3.303  -5.953  2.883   1.00 36.71 ? 53  CYS A N   1 
ATOM   338 C CA  . CYS A 1 53  ? -3.696  -4.770  3.645   1.00 36.83 ? 53  CYS A CA  1 
ATOM   339 C C   . CYS A 1 53  ? -2.479  -3.953  4.062   1.00 39.60 ? 53  CYS A C   1 
ATOM   340 O O   . CYS A 1 53  ? -2.484  -2.720  3.960   1.00 37.16 ? 53  CYS A O   1 
ATOM   341 C CB  . CYS A 1 53  ? -4.486  -5.181  4.882   1.00 35.89 ? 53  CYS A CB  1 
ATOM   342 S SG  . CYS A 1 53  ? -5.893  -6.265  4.577   1.00 40.32 ? 53  CYS A SG  1 
ATOM   343 N N   . ALA A 1 54  ? -1.428  -4.630  4.542   1.00 38.65 ? 54  ALA A N   1 
ATOM   344 C CA  . ALA A 1 54  ? -0.220  -3.934  4.966   1.00 39.80 ? 54  ALA A CA  1 
ATOM   345 C C   . ALA A 1 54  ? 0.482   -3.269  3.787   1.00 42.70 ? 54  ALA A C   1 
ATOM   346 O O   . ALA A 1 54  ? 1.027   -2.170  3.924   1.00 39.09 ? 54  ALA A O   1 
ATOM   347 C CB  . ALA A 1 54  ? 0.716   -4.903  5.682   1.00 35.00 ? 54  ALA A CB  1 
ATOM   348 N N   . VAL A 1 55  ? 0.486   -3.913  2.618   1.00 37.68 ? 55  VAL A N   1 
ATOM   349 C CA  . VAL A 1 55  ? 1.058   -3.264  1.441   1.00 39.15 ? 55  VAL A CA  1 
ATOM   350 C C   . VAL A 1 55  ? 0.242   -2.033  1.070   1.00 38.06 ? 55  VAL A C   1 
ATOM   351 O O   . VAL A 1 55  ? 0.793   -0.964  0.773   1.00 37.72 ? 55  VAL A O   1 
ATOM   352 C CB  . VAL A 1 55  ? 1.144   -4.256  0.265   1.00 41.96 ? 55  VAL A CB  1 
ATOM   353 C CG1 . VAL A 1 55  ? 1.307   -3.507  -1.051  1.00 36.89 ? 55  VAL A CG1 1 
ATOM   354 C CG2 . VAL A 1 55  ? 2.299   -5.209  0.471   1.00 41.62 ? 55  VAL A CG2 1 
ATOM   355 N N   . VAL A 1 56  ? -1.085  -2.169  1.066   1.00 39.45 ? 56  VAL A N   1 
ATOM   356 C CA  . VAL A 1 56  ? -1.952  -1.026  0.788   1.00 36.17 ? 56  VAL A CA  1 
ATOM   357 C C   . VAL A 1 56  ? -1.688  0.096   1.787   1.00 39.14 ? 56  VAL A C   1 
ATOM   358 O O   . VAL A 1 56  ? -1.599  1.272   1.419   1.00 37.64 ? 56  VAL A O   1 
ATOM   359 C CB  . VAL A 1 56  ? -3.432  -1.470  0.813   1.00 35.62 ? 56  VAL A CB  1 
ATOM   360 C CG1 . VAL A 1 56  ? -4.355  -0.267  0.888   1.00 37.72 ? 56  VAL A CG1 1 
ATOM   361 C CG2 . VAL A 1 56  ? -3.773  -2.289  -0.417  1.00 35.29 ? 56  VAL A CG2 1 
ATOM   362 N N   . GLU A 1 57  ? -1.577  -0.248  3.067   1.00 38.33 ? 57  GLU A N   1 
ATOM   363 C CA  . GLU A 1 57  ? -1.308  0.774   4.072   1.00 42.12 ? 57  GLU A CA  1 
ATOM   364 C C   . GLU A 1 57  ? 0.035   1.448   3.812   1.00 44.62 ? 57  GLU A C   1 
ATOM   365 O O   . GLU A 1 57  ? 0.164   2.678   3.933   1.00 39.39 ? 57  GLU A O   1 
ATOM   366 C CB  . GLU A 1 57  ? -1.333  0.143   5.467   1.00 36.57 ? 57  GLU A CB  1 
ATOM   367 C CG  . GLU A 1 57  ? -1.204  1.151   6.598   1.00 44.36 ? 57  GLU A CG  1 
ATOM   368 C CD  . GLU A 1 57  ? -2.549  1.676   7.041   1.00 45.65 ? 57  GLU A CD  1 
ATOM   369 O OE1 . GLU A 1 57  ? -3.570  1.047   6.666   1.00 47.42 ? 57  GLU A OE1 1 
ATOM   370 O OE2 . GLU A 1 57  ? -2.586  2.701   7.762   1.00 51.05 ? 57  GLU A OE2 1 
ATOM   371 N N   . SER A 1 58  ? 1.043   0.657   3.433   1.00 39.35 ? 58  SER A N   1 
ATOM   372 C CA  . SER A 1 58  ? 2.395   1.188   3.277   1.00 36.39 ? 58  SER A CA  1 
ATOM   373 C C   . SER A 1 58  ? 2.466   2.189   2.130   1.00 39.76 ? 58  SER A C   1 
ATOM   374 O O   . SER A 1 58  ? 3.038   3.281   2.270   1.00 43.38 ? 58  SER A O   1 
ATOM   375 C CB  . SER A 1 58  ? 3.377   0.037   3.039   1.00 34.16 ? 58  SER A CB  1 
ATOM   376 O OG  . SER A 1 58  ? 3.372   -0.904  4.093   1.00 36.40 ? 58  SER A OG  1 
ATOM   377 N N   . VAL A 1 59  ? 1.904   1.825   0.978   1.00 33.97 ? 59  VAL A N   1 
ATOM   378 C CA  . VAL A 1 59  ? 2.087   2.647   -0.208  1.00 37.84 ? 59  VAL A CA  1 
ATOM   379 C C   . VAL A 1 59  ? 1.251   3.912   -0.106  1.00 41.18 ? 59  VAL A C   1 
ATOM   380 O O   . VAL A 1 59  ? 1.683   4.992   -0.532  1.00 43.41 ? 59  VAL A O   1 
ATOM   381 C CB  . VAL A 1 59  ? 1.766   1.815   -1.469  1.00 37.80 ? 59  VAL A CB  1 
ATOM   382 C CG1 . VAL A 1 59  ? 2.035   2.607   -2.726  1.00 41.65 ? 59  VAL A CG1 1 
ATOM   383 C CG2 . VAL A 1 59  ? 2.610   0.540   -1.476  1.00 36.89 ? 59  VAL A CG2 1 
ATOM   384 N N   . ALA A 1 60  ? 0.070   3.822   0.499   1.00 35.87 ? 60  ALA A N   1 
ATOM   385 C CA  . ALA A 1 60  ? -0.752  5.015   0.664   1.00 36.73 ? 60  ALA A CA  1 
ATOM   386 C C   . ALA A 1 60  ? -0.160  5.967   1.707   1.00 39.89 ? 60  ALA A C   1 
ATOM   387 O O   . ALA A 1 60  ? -0.098  7.182   1.480   1.00 38.72 ? 60  ALA A O   1 
ATOM   388 C CB  . ALA A 1 60  ? -2.176  4.611   1.045   1.00 38.75 ? 60  ALA A CB  1 
ATOM   389 N N   . SER A 1 61  ? 0.273   5.442   2.858   1.00 40.33 ? 61  SER A N   1 
ATOM   390 C CA  . SER A 1 61  ? 0.784   6.322   3.909   1.00 41.29 ? 61  SER A CA  1 
ATOM   391 C C   . SER A 1 61  ? 2.063   7.010   3.470   1.00 44.60 ? 61  SER A C   1 
ATOM   392 O O   . SER A 1 61  ? 2.295   8.170   3.820   1.00 39.24 ? 61  SER A O   1 
ATOM   393 C CB  . SER A 1 61  ? 1.044   5.544   5.196   1.00 41.65 ? 61  SER A CB  1 
ATOM   394 O OG  . SER A 1 61  ? -0.159  5.047   5.752   1.00 41.78 ? 61  SER A OG  1 
ATOM   395 N N   . ALA A 1 62  ? 2.913   6.301   2.725   1.00 43.59 ? 62  ALA A N   1 
ATOM   396 C CA  . ALA A 1 62  ? 4.104   6.926   2.156   1.00 41.60 ? 62  ALA A CA  1 
ATOM   397 C C   . ALA A 1 62  ? 3.728   8.130   1.305   1.00 50.30 ? 62  ALA A C   1 
ATOM   398 O O   . ALA A 1 62  ? 4.309   9.214   1.447   1.00 47.50 ? 62  ALA A O   1 
ATOM   399 C CB  . ALA A 1 62  ? 4.887   5.911   1.315   1.00 41.91 ? 62  ALA A CB  1 
ATOM   400 N N   . ALA A 1 63  ? 2.753   7.957   0.404   1.00 42.78 ? 63  ALA A N   1 
ATOM   401 C CA  . ALA A 1 63  ? 2.329   9.072   -0.431  1.00 43.32 ? 63  ALA A CA  1 
ATOM   402 C C   . ALA A 1 63  ? 1.696   10.179  0.404   1.00 44.08 ? 63  ALA A C   1 
ATOM   403 O O   . ALA A 1 63  ? 1.990   11.361  0.198   1.00 41.44 ? 63  ALA A O   1 
ATOM   404 C CB  . ALA A 1 63  ? 1.363   8.588   -1.509  1.00 44.66 ? 63  ALA A CB  1 
ATOM   405 N N   . ALA A 1 64  ? 0.821   9.815   1.348   1.00 42.60 ? 64  ALA A N   1 
ATOM   406 C CA  . ALA A 1 64  ? 0.158   10.810  2.186   1.00 40.19 ? 64  ALA A CA  1 
ATOM   407 C C   . ALA A 1 64  ? 1.168   11.614  2.995   1.00 46.98 ? 64  ALA A C   1 
ATOM   408 O O   . ALA A 1 64  ? 1.033   12.838  3.150   1.00 42.79 ? 64  ALA A O   1 
ATOM   409 C CB  . ALA A 1 64  ? -0.828  10.122  3.127   1.00 36.34 ? 64  ALA A CB  1 
ATOM   410 N N   . ASP A 1 65  ? 2.164   10.929  3.557   1.00 42.78 ? 65  ASP A N   1 
ATOM   411 C CA  . ASP A 1 65  ? 3.197   11.604  4.331   1.00 48.26 ? 65  ASP A CA  1 
ATOM   412 C C   . ASP A 1 65  ? 3.994   12.555  3.448   1.00 44.72 ? 65  ASP A C   1 
ATOM   413 O O   . ASP A 1 65  ? 4.274   13.689  3.838   1.00 51.88 ? 65  ASP A O   1 
ATOM   414 C CB  . ASP A 1 65  ? 4.102   10.554  4.965   1.00 48.50 ? 65  ASP A CB  1 
ATOM   415 C CG  . ASP A 1 65  ? 4.862   11.081  6.144   1.00 50.40 ? 65  ASP A CG  1 
ATOM   416 O OD1 . ASP A 1 65  ? 4.272   11.829  6.955   1.00 54.44 ? 65  ASP A OD1 1 
ATOM   417 O OD2 . ASP A 1 65  ? 6.050   10.731  6.258   1.00 56.66 ? 65  ASP A OD2 1 
ATOM   418 N N   . ARG A 1 66  ? 4.325   12.111  2.233   1.00 47.22 ? 66  ARG A N   1 
ATOM   419 C CA  . ARG A 1 66  ? 5.045   12.948  1.283   1.00 45.02 ? 66  ARG A CA  1 
ATOM   420 C C   . ARG A 1 66  ? 4.213   14.150  0.856   1.00 45.96 ? 66  ARG A C   1 
ATOM   421 O O   . ARG A 1 66  ? 4.754   15.244  0.668   1.00 49.51 ? 66  ARG A O   1 
ATOM   422 C CB  . ARG A 1 66  ? 5.460   12.108  0.072   1.00 46.22 ? 66  ARG A CB  1 
ATOM   423 C CG  . ARG A 1 66  ? 6.113   12.890  -1.067  1.00 53.66 ? 66  ARG A CG  1 
ATOM   424 C CD  . ARG A 1 66  ? 7.442   13.533  -0.659  1.00 52.21 ? 66  ARG A CD  1 
ATOM   425 N NE  . ARG A 1 66  ? 8.018   14.312  -1.757  1.00 58.20 ? 66  ARG A NE  1 
ATOM   426 C CZ  . ARG A 1 66  ? 7.784   15.606  -1.968  1.00 59.15 ? 66  ARG A CZ  1 
ATOM   427 N NH1 . ARG A 1 66  ? 6.988   16.285  -1.146  1.00 61.75 ? 66  ARG A NH1 1 
ATOM   428 N NH2 . ARG A 1 66  ? 8.348   16.220  -3.000  1.00 59.01 ? 66  ARG A NH2 1 
ATOM   429 N N   . TRP A 1 67  ? 2.895   13.978  0.707   1.00 47.20 ? 67  TRP A N   1 
ATOM   430 C CA  . TRP A 1 67  ? 2.064   15.125  0.346   1.00 42.68 ? 67  TRP A CA  1 
ATOM   431 C C   . TRP A 1 67  ? 2.029   16.152  1.470   1.00 48.16 ? 67  TRP A C   1 
ATOM   432 O O   . TRP A 1 67  ? 2.100   17.356  1.215   1.00 47.18 ? 67  TRP A O   1 
ATOM   433 C CB  . TRP A 1 67  ? 0.639   14.691  -0.005  1.00 42.04 ? 67  TRP A CB  1 
ATOM   434 C CG  . TRP A 1 67  ? -0.279  15.861  -0.343  1.00 46.44 ? 67  TRP A CG  1 
ATOM   435 C CD1 . TRP A 1 67  ? -0.362  16.524  -1.541  1.00 48.64 ? 67  TRP A CD1 1 
ATOM   436 C CD2 . TRP A 1 67  ? -1.228  16.499  0.529   1.00 38.36 ? 67  TRP A CD2 1 
ATOM   437 N NE1 . TRP A 1 67  ? -1.308  17.528  -1.463  1.00 42.81 ? 67  TRP A NE1 1 
ATOM   438 C CE2 . TRP A 1 67  ? -1.849  17.531  -0.204  1.00 38.22 ? 67  TRP A CE2 1 
ATOM   439 C CE3 . TRP A 1 67  ? -1.614  16.292  1.856   1.00 40.53 ? 67  TRP A CE3 1 
ATOM   440 C CZ2 . TRP A 1 67  ? -2.835  18.350  0.346   1.00 34.80 ? 67  TRP A CZ2 1 
ATOM   441 C CZ3 . TRP A 1 67  ? -2.600  17.103  2.398   1.00 39.97 ? 67  TRP A CZ3 1 
ATOM   442 C CH2 . TRP A 1 67  ? -3.198  18.116  1.644   1.00 44.56 ? 67  TRP A CH2 1 
ATOM   443 N N   . LEU A 1 68  ? 1.892   15.694  2.718   1.00 48.38 ? 68  LEU A N   1 
ATOM   444 C CA  . LEU A 1 68  ? 1.826   16.630  3.833   1.00 50.52 ? 68  LEU A CA  1 
ATOM   445 C C   . LEU A 1 68  ? 3.172   17.320  4.034   1.00 50.43 ? 68  LEU A C   1 
ATOM   446 O O   . LEU A 1 68  ? 3.215   18.507  4.376   1.00 52.28 ? 68  LEU A O   1 
ATOM   447 C CB  . LEU A 1 68  ? 1.362   15.914  5.104   1.00 41.36 ? 68  LEU A CB  1 
ATOM   448 C CG  . LEU A 1 68  ? 0.774   16.761  6.235   1.00 52.65 ? 68  LEU A CG  1 
ATOM   449 C CD1 . LEU A 1 68  ? -0.439  17.565  5.764   1.00 56.49 ? 68  LEU A CD1 1 
ATOM   450 C CD2 . LEU A 1 68  ? 0.393   15.907  7.432   1.00 52.34 ? 68  LEU A CD2 1 
ATOM   451 N N   . GLY A 1 69  ? 4.275   16.607  3.791   1.00 52.79 ? 69  GLY A N   1 
ATOM   452 C CA  . GLY A 1 69  ? 5.590   17.237  3.749   1.00 48.80 ? 69  GLY A CA  1 
ATOM   453 C C   . GLY A 1 69  ? 5.977   17.900  5.060   1.00 56.08 ? 69  GLY A C   1 
ATOM   454 O O   . GLY A 1 69  ? 5.678   17.406  6.156   1.00 50.32 ? 69  GLY A O   1 
ATOM   455 N N   . ASP A 1 70  ? 6.650   19.051  4.953   1.00 55.86 ? 70  ASP A N   1 
ATOM   456 C CA  . ASP A 1 70  ? 7.086   19.766  6.148   1.00 58.76 ? 70  ASP A CA  1 
ATOM   457 C C   . ASP A 1 70  ? 5.923   20.286  6.984   1.00 55.71 ? 70  ASP A C   1 
ATOM   458 O O   . ASP A 1 70  ? 6.157   20.727  8.113   1.00 60.44 ? 70  ASP A O   1 
ATOM   459 C CB  . ASP A 1 70  ? 8.011   20.941  5.771   1.00 50.61 ? 70  ASP A CB  1 
ATOM   460 N N   . ARG A 1 71  ? 4.685   20.242  6.479   1.00 49.60 ? 71  ARG A N   1 
ATOM   461 C CA  . ARG A 1 71  ? 3.576   20.882  7.182   1.00 53.91 ? 71  ARG A CA  1 
ATOM   462 C C   . ARG A 1 71  ? 2.995   20.032  8.309   1.00 57.83 ? 71  ARG A C   1 
ATOM   463 O O   . ARG A 1 71  ? 2.052   20.480  8.972   1.00 61.14 ? 71  ARG A O   1 
ATOM   464 C CB  . ARG A 1 71  ? 2.467   21.271  6.196   1.00 43.49 ? 71  ARG A CB  1 
ATOM   465 N N   . GLY A 1 72  ? 3.524   18.843  8.563   1.00 58.50 ? 72  GLY A N   1 
ATOM   466 C CA  . GLY A 1 72  ? 2.992   18.001  9.619   1.00 57.90 ? 72  GLY A CA  1 
ATOM   467 C C   . GLY A 1 72  ? 3.231   16.533  9.324   1.00 52.46 ? 72  GLY A C   1 
ATOM   468 O O   . GLY A 1 72  ? 4.108   16.179  8.537   1.00 56.85 ? 72  GLY A O   1 
ATOM   469 N N   . THR A 1 73  ? 2.441   15.679  9.977   1.00 53.74 ? 73  THR A N   1 
ATOM   470 C CA  . THR A 1 73  ? 2.591   14.237  9.798   1.00 60.48 ? 73  THR A CA  1 
ATOM   471 C C   . THR A 1 73  ? 1.233   13.531  9.823   1.00 46.71 ? 73  THR A C   1 
ATOM   472 O O   . THR A 1 73  ? 0.237   14.061  10.326  1.00 47.67 ? 73  THR A O   1 
ATOM   473 C CB  . THR A 1 73  ? 3.514   13.664  10.873  1.00 63.06 ? 73  THR A CB  1 
ATOM   474 O OG1 . THR A 1 73  ? 3.853   12.315  10.533  1.00 64.69 ? 73  THR A OG1 1 
ATOM   475 C CG2 . THR A 1 73  ? 2.837   13.731  12.249  1.00 54.06 ? 73  THR A CG2 1 
ATOM   476 N N   . VAL A 1 74  ? 1.208   12.309  9.284   1.00 48.70 ? 74  VAL A N   1 
ATOM   477 C CA  . VAL A 1 74  ? -0.035  11.559  9.111   1.00 47.18 ? 74  VAL A CA  1 
ATOM   478 C C   . VAL A 1 74  ? -0.064  10.351  10.043  1.00 46.12 ? 74  VAL A C   1 
ATOM   479 O O   . VAL A 1 74  ? 0.969   9.762   10.383  1.00 46.00 ? 74  VAL A O   1 
ATOM   480 C CB  . VAL A 1 74  ? -0.236  11.113  7.646   1.00 47.78 ? 74  VAL A CB  1 
ATOM   481 C CG1 . VAL A 1 74  ? 0.023   12.262  6.706   1.00 44.53 ? 74  VAL A CG1 1 
ATOM   482 C CG2 . VAL A 1 74  ? 0.663   9.936   7.303   1.00 46.76 ? 74  VAL A CG2 1 
ATOM   483 N N   . VAL A 1 75  ? -1.271  9.980   10.450  1.00 44.91 ? 75  VAL A N   1 
ATOM   484 C CA  . VAL A 1 75  ? -1.525  8.774   11.234  1.00 45.39 ? 75  VAL A CA  1 
ATOM   485 C C   . VAL A 1 75  ? -2.620  7.980   10.531  1.00 45.19 ? 75  VAL A C   1 
ATOM   486 O O   . VAL A 1 75  ? -3.601  8.564   10.057  1.00 42.11 ? 75  VAL A O   1 
ATOM   487 C CB  . VAL A 1 75  ? -1.935  9.123   12.688  1.00 48.24 ? 75  VAL A CB  1 
ATOM   488 C CG1 . VAL A 1 75  ? -2.999  10.185  12.682  1.00 48.69 ? 75  VAL A CG1 1 
ATOM   489 C CG2 . VAL A 1 75  ? -2.443  7.897   13.429  1.00 53.91 ? 75  VAL A CG2 1 
ATOM   490 N N   . GLY A 1 76  ? -2.445  6.661   10.441  1.00 40.14 ? 76  GLY A N   1 
ATOM   491 C CA  . GLY A 1 76  ? -3.482  5.819   9.860   1.00 34.27 ? 76  GLY A CA  1 
ATOM   492 C C   . GLY A 1 76  ? -4.756  5.829   10.694  1.00 39.65 ? 76  GLY A C   1 
ATOM   493 O O   . GLY A 1 76  ? -4.720  5.743   11.924  1.00 40.37 ? 76  GLY A O   1 
ATOM   494 N N   . VAL A 1 77  ? -5.894  5.964   10.005  1.00 37.49 ? 77  VAL A N   1 
ATOM   495 C CA  . VAL A 1 77  ? -7.222  5.951   10.619  1.00 36.09 ? 77  VAL A CA  1 
ATOM   496 C C   . VAL A 1 77  ? -7.988  4.663   10.289  1.00 39.62 ? 77  VAL A C   1 
ATOM   497 O O   . VAL A 1 77  ? -8.587  4.056   11.172  1.00 37.34 ? 77  VAL A O   1 
ATOM   498 C CB  . VAL A 1 77  ? -8.043  7.198   10.208  1.00 36.89 ? 77  VAL A CB  1 
ATOM   499 C CG1 . VAL A 1 77  ? -9.436  7.161   10.844  1.00 36.81 ? 77  VAL A CG1 1 
ATOM   500 C CG2 . VAL A 1 77  ? -7.323  8.481   10.593  1.00 36.80 ? 77  VAL A CG2 1 
ATOM   501 N N   . SER A 1 78  ? -8.009  4.252   9.018   1.00 33.85 ? 78  SER A N   1 
ATOM   502 C CA  . SER A 1 78  ? -8.689  3.011   8.640   1.00 38.06 ? 78  SER A CA  1 
ATOM   503 C C   . SER A 1 78  ? -8.205  2.527   7.284   1.00 39.90 ? 78  SER A C   1 
ATOM   504 O O   . SER A 1 78  ? -7.669  3.292   6.479   1.00 37.66 ? 78  SER A O   1 
ATOM   505 C CB  . SER A 1 78  ? -10.220 3.156   8.613   1.00 41.11 ? 78  SER A CB  1 
ATOM   506 O OG  . SER A 1 78  ? -10.660 4.115   7.665   1.00 47.22 ? 78  SER A OG  1 
ATOM   507 N N   . ASN A 1 79  ? -8.444  1.240   7.037   1.00 35.37 ? 79  ASN A N   1 
ATOM   508 C CA  . ASN A 1 79  ? -7.975  0.551   5.844   1.00 32.81 ? 79  ASN A CA  1 
ATOM   509 C C   . ASN A 1 79  ? -9.026  -0.478  5.443   1.00 41.16 ? 79  ASN A C   1 
ATOM   510 O O   . ASN A 1 79  ? -9.385  -1.342  6.250   1.00 37.64 ? 79  ASN A O   1 
ATOM   511 C CB  . ASN A 1 79  ? -6.625  -0.121  6.129   1.00 35.98 ? 79  ASN A CB  1 
ATOM   512 C CG  . ASN A 1 79  ? -6.106  -0.940  4.961   1.00 40.10 ? 79  ASN A CG  1 
ATOM   513 O OD1 . ASN A 1 79  ? -6.845  -1.693  4.323   1.00 39.88 ? 79  ASN A OD1 1 
ATOM   514 N ND2 . ASN A 1 79  ? -4.815  -0.810  4.687   1.00 39.34 ? 79  ASN A ND2 1 
ATOM   515 N N   A SER A 1 80  ? -9.473  -0.410  4.192   0.50 38.42 ? 80  SER A N   1 
ATOM   516 N N   B SER A 1 80  ? -9.540  -0.377  4.215   0.50 38.40 ? 80  SER A N   1 
ATOM   517 C CA  A SER A 1 80  ? -10.441 -1.351  3.636   0.50 39.99 ? 80  SER A CA  1 
ATOM   518 C CA  B SER A 1 80  ? -10.443 -1.380  3.651   0.50 39.98 ? 80  SER A CA  1 
ATOM   519 C C   A SER A 1 80  ? -9.851  -1.913  2.349   0.50 37.98 ? 80  SER A C   1 
ATOM   520 C C   B SER A 1 80  ? -9.822  -1.908  2.369   0.50 37.87 ? 80  SER A C   1 
ATOM   521 O O   A SER A 1 80  ? -9.731  -1.185  1.360   0.50 38.20 ? 80  SER A O   1 
ATOM   522 O O   B SER A 1 80  ? -9.666  -1.154  1.403   0.50 38.18 ? 80  SER A O   1 
ATOM   523 C CB  A SER A 1 80  ? -11.776 -0.655  3.368   0.50 37.75 ? 80  SER A CB  1 
ATOM   524 C CB  B SER A 1 80  ? -11.832 -0.796  3.363   0.50 37.67 ? 80  SER A CB  1 
ATOM   525 O OG  A SER A 1 80  ? -12.808 -1.585  3.154   0.50 36.22 ? 80  SER A OG  1 
ATOM   526 O OG  B SER A 1 80  ? -12.385 -0.177  4.510   0.50 40.72 ? 80  SER A OG  1 
ATOM   527 N N   . THR A 1 81  ? -9.472  -3.192  2.359   1.00 34.14 ? 81  THR A N   1 
ATOM   528 C CA  . THR A 1 81  ? -8.837  -3.834  1.215   1.00 34.80 ? 81  THR A CA  1 
ATOM   529 C C   . THR A 1 81  ? -9.680  -5.022  0.752   1.00 40.04 ? 81  THR A C   1 
ATOM   530 O O   . THR A 1 81  ? -10.115 -5.833  1.580   1.00 35.46 ? 81  THR A O   1 
ATOM   531 C CB  . THR A 1 81  ? -7.402  -4.281  1.570   1.00 35.12 ? 81  THR A CB  1 
ATOM   532 O OG1 . THR A 1 81  ? -6.601  -3.143  1.913   1.00 39.91 ? 81  THR A OG1 1 
ATOM   533 C CG2 . THR A 1 81  ? -6.722  -4.993  0.402   1.00 32.94 ? 81  THR A CG2 1 
ATOM   534 N N   . ASP A 1 82  ? -9.920  -5.103  -0.564  1.00 38.23 ? 82  ASP A N   1 
ATOM   535 C CA  . ASP A 1 82  ? -10.580 -6.230  -1.232  1.00 41.37 ? 82  ASP A CA  1 
ATOM   536 C C   . ASP A 1 82  ? -9.536  -7.096  -1.928  1.00 39.90 ? 82  ASP A C   1 
ATOM   537 O O   . ASP A 1 82  ? -8.630  -6.574  -2.582  1.00 42.40 ? 82  ASP A O   1 
ATOM   538 C CB  . ASP A 1 82  ? -11.578 -5.760  -2.298  1.00 40.30 ? 82  ASP A CB  1 
ATOM   539 C CG  . ASP A 1 82  ? -12.771 -5.001  -1.726  1.00 46.21 ? 82  ASP A CG  1 
ATOM   540 O OD1 . ASP A 1 82  ? -13.426 -5.516  -0.795  1.00 45.06 ? 82  ASP A OD1 1 
ATOM   541 O OD2 . ASP A 1 82  ? -13.074 -3.898  -2.244  1.00 48.67 ? 82  ASP A OD2 1 
ATOM   542 N N   . PHE A 1 83  ? -9.671  -8.414  -1.799  1.00 36.88 ? 83  PHE A N   1 
ATOM   543 C CA  . PHE A 1 83  ? -8.785  -9.375  -2.449  1.00 42.11 ? 83  PHE A CA  1 
ATOM   544 C C   . PHE A 1 83  ? -9.532  -10.023 -3.608  1.00 42.28 ? 83  PHE A C   1 
ATOM   545 O O   . PHE A 1 83  ? -10.540 -10.701 -3.392  1.00 46.03 ? 83  PHE A O   1 
ATOM   546 C CB  . PHE A 1 83  ? -8.307  -10.452 -1.473  1.00 37.64 ? 83  PHE A CB  1 
ATOM   547 C CG  . PHE A 1 83  ? -8.065  -9.957  -0.077  1.00 44.77 ? 83  PHE A CG  1 
ATOM   548 C CD1 . PHE A 1 83  ? -7.091  -8.993  0.179   1.00 40.12 ? 83  PHE A CD1 1 
ATOM   549 C CD2 . PHE A 1 83  ? -8.794  -10.468 0.986   1.00 41.93 ? 83  PHE A CD2 1 
ATOM   550 C CE1 . PHE A 1 83  ? -6.855  -8.533  1.477   1.00 37.06 ? 83  PHE A CE1 1 
ATOM   551 C CE2 . PHE A 1 83  ? -8.575  -10.014 2.289   1.00 36.18 ? 83  PHE A CE2 1 
ATOM   552 C CZ  . PHE A 1 83  ? -7.594  -9.039  2.535   1.00 37.86 ? 83  PHE A CZ  1 
ATOM   553 N N   . PHE A 1 84  ? -9.035  -9.829  -4.828  1.00 40.84 ? 84  PHE A N   1 
ATOM   554 C CA  . PHE A 1 84  ? -9.754  -10.260 -6.018  1.00 36.53 ? 84  PHE A CA  1 
ATOM   555 C C   . PHE A 1 84  ? -9.223  -11.545 -6.630  1.00 46.85 ? 84  PHE A C   1 
ATOM   556 O O   . PHE A 1 84  ? -9.993  -12.267 -7.270  1.00 50.82 ? 84  PHE A O   1 
ATOM   557 C CB  . PHE A 1 84  ? -9.741  -9.159  -7.078  1.00 38.85 ? 84  PHE A CB  1 
ATOM   558 C CG  . PHE A 1 84  ? -10.531 -7.963  -6.684  1.00 43.65 ? 84  PHE A CG  1 
ATOM   559 C CD1 . PHE A 1 84  ? -11.914 -7.993  -6.742  1.00 39.43 ? 84  PHE A CD1 1 
ATOM   560 C CD2 . PHE A 1 84  ? -9.899  -6.830  -6.189  1.00 44.61 ? 84  PHE A CD2 1 
ATOM   561 C CE1 . PHE A 1 84  ? -12.656 -6.897  -6.344  1.00 45.49 ? 84  PHE A CE1 1 
ATOM   562 C CE2 . PHE A 1 84  ? -10.639 -5.720  -5.800  1.00 40.51 ? 84  PHE A CE2 1 
ATOM   563 C CZ  . PHE A 1 84  ? -12.016 -5.760  -5.871  1.00 41.50 ? 84  PHE A CZ  1 
ATOM   564 N N   . ALA A 1 85  ? -7.940  -11.848 -6.470  1.00 43.72 ? 85  ALA A N   1 
ATOM   565 C CA  . ALA A 1 85  ? -7.387  -13.090 -6.984  1.00 53.06 ? 85  ALA A CA  1 
ATOM   566 C C   . ALA A 1 85  ? -6.441  -13.650 -5.940  1.00 51.44 ? 85  ALA A C   1 
ATOM   567 O O   . ALA A 1 85  ? -5.882  -12.887 -5.141  1.00 45.41 ? 85  ALA A O   1 
ATOM   568 C CB  . ALA A 1 85  ? -6.646  -12.881 -8.313  1.00 44.64 ? 85  ALA A CB  1 
ATOM   569 N N   . PRO A 1 86  ? -6.285  -14.973 -5.875  1.00 46.39 ? 86  PRO A N   1 
ATOM   570 C CA  . PRO A 1 86  ? -5.255  -15.546 -5.004  1.00 44.95 ? 86  PRO A CA  1 
ATOM   571 C C   . PRO A 1 86  ? -3.892  -15.283 -5.607  1.00 51.69 ? 86  PRO A C   1 
ATOM   572 O O   . PRO A 1 86  ? -3.733  -15.232 -6.830  1.00 52.29 ? 86  PRO A O   1 
ATOM   573 C CB  . PRO A 1 86  ? -5.569  -17.053 -4.991  1.00 47.80 ? 86  PRO A CB  1 
ATOM   574 C CG  . PRO A 1 86  ? -6.807  -17.229 -5.817  1.00 48.56 ? 86  PRO A CG  1 
ATOM   575 C CD  . PRO A 1 86  ? -6.987  -16.008 -6.653  1.00 53.04 ? 86  PRO A CD  1 
ATOM   576 N N   . ALA A 1 87  ? -2.899  -15.107 -4.740  1.00 48.56 ? 87  ALA A N   1 
ATOM   577 C CA  . ALA A 1 87  ? -1.545  -14.787 -5.171  1.00 41.76 ? 87  ALA A CA  1 
ATOM   578 C C   . ALA A 1 87  ? -0.579  -15.804 -4.588  1.00 43.99 ? 87  ALA A C   1 
ATOM   579 O O   . ALA A 1 87  ? -0.664  -16.139 -3.404  1.00 44.28 ? 87  ALA A O   1 
ATOM   580 C CB  . ALA A 1 87  ? -1.160  -13.375 -4.755  1.00 46.26 ? 87  ALA A CB  1 
ATOM   581 N N   . THR A 1 88  ? 0.322   -16.316 -5.425  1.00 39.92 ? 88  THR A N   1 
ATOM   582 C CA  . THR A 1 88  ? 1.355   -17.239 -4.977  1.00 41.73 ? 88  THR A CA  1 
ATOM   583 C C   . THR A 1 88  ? 2.705   -16.755 -5.468  1.00 45.28 ? 88  THR A C   1 
ATOM   584 O O   . THR A 1 88  ? 2.811   -15.773 -6.214  1.00 39.56 ? 88  THR A O   1 
ATOM   585 C CB  . THR A 1 88  ? 1.122   -18.660 -5.497  1.00 45.86 ? 88  THR A CB  1 
ATOM   586 O OG1 . THR A 1 88  ? 1.023   -18.605 -6.923  1.00 43.13 ? 88  THR A OG1 1 
ATOM   587 C CG2 . THR A 1 88  ? -0.155  -19.230 -4.933  1.00 49.74 ? 88  THR A CG2 1 
ATOM   588 N N   . VAL A 1 89  ? 3.745   -17.488 -5.064  1.00 38.91 ? 89  VAL A N   1 
ATOM   589 C CA  . VAL A 1 89  ? 5.080   -17.231 -5.584  1.00 45.62 ? 89  VAL A CA  1 
ATOM   590 C C   . VAL A 1 89  ? 5.098   -17.308 -7.107  1.00 44.96 ? 89  VAL A C   1 
ATOM   591 O O   . VAL A 1 89  ? 5.808   -16.541 -7.768  1.00 50.95 ? 89  VAL A O   1 
ATOM   592 C CB  . VAL A 1 89  ? 6.079   -18.207 -4.935  1.00 50.77 ? 89  VAL A CB  1 
ATOM   593 C CG1 . VAL A 1 89  ? 5.932   -18.148 -3.422  1.00 56.93 ? 89  VAL A CG1 1 
ATOM   594 C CG2 . VAL A 1 89  ? 5.871   -19.646 -5.434  1.00 55.38 ? 89  VAL A CG2 1 
ATOM   595 N N   . ALA A 1 90  ? 4.291   -18.195 -7.691  1.00 45.13 ? 90  ALA A N   1 
ATOM   596 C CA  . ALA A 1 90  ? 4.267   -18.339 -9.141  1.00 49.38 ? 90  ALA A CA  1 
ATOM   597 C C   . ALA A 1 90  ? 3.791   -17.074 -9.841  1.00 52.57 ? 90  ALA A C   1 
ATOM   598 O O   . ALA A 1 90  ? 4.086   -16.883 -11.024 1.00 46.92 ? 90  ALA A O   1 
ATOM   599 C CB  . ALA A 1 90  ? 3.379   -19.519 -9.540  1.00 44.65 ? 90  ALA A CB  1 
ATOM   600 N N   . ASP A 1 91  ? 3.080   -16.196 -9.147  1.00 49.38 ? 91  ASP A N   1 
ATOM   601 C CA  . ASP A 1 91  ? 2.484   -15.070 -9.845  1.00 50.29 ? 91  ASP A CA  1 
ATOM   602 C C   . ASP A 1 91  ? 3.461   -13.930 -10.097 1.00 49.54 ? 91  ASP A C   1 
ATOM   603 O O   . ASP A 1 91  ? 3.085   -12.952 -10.758 1.00 51.23 ? 91  ASP A O   1 
ATOM   604 C CB  . ASP A 1 91  ? 1.245   -14.599 -9.084  1.00 53.33 ? 91  ASP A CB  1 
ATOM   605 C CG  . ASP A 1 91  ? 0.128   -15.629 -9.141  1.00 57.12 ? 91  ASP A CG  1 
ATOM   606 O OD1 . ASP A 1 91  ? -0.530  -15.738 -10.204 1.00 61.56 ? 91  ASP A OD1 1 
ATOM   607 O OD2 . ASP A 1 91  ? -0.066  -16.358 -8.146  1.00 59.58 ? 91  ASP A OD2 1 
ATOM   608 N N   . GLY A 1 92  ? 4.709   -14.044 -9.639  1.00 41.61 ? 92  GLY A N   1 
ATOM   609 C CA  . GLY A 1 92  ? 5.713   -13.074 -10.032 1.00 47.58 ? 92  GLY A CA  1 
ATOM   610 C C   . GLY A 1 92  ? 5.544   -11.723 -9.351  1.00 51.55 ? 92  GLY A C   1 
ATOM   611 O O   . GLY A 1 92  ? 5.012   -11.614 -8.245  1.00 47.38 ? 92  GLY A O   1 
ATOM   612 N N   . ARG A 1 93  ? 6.004   -10.681 -10.039 1.00 49.81 ? 93  ARG A N   1 
ATOM   613 C CA  . ARG A 1 93  ? 6.168   -9.364  -9.437  1.00 49.72 ? 93  ARG A CA  1 
ATOM   614 C C   . ARG A 1 93  ? 4.864   -8.576  -9.414  1.00 50.85 ? 93  ARG A C   1 
ATOM   615 O O   . ARG A 1 93  ? 4.249   -8.339  -10.458 1.00 50.70 ? 93  ARG A O   1 
ATOM   616 C CB  . ARG A 1 93  ? 7.224   -8.574  -10.199 1.00 51.01 ? 93  ARG A CB  1 
ATOM   617 C CG  . ARG A 1 93  ? 7.212   -7.109  -9.884  1.00 52.39 ? 93  ARG A CG  1 
ATOM   618 C CD  . ARG A 1 93  ? 8.606   -6.538  -9.940  1.00 57.53 ? 93  ARG A CD  1 
ATOM   619 N NE  . ARG A 1 93  ? 8.924   -5.956  -11.239 1.00 68.89 ? 93  ARG A NE  1 
ATOM   620 C CZ  . ARG A 1 93  ? 10.103  -5.413  -11.539 1.00 80.90 ? 93  ARG A CZ  1 
ATOM   621 N NH1 . ARG A 1 93  ? 11.072  -5.382  -10.632 1.00 76.72 ? 93  ARG A NH1 1 
ATOM   622 N NH2 . ARG A 1 93  ? 10.317  -4.902  -12.746 1.00 94.36 ? 93  ARG A NH2 1 
ATOM   623 N N   . LEU A 1 94  ? 4.463   -8.142  -8.224  1.00 44.96 ? 94  LEU A N   1 
ATOM   624 C CA  . LEU A 1 94  ? 3.277   -7.318  -8.038  1.00 46.18 ? 94  LEU A CA  1 
ATOM   625 C C   . LEU A 1 94  ? 3.659   -5.837  -8.009  1.00 48.54 ? 94  LEU A C   1 
ATOM   626 O O   . LEU A 1 94  ? 4.738   -5.472  -7.544  1.00 44.84 ? 94  LEU A O   1 
ATOM   627 C CB  . LEU A 1 94  ? 2.565   -7.711  -6.740  1.00 42.40 ? 94  LEU A CB  1 
ATOM   628 C CG  . LEU A 1 94  ? 2.276   -9.207  -6.589  1.00 47.49 ? 94  LEU A CG  1 
ATOM   629 C CD1 . LEU A 1 94  ? 1.546   -9.506  -5.290  1.00 42.82 ? 94  LEU A CD1 1 
ATOM   630 C CD2 . LEU A 1 94  ? 1.489   -9.707  -7.779  1.00 39.94 ? 94  LEU A CD2 1 
ATOM   631 N N   . THR A 1 95  ? 2.770   -4.986  -8.523  1.00 44.95 ? 95  THR A N   1 
ATOM   632 C CA  . THR A 1 95  ? 2.963   -3.538  -8.519  1.00 43.79 ? 95  THR A CA  1 
ATOM   633 C C   . THR A 1 95  ? 1.804   -2.883  -7.785  1.00 48.94 ? 95  THR A C   1 
ATOM   634 O O   . THR A 1 95  ? 0.643   -3.059  -8.179  1.00 46.20 ? 95  THR A O   1 
ATOM   635 C CB  . THR A 1 95  ? 3.037   -2.966  -9.939  1.00 51.02 ? 95  THR A CB  1 
ATOM   636 O OG1 . THR A 1 95  ? 3.999   -3.686  -10.721 1.00 46.52 ? 95  THR A OG1 1 
ATOM   637 C CG2 . THR A 1 95  ? 3.400   -1.465  -9.890  1.00 42.05 ? 95  THR A CG2 1 
ATOM   638 N N   . SER A 1 96  ? 2.115   -2.095  -6.753  1.00 42.82 ? 96  SER A N   1 
ATOM   639 C CA  . SER A 1 96  ? 1.104   -1.396  -5.966  1.00 42.63 ? 96  SER A CA  1 
ATOM   640 C C   . SER A 1 96  ? 1.220   0.108   -6.163  1.00 44.69 ? 96  SER A C   1 
ATOM   641 O O   . SER A 1 96  ? 2.243   0.713   -5.818  1.00 50.16 ? 96  SER A O   1 
ATOM   642 C CB  . SER A 1 96  ? 1.232   -1.746  -4.490  1.00 44.10 ? 96  SER A CB  1 
ATOM   643 O OG  . SER A 1 96  ? 1.063   -3.135  -4.324  1.00 37.67 ? 96  SER A OG  1 
ATOM   644 N N   . THR A 1 97  ? 0.145   0.711   -6.655  1.00 45.41 ? 97  THR A N   1 
ATOM   645 C CA  . THR A 1 97  ? 0.102   2.124   -6.997  1.00 42.50 ? 97  THR A CA  1 
ATOM   646 C C   . THR A 1 97  ? -0.942  2.817   -6.135  1.00 46.95 ? 97  THR A C   1 
ATOM   647 O O   . THR A 1 97  ? -2.107  2.405   -6.124  1.00 47.72 ? 97  THR A O   1 
ATOM   648 C CB  . THR A 1 97  ? -0.240  2.293   -8.473  1.00 47.37 ? 97  THR A CB  1 
ATOM   649 O OG1 . THR A 1 97  ? 0.817   1.744   -9.265  1.00 50.23 ? 97  THR A OG1 1 
ATOM   650 C CG2 . THR A 1 97  ? -0.462  3.757   -8.805  1.00 39.67 ? 97  THR A CG2 1 
ATOM   651 N N   . ALA A 1 98  ? -0.532  3.871   -5.428  1.00 41.90 ? 98  ALA A N   1 
ATOM   652 C CA  . ALA A 1 98  ? -1.426  4.654   -4.586  1.00 38.80 ? 98  ALA A CA  1 
ATOM   653 C C   . ALA A 1 98  ? -1.799  5.949   -5.294  1.00 41.94 ? 98  ALA A C   1 
ATOM   654 O O   . ALA A 1 98  ? -0.924  6.690   -5.749  1.00 43.53 ? 98  ALA A O   1 
ATOM   655 C CB  . ALA A 1 98  ? -0.771  4.968   -3.236  1.00 42.65 ? 98  ALA A CB  1 
ATOM   656 N N   . LEU A 1 99  ? -3.093  6.227   -5.372  1.00 35.68 ? 99  LEU A N   1 
ATOM   657 C CA  . LEU A 1 99  ? -3.570  7.446   -5.993  1.00 38.83 ? 99  LEU A CA  1 
ATOM   658 C C   . LEU A 1 99  ? -4.493  8.169   -5.032  1.00 42.02 ? 99  LEU A C   1 
ATOM   659 O O   . LEU A 1 99  ? -5.202  7.532   -4.248  1.00 41.17 ? 99  LEU A O   1 
ATOM   660 C CB  . LEU A 1 99  ? -4.309  7.161   -7.309  1.00 41.06 ? 99  LEU A CB  1 
ATOM   661 C CG  . LEU A 1 99  ? -3.440  6.620   -8.449  1.00 44.71 ? 99  LEU A CG  1 
ATOM   662 C CD1 . LEU A 1 99  ? -4.307  6.274   -9.658  1.00 44.96 ? 99  LEU A CD1 1 
ATOM   663 C CD2 . LEU A 1 99  ? -2.357  7.643   -8.829  1.00 42.72 ? 99  LEU A CD2 1 
ATOM   664 N N   . PRO A 1 100 ? -4.492  9.500   -5.056  1.00 45.92 ? 100 PRO A N   1 
ATOM   665 C CA  . PRO A 1 100 ? -5.233  10.242  -4.037  1.00 44.19 ? 100 PRO A CA  1 
ATOM   666 C C   . PRO A 1 100 ? -6.701  10.338  -4.399  1.00 40.52 ? 100 PRO A C   1 
ATOM   667 O O   . PRO A 1 100 ? -7.067  10.497  -5.563  1.00 48.28 ? 100 PRO A O   1 
ATOM   668 C CB  . PRO A 1 100 ? -4.550  11.624  -4.032  1.00 45.65 ? 100 PRO A CB  1 
ATOM   669 C CG  . PRO A 1 100 ? -4.063  11.791  -5.438  1.00 47.74 ? 100 PRO A CG  1 
ATOM   670 C CD  . PRO A 1 100 ? -3.766  10.395  -5.981  1.00 44.88 ? 100 PRO A CD  1 
ATOM   671 N N   . VAL A 1 101 ? -7.545  10.217  -3.382  1.00 40.08 ? 101 VAL A N   1 
ATOM   672 C CA  . VAL A 1 101 ? -8.976  10.421  -3.528  1.00 38.53 ? 101 VAL A CA  1 
ATOM   673 C C   . VAL A 1 101 ? -9.390  11.783  -2.992  1.00 43.82 ? 101 VAL A C   1 
ATOM   674 O O   . VAL A 1 101 ? -10.129 12.518  -3.646  1.00 42.00 ? 101 VAL A O   1 
ATOM   675 C CB  . VAL A 1 101 ? -9.740  9.282   -2.815  1.00 40.01 ? 101 VAL A CB  1 
ATOM   676 C CG1 . VAL A 1 101 ? -11.232 9.550   -2.803  1.00 35.81 ? 101 VAL A CG1 1 
ATOM   677 C CG2 . VAL A 1 101 ? -9.402  7.927   -3.437  1.00 34.33 ? 101 VAL A CG2 1 
ATOM   678 N N   . HIS A 1 102 ? -8.879  12.137  -1.816  1.00 41.61 ? 102 HIS A N   1 
ATOM   679 C CA  . HIS A 1 102 ? -9.108  13.431  -1.191  1.00 41.59 ? 102 HIS A CA  1 
ATOM   680 C C   . HIS A 1 102 ? -7.900  13.747  -0.332  1.00 44.28 ? 102 HIS A C   1 
ATOM   681 O O   . HIS A 1 102 ? -7.391  12.867  0.365   1.00 38.24 ? 102 HIS A O   1 
ATOM   682 C CB  . HIS A 1 102 ? -10.378 13.402  -0.344  1.00 42.95 ? 102 HIS A CB  1 
ATOM   683 C CG  . HIS A 1 102 ? -10.585 14.611  0.505   1.00 47.77 ? 102 HIS A CG  1 
ATOM   684 N ND1 . HIS A 1 102 ? -11.027 15.813  -0.006  1.00 55.25 ? 102 HIS A ND1 1 
ATOM   685 C CD2 . HIS A 1 102 ? -10.441 14.798  1.841   1.00 49.02 ? 102 HIS A CD2 1 
ATOM   686 C CE1 . HIS A 1 102 ? -11.136 16.689  0.976   1.00 48.28 ? 102 HIS A CE1 1 
ATOM   687 N NE2 . HIS A 1 102 ? -10.792 16.098  2.107   1.00 49.15 ? 102 HIS A NE2 1 
ATOM   688 N N   . ARG A 1 103 ? -7.432  14.994  -0.403  1.00 45.39 ? 103 ARG A N   1 
ATOM   689 C CA  . ARG A 1 103 ? -6.273  15.452  0.368   1.00 44.68 ? 103 ARG A CA  1 
ATOM   690 C C   . ARG A 1 103 ? -6.650  16.816  0.930   1.00 46.89 ? 103 ARG A C   1 
ATOM   691 O O   . ARG A 1 103 ? -6.535  17.827  0.233   1.00 44.83 ? 103 ARG A O   1 
ATOM   692 C CB  . ARG A 1 103 ? -5.009  15.519  -0.490  1.00 43.93 ? 103 ARG A CB  1 
ATOM   693 C CG  . ARG A 1 103 ? -4.393  14.156  -0.795  1.00 41.12 ? 103 ARG A CG  1 
ATOM   694 C CD  . ARG A 1 103 ? -3.280  14.242  -1.849  1.00 38.69 ? 103 ARG A CD  1 
ATOM   695 N NE  . ARG A 1 103 ? -3.743  14.966  -3.028  1.00 45.17 ? 103 ARG A NE  1 
ATOM   696 C CZ  . ARG A 1 103 ? -2.995  15.228  -4.092  1.00 48.94 ? 103 ARG A CZ  1 
ATOM   697 N NH1 . ARG A 1 103 ? -1.734  14.828  -4.144  1.00 49.18 ? 103 ARG A NH1 1 
ATOM   698 N NH2 . ARG A 1 103 ? -3.517  15.895  -5.106  1.00 49.39 ? 103 ARG A NH2 1 
ATOM   699 N N   . GLY A 1 104 ? -7.127  16.837  2.172   1.00 46.66 ? 104 GLY A N   1 
ATOM   700 C CA  . GLY A 1 104 ? -7.639  18.068  2.744   1.00 46.88 ? 104 GLY A CA  1 
ATOM   701 C C   . GLY A 1 104 ? -6.885  18.551  3.966   1.00 43.25 ? 104 GLY A C   1 
ATOM   702 O O   . GLY A 1 104 ? -5.731  18.172  4.186   1.00 44.93 ? 104 GLY A O   1 
ATOM   703 N N   . ALA A 1 105 ? -7.537  19.379  4.781   1.00 46.23 ? 105 ALA A N   1 
ATOM   704 C CA  . ALA A 1 105 ? -6.878  19.927  5.959   1.00 52.32 ? 105 ALA A CA  1 
ATOM   705 C C   . ALA A 1 105 ? -6.617  18.838  6.991   1.00 47.49 ? 105 ALA A C   1 
ATOM   706 O O   . ALA A 1 105 ? -5.468  18.586  7.366   1.00 46.29 ? 105 ALA A O   1 
ATOM   707 C CB  . ALA A 1 105 ? -7.722  21.056  6.557   1.00 43.31 ? 105 ALA A CB  1 
ATOM   708 N N   . THR A 1 106 ? -7.673  18.159  7.443   1.00 46.69 ? 106 THR A N   1 
ATOM   709 C CA  . THR A 1 106 ? -7.537  17.167  8.501   1.00 46.86 ? 106 THR A CA  1 
ATOM   710 C C   . THR A 1 106 ? -7.450  15.724  8.002   1.00 47.27 ? 106 THR A C   1 
ATOM   711 O O   . THR A 1 106 ? -6.859  14.888  8.692   1.00 48.47 ? 106 THR A O   1 
ATOM   712 C CB  . THR A 1 106 ? -8.703  17.288  9.485   1.00 40.90 ? 106 THR A CB  1 
ATOM   713 O OG1 . THR A 1 106 ? -9.921  17.012  8.796   1.00 50.19 ? 106 THR A OG1 1 
ATOM   714 C CG2 . THR A 1 106 ? -8.769  18.737  10.068  1.00 48.71 ? 106 THR A CG2 1 
ATOM   715 N N   . GLN A 1 107 ? -8.008  15.402  6.837   1.00 42.89 ? 107 GLN A N   1 
ATOM   716 C CA  . GLN A 1 107 ? -8.122  14.018  6.376   1.00 46.83 ? 107 GLN A CA  1 
ATOM   717 C C   . GLN A 1 107 ? -7.479  13.832  5.008   1.00 41.52 ? 107 GLN A C   1 
ATOM   718 O O   . GLN A 1 107 ? -7.494  14.734  4.168   1.00 44.88 ? 107 GLN A O   1 
ATOM   719 C CB  . GLN A 1 107 ? -9.593  13.565  6.258   1.00 45.03 ? 107 GLN A CB  1 
ATOM   720 C CG  . GLN A 1 107 ? -10.437 13.671  7.528   1.00 54.78 ? 107 GLN A CG  1 
ATOM   721 C CD  . GLN A 1 107 ? -10.165 12.557  8.530   1.00 60.62 ? 107 GLN A CD  1 
ATOM   722 O OE1 . GLN A 1 107 ? -10.852 11.539  8.545   1.00 57.71 ? 107 GLN A OE1 1 
ATOM   723 N NE2 . GLN A 1 107 ? -9.177  12.767  9.398   1.00 63.27 ? 107 GLN A NE2 1 
ATOM   724 N N   . GLN A 1 108 ? -6.944  12.633  4.779   1.00 38.87 ? 108 GLN A N   1 
ATOM   725 C CA  . GLN A 1 108 ? -6.589  12.181  3.442   1.00 36.78 ? 108 GLN A CA  1 
ATOM   726 C C   . GLN A 1 108 ? -7.189  10.797  3.205   1.00 36.20 ? 108 GLN A C   1 
ATOM   727 O O   . GLN A 1 108 ? -7.227  9.963   4.117   1.00 36.84 ? 108 GLN A O   1 
ATOM   728 C CB  . GLN A 1 108 ? -5.074  12.121  3.241   1.00 34.81 ? 108 GLN A CB  1 
ATOM   729 C CG  . GLN A 1 108 ? -4.325  13.419  3.503   1.00 36.15 ? 108 GLN A CG  1 
ATOM   730 C CD  . GLN A 1 108 ? -2.893  13.294  3.079   1.00 40.08 ? 108 GLN A CD  1 
ATOM   731 O OE1 . GLN A 1 108 ? -2.600  12.799  1.984   1.00 43.80 ? 108 GLN A OE1 1 
ATOM   732 N NE2 . GLN A 1 108 ? -1.978  13.690  3.956   1.00 38.96 ? 108 GLN A NE2 1 
ATOM   733 N N   . VAL A 1 109 ? -7.661  10.554  1.981   1.00 35.87 ? 109 VAL A N   1 
ATOM   734 C CA  . VAL A 1 109 ? -8.063  9.221   1.542   1.00 37.56 ? 109 VAL A CA  1 
ATOM   735 C C   . VAL A 1 109 ? -7.309  8.891   0.256   1.00 41.40 ? 109 VAL A C   1 
ATOM   736 O O   . VAL A 1 109 ? -7.313  9.686   -0.692  1.00 39.83 ? 109 VAL A O   1 
ATOM   737 C CB  . VAL A 1 109 ? -9.588  9.109   1.332   1.00 36.17 ? 109 VAL A CB  1 
ATOM   738 C CG1 . VAL A 1 109 ? -9.953  7.717   0.747   1.00 34.31 ? 109 VAL A CG1 1 
ATOM   739 C CG2 . VAL A 1 109 ? -10.321 9.337   2.636   1.00 33.80 ? 109 VAL A CG2 1 
ATOM   740 N N   . TRP A 1 110 ? -6.648  7.732   0.236   1.00 34.02 ? 110 TRP A N   1 
ATOM   741 C CA  . TRP A 1 110 ? -5.887  7.252   -0.911  1.00 34.78 ? 110 TRP A CA  1 
ATOM   742 C C   . TRP A 1 110 ? -6.397  5.878   -1.333  1.00 41.68 ? 110 TRP A C   1 
ATOM   743 O O   . TRP A 1 110 ? -6.831  5.080   -0.500  1.00 37.09 ? 110 TRP A O   1 
ATOM   744 C CB  . TRP A 1 110 ? -4.396  7.156   -0.586  1.00 38.78 ? 110 TRP A CB  1 
ATOM   745 C CG  . TRP A 1 110 ? -3.712  8.479   -0.472  1.00 38.92 ? 110 TRP A CG  1 
ATOM   746 C CD1 . TRP A 1 110 ? -3.820  9.377   0.552   1.00 40.26 ? 110 TRP A CD1 1 
ATOM   747 C CD2 . TRP A 1 110 ? -2.818  9.059   -1.429  1.00 39.20 ? 110 TRP A CD2 1 
ATOM   748 N NE1 . TRP A 1 110 ? -3.046  10.487  0.288   1.00 40.12 ? 110 TRP A NE1 1 
ATOM   749 C CE2 . TRP A 1 110 ? -2.419  10.315  -0.920  1.00 41.13 ? 110 TRP A CE2 1 
ATOM   750 C CE3 . TRP A 1 110 ? -2.310  8.633   -2.666  1.00 40.36 ? 110 TRP A CE3 1 
ATOM   751 C CZ2 . TRP A 1 110 ? -1.534  11.154  -1.604  1.00 43.19 ? 110 TRP A CZ2 1 
ATOM   752 C CZ3 . TRP A 1 110 ? -1.434  9.460   -3.346  1.00 45.90 ? 110 TRP A CZ3 1 
ATOM   753 C CH2 . TRP A 1 110 ? -1.058  10.714  -2.816  1.00 48.81 ? 110 TRP A CH2 1 
ATOM   754 N N   . SER A 1 111 ? -6.331  5.609   -2.636  1.00 43.62 ? 111 SER A N   1 
ATOM   755 C CA  . SER A 1 111 ? -6.722  4.331   -3.217  1.00 39.38 ? 111 SER A CA  1 
ATOM   756 C C   . SER A 1 111 ? -5.486  3.634   -3.771  1.00 41.72 ? 111 SER A C   1 
ATOM   757 O O   . SER A 1 111 ? -4.702  4.248   -4.498  1.00 41.32 ? 111 SER A O   1 
ATOM   758 C CB  . SER A 1 111 ? -7.756  4.552   -4.325  1.00 40.76 ? 111 SER A CB  1 
ATOM   759 O OG  . SER A 1 111 ? -8.027  3.362   -5.019  1.00 48.37 ? 111 SER A OG  1 
ATOM   760 N N   . VAL A 1 112 ? -5.315  2.353   -3.442  1.00 41.00 ? 112 VAL A N   1 
ATOM   761 C CA  . VAL A 1 112 ? -4.140  1.588   -3.837  1.00 36.78 ? 112 VAL A CA  1 
ATOM   762 C C   . VAL A 1 112 ? -4.587  0.349   -4.607  1.00 43.30 ? 112 VAL A C   1 
ATOM   763 O O   . VAL A 1 112 ? -5.399  -0.440  -4.108  1.00 41.98 ? 112 VAL A O   1 
ATOM   764 C CB  . VAL A 1 112 ? -3.294  1.184   -2.622  1.00 37.81 ? 112 VAL A CB  1 
ATOM   765 C CG1 . VAL A 1 112 ? -2.076  0.422   -3.068  1.00 37.77 ? 112 VAL A CG1 1 
ATOM   766 C CG2 . VAL A 1 112 ? -2.896  2.423   -1.812  1.00 39.14 ? 112 VAL A CG2 1 
ATOM   767 N N   . GLU A 1 113 ? -4.037  0.164   -5.805  1.00 37.53 ? 113 GLU A N   1 
ATOM   768 C CA  . GLU A 1 113 ? -4.275  -1.027  -6.620  1.00 39.73 ? 113 GLU A CA  1 
ATOM   769 C C   . GLU A 1 113 ? -3.012  -1.871  -6.707  1.00 38.43 ? 113 GLU A C   1 
ATOM   770 O O   . GLU A 1 113 ? -1.939  -1.358  -7.047  1.00 46.20 ? 113 GLU A O   1 
ATOM   771 C CB  . GLU A 1 113 ? -4.723  -0.645  -8.030  1.00 43.05 ? 113 GLU A CB  1 
ATOM   772 C CG  . GLU A 1 113 ? -5.981  0.188   -8.099  1.00 47.66 ? 113 GLU A CG  1 
ATOM   773 C CD  . GLU A 1 113 ? -6.581  0.184   -9.491  1.00 63.46 ? 113 GLU A CD  1 
ATOM   774 O OE1 . GLU A 1 113 ? -6.212  -0.708  -10.286 1.00 57.49 ? 113 GLU A OE1 1 
ATOM   775 O OE2 . GLU A 1 113 ? -7.413  1.071   -9.787  1.00 72.38 ? 113 GLU A OE2 1 
ATOM   776 N N   . THR A 1 114 ? -3.138  -3.157  -6.401  1.00 36.75 ? 114 THR A N   1 
ATOM   777 C CA  . THR A 1 114 ? -2.074  -4.140  -6.564  1.00 38.13 ? 114 THR A CA  1 
ATOM   778 C C   . THR A 1 114 ? -2.396  -5.011  -7.780  1.00 47.69 ? 114 THR A C   1 
ATOM   779 O O   . THR A 1 114 ? -3.419  -5.711  -7.786  1.00 42.38 ? 114 THR A O   1 
ATOM   780 C CB  . THR A 1 114 ? -1.956  -5.003  -5.308  1.00 40.52 ? 114 THR A CB  1 
ATOM   781 O OG1 . THR A 1 114 ? -1.561  -4.191  -4.193  1.00 43.08 ? 114 THR A OG1 1 
ATOM   782 C CG2 . THR A 1 114 ? -0.968  -6.137  -5.506  1.00 34.77 ? 114 THR A CG2 1 
ATOM   783 N N   . VAL A 1 115 ? -1.525  -4.974  -8.803  1.00 51.65 ? 115 VAL A N   1 
ATOM   784 C CA  . VAL A 1 115 ? -1.713  -5.712  -10.054 1.00 49.02 ? 115 VAL A CA  1 
ATOM   785 C C   . VAL A 1 115 ? -0.503  -6.606  -10.317 1.00 50.92 ? 115 VAL A C   1 
ATOM   786 O O   . VAL A 1 115 ? 0.611   -6.337  -9.856  1.00 48.94 ? 115 VAL A O   1 
ATOM   787 C CB  . VAL A 1 115 ? -1.934  -4.777  -11.266 1.00 48.45 ? 115 VAL A CB  1 
ATOM   788 C CG1 . VAL A 1 115 ? -3.169  -3.926  -11.090 1.00 47.81 ? 115 VAL A CG1 1 
ATOM   789 C CG2 . VAL A 1 115 ? -0.714  -3.903  -11.494 1.00 48.77 ? 115 VAL A CG2 1 
ATOM   790 N N   . ASP A 1 116 ? -0.728  -7.672  -11.099 1.00 47.59 ? 116 ASP A N   1 
ATOM   791 C CA  . ASP A 1 116 ? 0.382   -8.488  -11.574 1.00 50.02 ? 116 ASP A CA  1 
ATOM   792 C C   . ASP A 1 116 ? 0.927   -7.914  -12.883 1.00 46.38 ? 116 ASP A C   1 
ATOM   793 O O   . ASP A 1 116 ? 0.461   -6.883  -13.381 1.00 47.98 ? 116 ASP A O   1 
ATOM   794 C CB  . ASP A 1 116 ? -0.036  -9.953  -11.724 1.00 51.18 ? 116 ASP A CB  1 
ATOM   795 C CG  . ASP A 1 116 ? -1.114  -10.179 -12.784 1.00 52.58 ? 116 ASP A CG  1 
ATOM   796 O OD1 . ASP A 1 116 ? -1.408  -9.286  -13.620 1.00 52.86 ? 116 ASP A OD1 1 
ATOM   797 O OD2 . ASP A 1 116 ? -1.670  -11.293 -12.786 1.00 60.96 ? 116 ASP A OD2 1 
ATOM   798 N N   . ALA A 1 117 ? 1.928   -8.594  -13.453 1.00 52.94 ? 117 ALA A N   1 
ATOM   799 C CA  . ALA A 1 117 ? 2.587   -8.089  -14.661 1.00 56.56 ? 117 ALA A CA  1 
ATOM   800 C C   . ALA A 1 117 ? 1.618   -7.955  -15.835 1.00 58.55 ? 117 ALA A C   1 
ATOM   801 O O   . ALA A 1 117 ? 1.780   -7.059  -16.675 1.00 53.79 ? 117 ALA A O   1 
ATOM   802 C CB  . ALA A 1 117 ? 3.753   -9.003  -15.049 1.00 51.78 ? 117 ALA A CB  1 
ATOM   803 N N   . ALA A 1 118 ? 0.613   -8.831  -15.913 1.00 58.59 ? 118 ALA A N   1 
ATOM   804 C CA  . ALA A 1 118 ? -0.383  -8.778  -16.976 1.00 60.57 ? 118 ALA A CA  1 
ATOM   805 C C   . ALA A 1 118 ? -1.414  -7.672  -16.771 1.00 55.99 ? 118 ALA A C   1 
ATOM   806 O O   . ALA A 1 118 ? -2.284  -7.483  -17.629 1.00 59.07 ? 118 ALA A O   1 
ATOM   807 C CB  . ALA A 1 118 ? -1.087  -10.145 -17.105 1.00 48.58 ? 118 ALA A CB  1 
ATOM   808 N N   . GLY A 1 119 ? -1.341  -6.931  -15.669 1.00 63.06 ? 119 GLY A N   1 
ATOM   809 C CA  . GLY A 1 119 ? -2.364  -5.952  -15.357 1.00 51.62 ? 119 GLY A CA  1 
ATOM   810 C C   . GLY A 1 119 ? -3.594  -6.532  -14.702 1.00 49.98 ? 119 GLY A C   1 
ATOM   811 O O   . GLY A 1 119 ? -4.614  -5.843  -14.620 1.00 58.85 ? 119 GLY A O   1 
ATOM   812 N N   . ARG A 1 120 ? -3.533  -7.782  -14.252 1.00 48.59 ? 120 ARG A N   1 
ATOM   813 C CA  . ARG A 1 120 ? -4.642  -8.394  -13.529 1.00 62.65 ? 120 ARG A CA  1 
ATOM   814 C C   . ARG A 1 120 ? -4.731  -7.818  -12.116 1.00 52.33 ? 120 ARG A C   1 
ATOM   815 O O   . ARG A 1 120 ? -3.747  -7.834  -11.374 1.00 50.32 ? 120 ARG A O   1 
ATOM   816 C CB  . ARG A 1 120 ? -4.440  -9.908  -13.484 1.00 54.00 ? 120 ARG A CB  1 
ATOM   817 C CG  . ARG A 1 120 ? -5.595  -10.741 -12.957 1.00 73.97 ? 120 ARG A CG  1 
ATOM   818 C CD  . ARG A 1 120 ? -5.361  -12.228 -13.257 1.00 73.76 ? 120 ARG A CD  1 
ATOM   819 N NE  . ARG A 1 120 ? -5.500  -12.550 -14.683 1.00 89.46 ? 120 ARG A NE  1 
ATOM   820 C CZ  . ARG A 1 120 ? -4.499  -12.597 -15.568 1.00 88.65 ? 120 ARG A CZ  1 
ATOM   821 N NH1 . ARG A 1 120 ? -3.248  -12.339 -15.199 1.00 78.01 ? 120 ARG A NH1 1 
ATOM   822 N NH2 . ARG A 1 120 ? -4.749  -12.906 -16.836 1.00 88.71 ? 120 ARG A NH2 1 
ATOM   823 N N   . LEU A 1 121 ? -5.910  -7.315  -11.742 1.00 52.04 ? 121 LEU A N   1 
ATOM   824 C CA  . LEU A 1 121 ? -6.112  -6.708  -10.426 1.00 47.11 ? 121 LEU A CA  1 
ATOM   825 C C   . LEU A 1 121 ? -6.155  -7.792  -9.356  1.00 43.47 ? 121 LEU A C   1 
ATOM   826 O O   . LEU A 1 121 ? -7.091  -8.594  -9.306  1.00 48.97 ? 121 LEU A O   1 
ATOM   827 C CB  . LEU A 1 121 ? -7.392  -5.875  -10.412 1.00 46.40 ? 121 LEU A CB  1 
ATOM   828 C CG  . LEU A 1 121 ? -7.692  -5.094  -9.126  1.00 44.34 ? 121 LEU A CG  1 
ATOM   829 C CD1 . LEU A 1 121 ? -6.595  -4.089  -8.821  1.00 46.06 ? 121 LEU A CD1 1 
ATOM   830 C CD2 . LEU A 1 121 ? -9.030  -4.395  -9.232  1.00 50.11 ? 121 LEU A CD2 1 
ATOM   831 N N   . VAL A 1 122 ? -5.139  -7.818  -8.499  1.00 40.60 ? 122 VAL A N   1 
ATOM   832 C CA  . VAL A 1 122 ? -5.047  -8.802  -7.423  1.00 36.89 ? 122 VAL A CA  1 
ATOM   833 C C   . VAL A 1 122 ? -5.710  -8.298  -6.144  1.00 42.39 ? 122 VAL A C   1 
ATOM   834 O O   . VAL A 1 122 ? -6.372  -9.059  -5.436  1.00 39.85 ? 122 VAL A O   1 
ATOM   835 C CB  . VAL A 1 122 ? -3.565  -9.152  -7.192  1.00 42.84 ? 122 VAL A CB  1 
ATOM   836 C CG1 . VAL A 1 122 ? -3.408  -10.158 -6.031  1.00 37.57 ? 122 VAL A CG1 1 
ATOM   837 C CG2 . VAL A 1 122 ? -2.951  -9.680  -8.496  1.00 45.95 ? 122 VAL A CG2 1 
ATOM   838 N N   . ALA A 1 123 ? -5.523  -7.024  -5.805  1.00 41.80 ? 123 ALA A N   1 
ATOM   839 C CA  . ALA A 1 123 ? -6.145  -6.461  -4.617  1.00 38.87 ? 123 ALA A CA  1 
ATOM   840 C C   . ALA A 1 123 ? -6.291  -4.966  -4.817  1.00 40.69 ? 123 ALA A C   1 
ATOM   841 O O   . ALA A 1 123 ? -5.646  -4.378  -5.687  1.00 40.44 ? 123 ALA A O   1 
ATOM   842 C CB  . ALA A 1 123 ? -5.336  -6.763  -3.352  1.00 39.74 ? 123 ALA A CB  1 
ATOM   843 N N   . ARG A 1 124 ? -7.153  -4.359  -4.000  1.00 41.60 ? 124 ARG A N   1 
ATOM   844 C CA  . ARG A 1 124 ? -7.391  -2.926  -4.070  1.00 37.06 ? 124 ARG A CA  1 
ATOM   845 C C   . ARG A 1 124 ? -7.905  -2.449  -2.719  1.00 41.88 ? 124 ARG A C   1 
ATOM   846 O O   . ARG A 1 124 ? -8.818  -3.061  -2.156  1.00 42.92 ? 124 ARG A O   1 
ATOM   847 C CB  . ARG A 1 124 ? -8.387  -2.586  -5.180  1.00 39.97 ? 124 ARG A CB  1 
ATOM   848 C CG  . ARG A 1 124 ? -8.772  -1.100  -5.239  1.00 41.56 ? 124 ARG A CG  1 
ATOM   849 C CD  . ARG A 1 124 ? -9.537  -0.835  -6.528  1.00 45.07 ? 124 ARG A CD  1 
ATOM   850 N NE  . ARG A 1 124 ? -10.033 0.537   -6.638  1.00 49.96 ? 124 ARG A NE  1 
ATOM   851 C CZ  . ARG A 1 124 ? -11.168 0.963   -6.092  1.00 50.94 ? 124 ARG A CZ  1 
ATOM   852 N NH1 . ARG A 1 124 ? -11.920 0.134   -5.367  1.00 48.41 ? 124 ARG A NH1 1 
ATOM   853 N NH2 . ARG A 1 124 ? -11.548 2.221   -6.257  1.00 57.67 ? 124 ARG A NH2 1 
ATOM   854 N N   . GLY A 1 125 ? -7.324  -1.369  -2.203  1.00 39.02 ? 125 GLY A N   1 
ATOM   855 C CA  . GLY A 1 125 ? -7.660  -0.899  -0.870  1.00 36.36 ? 125 GLY A CA  1 
ATOM   856 C C   . GLY A 1 125 ? -7.719  0.613   -0.793  1.00 38.09 ? 125 GLY A C   1 
ATOM   857 O O   . GLY A 1 125 ? -7.064  1.322   -1.559  1.00 39.54 ? 125 GLY A O   1 
ATOM   858 N N   . GLN A 1 126 ? -8.531  1.106   0.142   1.00 37.16 ? 126 GLN A N   1 
ATOM   859 C CA  . GLN A 1 126 ? -8.599  2.526   0.458   1.00 42.31 ? 126 GLN A CA  1 
ATOM   860 C C   . GLN A 1 126 ? -8.070  2.729   1.866   1.00 43.07 ? 126 GLN A C   1 
ATOM   861 O O   . GLN A 1 126 ? -8.374  1.938   2.761   1.00 41.16 ? 126 GLN A O   1 
ATOM   862 C CB  . GLN A 1 126 ? -10.030 3.071   0.378   1.00 47.27 ? 126 GLN A CB  1 
ATOM   863 C CG  . GLN A 1 126 ? -10.893 2.421   -0.692  1.00 61.81 ? 126 GLN A CG  1 
ATOM   864 C CD  . GLN A 1 126 ? -10.650 2.997   -2.077  1.00 62.27 ? 126 GLN A CD  1 
ATOM   865 O OE1 . GLN A 1 126 ? -10.628 4.220   -2.252  1.00 56.77 ? 126 GLN A OE1 1 
ATOM   866 N NE2 . GLN A 1 126 ? -10.461 2.113   -3.073  1.00 56.26 ? 126 GLN A NE2 1 
ATOM   867 N N   . VAL A 1 127 ? -7.283  3.784   2.062   1.00 34.74 ? 127 VAL A N   1 
ATOM   868 C CA  . VAL A 1 127 ? -6.708  4.108   3.363   1.00 37.83 ? 127 VAL A CA  1 
ATOM   869 C C   . VAL A 1 127 ? -7.089  5.539   3.710   1.00 37.57 ? 127 VAL A C   1 
ATOM   870 O O   . VAL A 1 127 ? -6.895  6.454   2.900   1.00 34.43 ? 127 VAL A O   1 
ATOM   871 C CB  . VAL A 1 127 ? -5.180  3.931   3.383   1.00 36.01 ? 127 VAL A CB  1 
ATOM   872 C CG1 . VAL A 1 127 ? -4.623  4.231   4.752   1.00 41.21 ? 127 VAL A CG1 1 
ATOM   873 C CG2 . VAL A 1 127 ? -4.823  2.540   2.994   1.00 36.48 ? 127 VAL A CG2 1 
ATOM   874 N N   . ARG A 1 128 ? -7.661  5.718   4.899   1.00 35.58 ? 128 ARG A N   1 
ATOM   875 C CA  . ARG A 1 128 ? -7.983  7.025   5.450   1.00 39.47 ? 128 ARG A CA  1 
ATOM   876 C C   . ARG A 1 128 ? -6.904  7.403   6.452   1.00 38.77 ? 128 ARG A C   1 
ATOM   877 O O   . ARG A 1 128 ? -6.534  6.587   7.303   1.00 37.59 ? 128 ARG A O   1 
ATOM   878 C CB  . ARG A 1 128 ? -9.354  7.029   6.132   1.00 36.15 ? 128 ARG A CB  1 
ATOM   879 C CG  . ARG A 1 128 ? -9.667  8.349   6.889   1.00 43.40 ? 128 ARG A CG  1 
ATOM   880 C CD  . ARG A 1 128 ? -11.078 8.315   7.488   1.00 43.19 ? 128 ARG A CD  1 
ATOM   881 N NE  . ARG A 1 128 ? -12.118 8.152   6.468   1.00 41.79 ? 128 ARG A NE  1 
ATOM   882 C CZ  . ARG A 1 128 ? -12.685 9.182   5.848   1.00 46.08 ? 128 ARG A CZ  1 
ATOM   883 N NH1 . ARG A 1 128 ? -12.302 10.429  6.146   1.00 38.86 ? 128 ARG A NH1 1 
ATOM   884 N NH2 . ARG A 1 128 ? -13.627 8.977   4.939   1.00 41.06 ? 128 ARG A NH2 1 
ATOM   885 N N   . LEU A 1 129 ? -6.395  8.627   6.340   1.00 35.93 ? 129 LEU A N   1 
ATOM   886 C CA  . LEU A 1 129 ? -5.351  9.120   7.221   1.00 40.17 ? 129 LEU A CA  1 
ATOM   887 C C   . LEU A 1 129 ? -5.770  10.452  7.826   1.00 40.44 ? 129 LEU A C   1 
ATOM   888 O O   . LEU A 1 129 ? -6.534  11.213  7.229   1.00 42.18 ? 129 LEU A O   1 
ATOM   889 C CB  . LEU A 1 129 ? -4.023  9.284   6.479   1.00 40.66 ? 129 LEU A CB  1 
ATOM   890 C CG  . LEU A 1 129 ? -3.528  7.990   5.828   1.00 44.72 ? 129 LEU A CG  1 
ATOM   891 C CD1 . LEU A 1 129 ? -3.607  8.047   4.295   1.00 34.68 ? 129 LEU A CD1 1 
ATOM   892 C CD2 . LEU A 1 129 ? -2.123  7.645   6.303   1.00 39.82 ? 129 LEU A CD2 1 
ATOM   893 N N   . HIS A 1 130 ? -5.258  10.721  9.022   1.00 46.03 ? 130 HIS A N   1 
ATOM   894 C CA  . HIS A 1 130 ? -5.490  11.978  9.728   1.00 45.88 ? 130 HIS A CA  1 
ATOM   895 C C   . HIS A 1 130 ? -4.213  12.805  9.656   1.00 40.60 ? 130 HIS A C   1 
ATOM   896 O O   . HIS A 1 130 ? -3.117  12.258  9.815   1.00 43.31 ? 130 HIS A O   1 
ATOM   897 C CB  . HIS A 1 130 ? -5.901  11.703  11.179  1.00 43.68 ? 130 HIS A CB  1 
ATOM   898 C CG  . HIS A 1 130 ? -6.225  12.931  11.975  1.00 63.89 ? 130 HIS A CG  1 
ATOM   899 N ND1 . HIS A 1 130 ? -7.368  13.677  11.767  1.00 71.28 ? 130 HIS A ND1 1 
ATOM   900 C CD2 . HIS A 1 130 ? -5.567  13.531  12.998  1.00 54.23 ? 130 HIS A CD2 1 
ATOM   901 C CE1 . HIS A 1 130 ? -7.394  14.689  12.615  1.00 56.11 ? 130 HIS A CE1 1 
ATOM   902 N NE2 . HIS A 1 130 ? -6.313  14.623  13.374  1.00 63.46 ? 130 HIS A NE2 1 
ATOM   903 N N   . ASN A 1 131 ? -4.352  14.103  9.361   1.00 44.66 ? 131 ASN A N   1 
ATOM   904 C CA  . ASN A 1 131 ? -3.219  15.022  9.270   1.00 46.06 ? 131 ASN A CA  1 
ATOM   905 C C   . ASN A 1 131 ? -2.943  15.634  10.639  1.00 51.49 ? 131 ASN A C   1 
ATOM   906 O O   . ASN A 1 131 ? -3.813  16.300  11.208  1.00 46.29 ? 131 ASN A O   1 
ATOM   907 C CB  . ASN A 1 131 ? -3.482  16.151  8.272   1.00 50.92 ? 131 ASN A CB  1 
ATOM   908 C CG  . ASN A 1 131 ? -3.649  15.661  6.846   1.00 46.71 ? 131 ASN A CG  1 
ATOM   909 O OD1 . ASN A 1 131 ? -3.039  14.679  6.444   1.00 41.87 ? 131 ASN A OD1 1 
ATOM   910 N ND2 . ASN A 1 131 ? -4.469  16.360  6.072   1.00 41.41 ? 131 ASN A ND2 1 
ATOM   911 N N   . LEU A 1 132 ? -1.739  15.418  11.161  1.00 47.85 ? 132 LEU A N   1 
ATOM   912 C CA  . LEU A 1 132 ? -1.273  16.090  12.377  1.00 54.99 ? 132 LEU A CA  1 
ATOM   913 C C   . LEU A 1 132 ? -0.413  17.264  11.931  1.00 55.39 ? 132 LEU A C   1 
ATOM   914 O O   . LEU A 1 132 ? 0.753   17.086  11.575  1.00 56.35 ? 132 LEU A O   1 
ATOM   915 C CB  . LEU A 1 132 ? -0.484  15.141  13.266  1.00 55.03 ? 132 LEU A CB  1 
ATOM   916 C CG  . LEU A 1 132 ? -1.261  13.929  13.746  1.00 56.22 ? 132 LEU A CG  1 
ATOM   917 C CD1 . LEU A 1 132 ? -0.288  12.813  14.107  1.00 64.71 ? 132 LEU A CD1 1 
ATOM   918 C CD2 . LEU A 1 132 ? -2.126  14.312  14.926  1.00 55.17 ? 132 LEU A CD2 1 
ATOM   919 N N   . ARG A 1 133 ? -0.996  18.458  11.927  1.00 53.21 ? 133 ARG A N   1 
ATOM   920 C CA  . ARG A 1 133 ? -0.341  19.612  11.330  1.00 61.80 ? 133 ARG A CA  1 
ATOM   921 C C   . ARG A 1 133 ? 0.421   20.399  12.386  1.00 68.49 ? 133 ARG A C   1 
ATOM   922 O O   . ARG A 1 133 ? -0.047  20.553  13.519  1.00 59.70 ? 133 ARG A O   1 
ATOM   923 C CB  . ARG A 1 133 ? -1.364  20.513  10.640  1.00 59.69 ? 133 ARG A CB  1 
ATOM   924 C CG  . ARG A 1 133 ? -1.789  20.036  9.269   1.00 54.93 ? 133 ARG A CG  1 
ATOM   925 C CD  . ARG A 1 133 ? -2.680  21.062  8.600   1.00 63.09 ? 133 ARG A CD  1 
ATOM   926 N NE  . ARG A 1 133 ? -3.248  20.548  7.361   1.00 59.90 ? 133 ARG A NE  1 
ATOM   927 C CZ  . ARG A 1 133 ? -2.655  20.620  6.172   1.00 65.10 ? 133 ARG A CZ  1 
ATOM   928 N NH1 . ARG A 1 133 ? -1.461  21.192  6.050   1.00 60.01 ? 133 ARG A NH1 1 
ATOM   929 N NH2 . ARG A 1 133 ? -3.258  20.111  5.101   1.00 61.06 ? 133 ARG A NH2 1 
ATOM   930 N N   . LEU A 1 134 ? 1.607   20.884  12.005  1.00 66.84 ? 134 LEU A N   1 
ATOM   931 C CA  . LEU A 1 134 ? 2.403   21.779  12.848  1.00 68.51 ? 134 LEU A CA  1 
ATOM   932 C C   . LEU A 1 134 ? 1.691   23.118  13.051  1.00 62.39 ? 134 LEU A C   1 
ATOM   933 O O   . LEU A 1 134 ? 0.836   23.253  13.934  1.00 66.56 ? 134 LEU A O   1 
ATOM   934 C CB  . LEU A 1 134 ? 3.790   22.009  12.235  1.00 55.02 ? 134 LEU A CB  1 
HETATM 935 O O1N . 5NE B 2 .   ? -0.278  3.964   8.510   1.00 53.69 ? 300 5NE A O1N 1 
HETATM 936 C C1L . 5NE B 2 .   ? 0.730   3.324   8.883   1.00 48.64 ? 300 5NE A C1L 1 
HETATM 937 O O1M . 5NE B 2 .   ? 0.681   2.450   9.767   1.00 45.18 ? 300 5NE A O1M 1 
HETATM 938 C C1J . 5NE B 2 .   ? 2.009   3.628   8.173   1.00 50.19 ? 300 5NE A C1J 1 
HETATM 939 C C1E . 5NE B 2 .   ? 2.558   5.000   8.158   1.00 45.16 ? 300 5NE A C1E 1 
HETATM 940 C C1F . 5NE B 2 .   ? 1.960   6.078   8.808   1.00 49.35 ? 300 5NE A C1F 1 
HETATM 941 C C1A . 5NE B 2 .   ? 2.550   7.344   8.747   1.00 47.44 ? 300 5NE A C1A 1 
HETATM 942 C C1I . 5NE B 2 .   ? 2.681   2.625   7.475   1.00 51.44 ? 300 5NE A C1I 1 
HETATM 943 C C1H . 5NE B 2 .   ? 3.861   2.885   6.772   1.00 50.45 ? 300 5NE A C1H 1 
HETATM 944 C C1G . 5NE B 2 .   ? 4.426   4.156   6.731   1.00 51.02 ? 300 5NE A C1G 1 
HETATM 945 C C1D . 5NE B 2 .   ? 3.805   5.201   7.397   1.00 47.86 ? 300 5NE A C1D 1 
HETATM 946 C C1C . 5NE B 2 .   ? 4.384   6.544   7.351   1.00 53.13 ? 300 5NE A C1C 1 
HETATM 947 C C1O . 5NE B 2 .   ? 5.658   6.716   6.567   1.00 57.15 ? 300 5NE A C1O 1 
HETATM 948 C C1B . 5NE B 2 .   ? 3.735   7.577   8.037   1.00 52.29 ? 300 5NE A C1B 1 
HETATM 949 S S   . SO4 C 3 .   ? -7.283  16.094  -3.969  1.00 61.73 ? 301 SO4 A S   1 
HETATM 950 O O1  . SO4 C 3 .   ? -6.348  17.215  -4.176  1.00 65.50 ? 301 SO4 A O1  1 
HETATM 951 O O2  . SO4 C 3 .   ? -8.093  16.353  -2.776  1.00 51.11 ? 301 SO4 A O2  1 
HETATM 952 O O3  . SO4 C 3 .   ? -8.177  15.971  -5.114  1.00 61.31 ? 301 SO4 A O3  1 
HETATM 953 O O4  . SO4 C 3 .   ? -6.541  14.841  -3.836  1.00 54.79 ? 301 SO4 A O4  1 
HETATM 954 S S   . SO4 D 3 .   ? -10.855 17.863  5.314   1.00 59.62 ? 302 SO4 A S   1 
HETATM 955 O O1  . SO4 D 3 .   ? -10.825 18.832  4.204   1.00 67.24 ? 302 SO4 A O1  1 
HETATM 956 O O2  . SO4 D 3 .   ? -10.483 18.491  6.582   1.00 54.52 ? 302 SO4 A O2  1 
HETATM 957 O O3  . SO4 D 3 .   ? -12.189 17.271  5.407   1.00 64.60 ? 302 SO4 A O3  1 
HETATM 958 O O4  . SO4 D 3 .   ? -9.877  16.810  5.057   1.00 53.42 ? 302 SO4 A O4  1 
HETATM 959 O O   . HOH E 4 .   ? 2.984   -10.442 -12.325 1.00 44.73 ? 401 HOH A O   1 
HETATM 960 O O   . HOH E 4 .   ? -14.904 10.923  4.248   1.00 51.13 ? 402 HOH A O   1 
HETATM 961 O O   . HOH E 4 .   ? 4.398   -12.926 -6.289  1.00 49.68 ? 403 HOH A O   1 
HETATM 962 O O   . HOH E 4 .   ? 3.844   -6.170  -11.563 1.00 46.83 ? 404 HOH A O   1 
HETATM 963 O O   . HOH E 4 .   ? -1.956  -5.487  -2.102  1.00 34.63 ? 405 HOH A O   1 
HETATM 964 O O   . HOH E 4 .   ? -5.961  19.217  -2.562  1.00 60.43 ? 406 HOH A O   1 
HETATM 965 O O   . HOH E 4 .   ? -0.266  -1.011  -9.505  1.00 43.23 ? 407 HOH A O   1 
HETATM 966 O O   . HOH E 4 .   ? -15.489 -2.934  -2.080  1.00 46.43 ? 408 HOH A O   1 
HETATM 967 O O   . HOH E 4 .   ? -7.801  13.577  -6.185  1.00 55.33 ? 409 HOH A O   1 
HETATM 968 O O   . HOH E 4 .   ? -9.140  11.296  11.622  1.00 52.83 ? 410 HOH A O   1 
HETATM 969 O O   . HOH E 4 .   ? 1.635   2.420   -11.724 1.00 45.68 ? 411 HOH A O   1 
HETATM 970 O O   . HOH E 4 .   ? 7.845   -8.943  -1.103  1.00 47.53 ? 412 HOH A O   1 
HETATM 971 O O   . HOH E 4 .   ? -6.790  3.632   -7.441  1.00 48.42 ? 413 HOH A O   1 
HETATM 972 O O   . HOH E 4 .   ? 0.341   -17.404 7.948   1.00 48.49 ? 414 HOH A O   1 
HETATM 973 O O   . HOH E 4 .   ? -4.105  -12.712 -3.047  1.00 37.64 ? 415 HOH A O   1 
HETATM 974 O O   . HOH E 4 .   ? -11.692 -2.367  -4.090  1.00 49.38 ? 416 HOH A O   1 
HETATM 975 O O   . HOH E 4 .   ? -7.813  -3.776  5.913   0.50 47.14 ? 417 HOH A O   1 
HETATM 976 O O   . HOH E 4 .   ? 6.766   17.102  8.996   1.00 59.48 ? 418 HOH A O   1 
HETATM 977 O O   . HOH E 4 .   ? -4.425  3.246   -7.654  1.00 43.31 ? 419 HOH A O   1 
HETATM 978 O O   . HOH E 4 .   ? 6.967   9.597   2.565   1.00 56.94 ? 420 HOH A O   1 
HETATM 979 O O   . HOH E 4 .   ? -10.686 12.528  -6.564  1.00 57.40 ? 421 HOH A O   1 
HETATM 980 O O   . HOH E 4 .   ? -13.283 13.151  5.160   1.00 48.68 ? 422 HOH A O   1 
HETATM 981 O O   . HOH E 4 .   ? -11.312 -13.656 -3.058  1.00 51.67 ? 423 HOH A O   1 
HETATM 982 O O   . HOH E 4 .   ? -2.688  19.161  -3.680  1.00 59.39 ? 424 HOH A O   1 
HETATM 983 O O   . HOH E 4 .   ? -13.508 5.340   7.517   0.5  54.08 ? 425 HOH A O   1 
HETATM 984 O O   . HOH E 4 .   ? 3.120   18.677  -1.439  1.00 59.36 ? 426 HOH A O   1 
HETATM 985 O O   . HOH E 4 .   ? 7.965   -11.233 -12.502 1.00 56.32 ? 427 HOH A O   1 
HETATM 986 O O   . HOH E 4 .   ? 1.089   -11.948 -14.778 1.00 57.68 ? 428 HOH A O   1 
HETATM 987 O O   . HOH E 4 .   ? -2.343  -0.044  -10.561 1.00 53.56 ? 429 HOH A O   1 
HETATM 988 O O   . HOH E 4 .   ? -3.520  2.649   -10.506 1.00 59.45 ? 430 HOH A O   1 
# 
